data_8VXT
#
_entry.id   8VXT
#
_cell.length_a   1.00
_cell.length_b   1.00
_cell.length_c   1.00
_cell.angle_alpha   90.00
_cell.angle_beta   90.00
_cell.angle_gamma   90.00
#
_symmetry.space_group_name_H-M   'P 1'
#
loop_
_entity.id
_entity.type
_entity.pdbx_description
1 polymer 'Outer mitochondrial transmembrane helix translocase'
2 non-polymer 'PHOSPHOTHIOPHOSPHORIC ACID-ADENYLATE ESTER'
#
_entity_poly.entity_id   1
_entity_poly.type   'polypeptide(L)'
_entity_poly.pdbx_seq_one_letter_code
;IDPTRKQKVEAQKQAEKLMKQIGVKNVKLSEYEMSIAAHLVDPLNMHVTWSDIAGLDDVITDLKDTVILPIKKKHLFENS
RLLQPPKGVLLYGPPGCGKTLIAKATAKEAGCRFINLQPSTLTDKWYGESQKLAAAVFSLAIKLQPSIIFIDEIDSFLRN
RSSSDHEATAMMKAQFMSLWDGLDTDHSCQVIVMGATNRPQDLDSAIMRRMPTRFHINQPALKQREAILKLILKNENVDR
HVDLLEVAQETDGFSGSDLKEMCRDAALLCVREYVNSTSEESHDEDEIRPVQQQDLHRAIEKMKKSKDAAFQNVLTHVCL
D
;
_entity_poly.pdbx_strand_id   A,B,C,D,E,F
#
loop_
_chem_comp.id
_chem_comp.type
_chem_comp.name
_chem_comp.formula
AGS non-polymer 'PHOSPHOTHIOPHOSPHORIC ACID-ADENYLATE ESTER' 'C10 H16 N5 O12 P3 S'
#
# COMPACT_ATOMS: atom_id res chain seq x y z
N ASN A 26 -25.50 -25.03 5.95
CA ASN A 26 -26.32 -25.14 7.14
C ASN A 26 -26.01 -24.02 8.13
N VAL A 27 -25.00 -23.20 7.82
CA VAL A 27 -24.63 -22.11 8.71
C VAL A 27 -25.62 -20.97 8.57
N LYS A 28 -25.83 -20.25 9.67
CA LYS A 28 -26.69 -19.07 9.70
C LYS A 28 -25.82 -17.84 9.55
N LEU A 29 -26.21 -16.94 8.65
CA LEU A 29 -25.34 -15.89 8.16
C LEU A 29 -26.00 -14.53 8.22
N SER A 30 -25.21 -13.51 8.55
CA SER A 30 -25.60 -12.13 8.29
C SER A 30 -25.08 -11.73 6.91
N GLU A 31 -25.57 -10.58 6.43
CA GLU A 31 -25.12 -10.10 5.12
C GLU A 31 -23.60 -10.09 5.04
N TYR A 32 -22.94 -9.67 6.13
CA TYR A 32 -21.49 -9.71 6.20
C TYR A 32 -20.98 -11.13 6.01
N GLU A 33 -21.55 -12.07 6.76
CA GLU A 33 -21.06 -13.44 6.71
C GLU A 33 -21.36 -14.11 5.38
N MET A 34 -22.47 -13.74 4.73
CA MET A 34 -22.68 -14.18 3.36
C MET A 34 -21.64 -13.61 2.42
N SER A 35 -21.24 -12.35 2.63
CA SER A 35 -20.18 -11.77 1.82
C SER A 35 -18.88 -12.54 2.00
N ILE A 36 -18.54 -12.90 3.24
CA ILE A 36 -17.35 -13.70 3.48
C ILE A 36 -17.53 -15.10 2.90
N ALA A 37 -18.73 -15.66 3.02
CA ALA A 37 -18.98 -17.00 2.50
C ALA A 37 -18.67 -17.09 1.02
N ALA A 38 -18.81 -15.98 0.28
CA ALA A 38 -18.50 -15.99 -1.13
C ALA A 38 -17.02 -16.23 -1.39
N HIS A 39 -16.14 -15.70 -0.53
CA HIS A 39 -14.72 -15.86 -0.75
C HIS A 39 -14.23 -17.26 -0.38
N LEU A 40 -15.02 -17.99 0.40
CA LEU A 40 -14.63 -19.34 0.79
C LEU A 40 -14.37 -20.21 -0.43
N VAL A 41 -13.25 -20.91 -0.42
CA VAL A 41 -12.88 -21.76 -1.55
C VAL A 41 -13.59 -23.10 -1.43
N ASP A 42 -13.64 -23.82 -2.55
CA ASP A 42 -14.34 -25.09 -2.64
C ASP A 42 -13.33 -26.22 -2.74
N PRO A 43 -13.33 -27.20 -1.82
CA PRO A 43 -12.37 -28.30 -1.92
C PRO A 43 -12.61 -29.23 -3.10
N LEU A 44 -13.69 -29.05 -3.86
CA LEU A 44 -13.98 -29.90 -5.01
C LEU A 44 -13.52 -29.31 -6.33
N ASN A 45 -13.06 -28.05 -6.35
CA ASN A 45 -12.55 -27.44 -7.57
C ASN A 45 -11.06 -27.13 -7.50
N MET A 46 -10.44 -27.24 -6.33
CA MET A 46 -9.00 -27.08 -6.24
C MET A 46 -8.30 -28.29 -6.85
N HIS A 47 -7.08 -28.07 -7.34
CA HIS A 47 -6.37 -29.10 -8.10
C HIS A 47 -5.20 -29.69 -7.33
N VAL A 48 -4.30 -28.83 -6.84
CA VAL A 48 -2.99 -29.28 -6.40
C VAL A 48 -3.11 -30.15 -5.15
N THR A 49 -2.15 -31.07 -4.99
CA THR A 49 -2.14 -32.01 -3.89
C THR A 49 -0.70 -32.23 -3.44
N TRP A 50 -0.54 -33.04 -2.38
CA TRP A 50 0.78 -33.47 -1.97
C TRP A 50 1.52 -34.18 -3.09
N SER A 51 0.79 -34.85 -3.99
CA SER A 51 1.42 -35.53 -5.12
C SER A 51 1.94 -34.57 -6.17
N ASP A 52 1.65 -33.28 -6.04
CA ASP A 52 2.04 -32.27 -7.03
C ASP A 52 2.91 -31.19 -6.42
N ILE A 53 3.83 -31.58 -5.54
CA ILE A 53 4.76 -30.65 -4.91
C ILE A 53 6.09 -31.37 -4.69
N ALA A 54 7.19 -30.66 -4.90
CA ALA A 54 8.51 -31.25 -4.79
C ALA A 54 9.51 -30.17 -4.40
N GLY A 55 10.67 -30.61 -3.92
CA GLY A 55 11.75 -29.73 -3.56
C GLY A 55 11.63 -29.09 -2.19
N LEU A 56 10.55 -29.36 -1.46
CA LEU A 56 10.33 -28.80 -0.13
C LEU A 56 9.93 -29.87 0.87
N ASP A 57 10.15 -31.15 0.55
CA ASP A 57 9.47 -32.23 1.26
C ASP A 57 9.73 -32.20 2.76
N ASP A 58 10.86 -31.63 3.20
CA ASP A 58 11.10 -31.50 4.63
C ASP A 58 10.18 -30.44 5.24
N VAL A 59 10.09 -29.28 4.58
CA VAL A 59 9.15 -28.26 5.02
C VAL A 59 7.72 -28.77 4.87
N ILE A 60 7.47 -29.56 3.82
CA ILE A 60 6.17 -30.18 3.67
C ILE A 60 5.85 -31.05 4.87
N THR A 61 6.83 -31.86 5.30
CA THR A 61 6.62 -32.74 6.43
C THR A 61 6.34 -31.95 7.70
N ASP A 62 7.12 -30.89 7.93
CA ASP A 62 6.92 -30.08 9.13
C ASP A 62 5.53 -29.44 9.12
N LEU A 63 5.17 -28.81 8.00
CA LEU A 63 3.86 -28.18 7.91
C LEU A 63 2.75 -29.19 8.11
N LYS A 64 2.85 -30.33 7.43
CA LYS A 64 1.81 -31.36 7.56
C LYS A 64 1.67 -31.78 9.01
N ASP A 65 2.77 -32.19 9.64
CA ASP A 65 2.71 -32.72 11.00
C ASP A 65 2.15 -31.69 11.97
N THR A 66 2.61 -30.44 11.87
CA THR A 66 2.22 -29.45 12.86
C THR A 66 0.80 -28.95 12.63
N VAL A 67 0.45 -28.63 11.38
CA VAL A 67 -0.83 -27.99 11.11
C VAL A 67 -1.93 -29.02 10.91
N ILE A 68 -1.73 -29.94 9.96
CA ILE A 68 -2.84 -30.77 9.50
C ILE A 68 -3.28 -31.72 10.59
N LEU A 69 -2.33 -32.35 11.28
CA LEU A 69 -2.69 -33.39 12.26
C LEU A 69 -3.62 -32.87 13.34
N PRO A 70 -3.34 -31.75 14.02
CA PRO A 70 -4.33 -31.24 14.98
C PRO A 70 -5.64 -30.86 14.31
N ILE A 71 -5.60 -30.39 13.06
CA ILE A 71 -6.82 -29.95 12.39
C ILE A 71 -7.77 -31.12 12.18
N LYS A 72 -7.24 -32.25 11.70
CA LYS A 72 -8.11 -33.32 11.22
C LYS A 72 -8.72 -34.12 12.36
N LYS A 73 -7.95 -34.37 13.42
CA LYS A 73 -8.38 -35.26 14.51
C LYS A 73 -8.11 -34.58 15.85
N LYS A 74 -8.61 -33.36 15.98
CA LYS A 74 -8.16 -32.46 17.04
C LYS A 74 -8.20 -33.11 18.41
N HIS A 75 -9.22 -33.92 18.70
CA HIS A 75 -9.37 -34.45 20.05
C HIS A 75 -8.15 -35.28 20.45
N LEU A 76 -7.40 -35.77 19.47
CA LEU A 76 -6.23 -36.60 19.75
C LEU A 76 -5.15 -35.82 20.48
N PHE A 77 -4.99 -34.54 20.16
CA PHE A 77 -3.87 -33.73 20.65
C PHE A 77 -4.23 -32.85 21.84
N GLU A 78 -5.45 -32.95 22.38
CA GLU A 78 -5.85 -32.03 23.43
C GLU A 78 -5.28 -32.41 24.80
N ASN A 79 -4.81 -33.64 24.98
CA ASN A 79 -4.27 -34.03 26.27
C ASN A 79 -2.87 -33.46 26.43
N SER A 80 -2.75 -32.15 26.27
CA SER A 80 -1.50 -31.42 26.41
C SER A 80 -1.82 -29.93 26.39
N ARG A 81 -1.20 -29.17 27.29
CA ARG A 81 -1.30 -27.72 27.22
C ARG A 81 -0.77 -27.15 25.92
N LEU A 82 -0.24 -28.00 25.05
CA LEU A 82 0.72 -27.61 24.04
C LEU A 82 0.77 -28.66 22.96
N LEU A 83 1.31 -28.24 21.81
CA LEU A 83 1.17 -28.91 20.52
C LEU A 83 -0.24 -28.73 19.98
N GLN A 84 -1.03 -27.91 20.67
CA GLN A 84 -2.24 -27.37 20.09
C GLN A 84 -1.86 -26.60 18.82
N PRO A 85 -2.72 -26.62 17.81
CA PRO A 85 -2.35 -26.00 16.53
C PRO A 85 -1.94 -24.55 16.74
N PRO A 86 -0.85 -24.11 16.13
CA PRO A 86 -0.34 -22.77 16.43
C PRO A 86 -1.34 -21.69 16.04
N LYS A 87 -1.37 -20.63 16.84
CA LYS A 87 -2.28 -19.52 16.61
C LYS A 87 -1.85 -18.64 15.44
N GLY A 88 -0.78 -18.99 14.75
CA GLY A 88 -0.36 -18.25 13.57
C GLY A 88 0.76 -18.94 12.82
N VAL A 89 0.61 -19.04 11.50
CA VAL A 89 1.61 -19.67 10.63
C VAL A 89 1.97 -18.65 9.55
N LEU A 90 3.26 -18.38 9.41
CA LEU A 90 3.76 -17.45 8.41
C LEU A 90 4.70 -18.17 7.46
N LEU A 91 4.46 -17.99 6.15
CA LEU A 91 5.33 -18.52 5.12
C LEU A 91 6.13 -17.37 4.52
N TYR A 92 7.45 -17.49 4.56
CA TYR A 92 8.33 -16.46 4.02
C TYR A 92 9.38 -17.10 3.12
N GLY A 93 9.50 -16.55 1.91
CA GLY A 93 10.44 -17.03 0.93
C GLY A 93 10.46 -16.13 -0.28
N PRO A 94 11.53 -16.19 -1.08
CA PRO A 94 11.63 -15.32 -2.25
C PRO A 94 10.50 -15.59 -3.22
N PRO A 95 10.18 -14.62 -4.09
CA PRO A 95 9.12 -14.85 -5.07
C PRO A 95 9.44 -16.02 -5.97
N GLY A 96 8.40 -16.77 -6.34
CA GLY A 96 8.53 -17.91 -7.22
C GLY A 96 8.97 -19.19 -6.57
N CYS A 97 9.11 -19.21 -5.24
CA CYS A 97 9.54 -20.41 -4.53
C CYS A 97 8.39 -21.36 -4.22
N GLY A 98 7.16 -21.01 -4.56
CA GLY A 98 6.03 -21.88 -4.37
C GLY A 98 5.18 -21.60 -3.15
N LYS A 99 5.12 -20.36 -2.69
CA LYS A 99 4.35 -20.06 -1.47
C LYS A 99 2.86 -20.22 -1.72
N THR A 100 2.36 -19.64 -2.81
CA THR A 100 0.94 -19.80 -3.12
C THR A 100 0.60 -21.25 -3.41
N LEU A 101 1.48 -21.96 -4.11
CA LEU A 101 1.24 -23.38 -4.38
C LEU A 101 1.06 -24.14 -3.09
N ILE A 102 1.96 -23.94 -2.12
CA ILE A 102 1.84 -24.66 -0.86
C ILE A 102 0.62 -24.20 -0.07
N ALA A 103 0.28 -22.92 -0.14
CA ALA A 103 -0.94 -22.47 0.51
C ALA A 103 -2.14 -23.26 0.00
N LYS A 104 -2.27 -23.34 -1.33
CA LYS A 104 -3.39 -24.08 -1.92
C LYS A 104 -3.32 -25.56 -1.56
N ALA A 105 -2.12 -26.14 -1.58
CA ALA A 105 -1.98 -27.56 -1.31
C ALA A 105 -2.39 -27.88 0.13
N THR A 106 -1.97 -27.05 1.08
CA THR A 106 -2.38 -27.23 2.46
C THR A 106 -3.88 -27.06 2.60
N ALA A 107 -4.44 -26.05 1.92
CA ALA A 107 -5.88 -25.81 2.02
C ALA A 107 -6.67 -27.03 1.55
N LYS A 108 -6.28 -27.61 0.42
CA LYS A 108 -7.02 -28.78 -0.09
C LYS A 108 -6.75 -30.01 0.76
N GLU A 109 -5.49 -30.28 1.08
CA GLU A 109 -5.15 -31.52 1.77
C GLU A 109 -5.65 -31.51 3.21
N ALA A 110 -5.73 -30.34 3.83
CA ALA A 110 -6.25 -30.27 5.19
C ALA A 110 -7.69 -30.77 5.26
N GLY A 111 -8.44 -30.61 4.17
CA GLY A 111 -9.84 -30.99 4.16
C GLY A 111 -10.75 -30.04 4.92
N CYS A 112 -10.20 -28.97 5.48
CA CYS A 112 -11.00 -28.01 6.24
C CYS A 112 -11.50 -26.92 5.29
N ARG A 113 -12.02 -25.84 5.87
CA ARG A 113 -12.50 -24.70 5.10
C ARG A 113 -11.44 -23.61 5.09
N PHE A 114 -11.20 -23.08 3.89
CA PHE A 114 -10.10 -22.15 3.64
C PHE A 114 -10.65 -20.85 3.08
N ILE A 115 -10.32 -19.74 3.73
CA ILE A 115 -10.78 -18.41 3.32
C ILE A 115 -9.58 -17.65 2.79
N ASN A 116 -9.71 -17.13 1.56
CA ASN A 116 -8.67 -16.32 0.93
C ASN A 116 -9.05 -14.86 1.17
N LEU A 117 -8.36 -14.23 2.12
CA LEU A 117 -8.71 -12.88 2.57
C LEU A 117 -7.82 -11.85 1.88
N GLN A 118 -8.09 -11.62 0.60
CA GLN A 118 -7.32 -10.64 -0.15
C GLN A 118 -7.59 -9.24 0.39
N PRO A 119 -6.66 -8.30 0.19
CA PRO A 119 -6.74 -7.02 0.92
C PRO A 119 -8.03 -6.25 0.70
N SER A 120 -8.61 -6.31 -0.50
CA SER A 120 -9.79 -5.48 -0.78
C SER A 120 -10.93 -5.79 0.17
N THR A 121 -10.92 -6.99 0.77
CA THR A 121 -12.01 -7.38 1.65
C THR A 121 -12.15 -6.43 2.84
N LEU A 122 -11.07 -5.80 3.27
CA LEU A 122 -11.09 -4.98 4.48
C LEU A 122 -10.92 -3.49 4.19
N THR A 123 -10.26 -3.13 3.10
CA THR A 123 -10.05 -1.72 2.80
C THR A 123 -11.31 -1.10 2.22
N ASP A 124 -12.42 -1.19 2.96
CA ASP A 124 -13.67 -0.54 2.55
C ASP A 124 -13.51 0.96 2.76
N LYS A 125 -13.54 1.72 1.66
CA LYS A 125 -13.13 3.11 1.68
C LYS A 125 -14.21 4.06 2.16
N TRP A 126 -15.47 3.63 2.19
CA TRP A 126 -16.59 4.52 2.47
C TRP A 126 -17.53 4.05 3.56
N TYR A 127 -17.80 2.75 3.65
CA TYR A 127 -18.84 2.24 4.51
C TYR A 127 -18.29 1.98 5.91
N GLY A 128 -19.05 2.39 6.92
CA GLY A 128 -18.78 1.97 8.28
C GLY A 128 -19.01 0.47 8.40
N GLU A 129 -19.57 -0.11 7.34
CA GLU A 129 -19.66 -1.56 7.19
C GLU A 129 -18.34 -2.25 7.47
N SER A 130 -17.22 -1.53 7.39
CA SER A 130 -15.91 -2.14 7.58
C SER A 130 -15.81 -2.87 8.92
N GLN A 131 -16.18 -2.19 10.01
CA GLN A 131 -16.04 -2.78 11.34
C GLN A 131 -16.77 -4.12 11.42
N LYS A 132 -18.04 -4.14 11.05
CA LYS A 132 -18.81 -5.38 11.10
C LYS A 132 -18.24 -6.40 10.13
N LEU A 133 -17.63 -5.95 9.03
CA LEU A 133 -17.05 -6.88 8.07
C LEU A 133 -15.81 -7.57 8.64
N ALA A 134 -14.94 -6.79 9.29
CA ALA A 134 -13.79 -7.37 9.97
C ALA A 134 -14.24 -8.34 11.05
N ALA A 135 -15.30 -7.98 11.78
CA ALA A 135 -15.85 -8.90 12.76
C ALA A 135 -16.37 -10.17 12.09
N ALA A 136 -17.04 -10.02 10.95
CA ALA A 136 -17.71 -11.14 10.29
C ALA A 136 -16.71 -12.15 9.74
N VAL A 137 -15.53 -11.69 9.30
CA VAL A 137 -14.50 -12.63 8.86
C VAL A 137 -14.26 -13.67 9.96
N PHE A 138 -13.84 -13.19 11.13
CA PHE A 138 -13.59 -14.10 12.26
C PHE A 138 -14.87 -14.79 12.71
N SER A 139 -16.03 -14.14 12.57
CA SER A 139 -17.26 -14.78 12.99
C SER A 139 -17.52 -16.04 12.17
N LEU A 140 -17.42 -15.92 10.85
CA LEU A 140 -17.61 -17.09 9.99
C LEU A 140 -16.52 -18.12 10.26
N ALA A 141 -15.27 -17.67 10.44
CA ALA A 141 -14.22 -18.64 10.74
C ALA A 141 -14.52 -19.42 12.01
N ILE A 142 -15.01 -18.73 13.05
CA ILE A 142 -15.32 -19.37 14.31
C ILE A 142 -16.50 -20.32 14.17
N LYS A 143 -17.52 -19.94 13.38
CA LYS A 143 -18.62 -20.84 13.13
C LYS A 143 -18.15 -22.11 12.43
N LEU A 144 -17.26 -21.96 11.45
CA LEU A 144 -16.79 -23.07 10.64
C LEU A 144 -15.54 -23.65 11.28
N GLN A 145 -15.73 -24.66 12.12
CA GLN A 145 -14.63 -25.30 12.84
C GLN A 145 -14.41 -26.71 12.33
N PRO A 146 -13.19 -27.09 11.91
CA PRO A 146 -11.96 -26.28 11.80
C PRO A 146 -11.92 -25.49 10.50
N SER A 147 -11.17 -24.39 10.46
CA SER A 147 -10.98 -23.64 9.23
C SER A 147 -9.70 -22.84 9.34
N ILE A 148 -9.17 -22.43 8.18
CA ILE A 148 -7.89 -21.75 8.07
C ILE A 148 -8.10 -20.44 7.34
N ILE A 149 -7.55 -19.36 7.90
CA ILE A 149 -7.58 -18.04 7.27
C ILE A 149 -6.20 -17.78 6.67
N PHE A 150 -6.19 -17.26 5.44
CA PHE A 150 -4.95 -16.97 4.73
C PHE A 150 -4.98 -15.54 4.22
N ILE A 151 -3.82 -14.89 4.28
CA ILE A 151 -3.64 -13.54 3.78
C ILE A 151 -2.37 -13.53 2.93
N ASP A 152 -2.55 -13.54 1.60
CA ASP A 152 -1.42 -13.32 0.72
C ASP A 152 -1.01 -11.85 0.77
N GLU A 153 0.28 -11.61 0.56
CA GLU A 153 0.82 -10.24 0.62
C GLU A 153 0.44 -9.59 1.95
N ILE A 154 0.63 -10.35 3.03
CA ILE A 154 0.16 -9.91 4.34
C ILE A 154 0.81 -8.59 4.74
N ASP A 155 1.99 -8.30 4.22
CA ASP A 155 2.63 -7.03 4.52
C ASP A 155 1.77 -5.84 4.08
N SER A 156 1.01 -6.00 3.00
CA SER A 156 0.16 -4.92 2.53
C SER A 156 -1.21 -4.93 3.21
N PHE A 157 -1.43 -5.86 4.13
CA PHE A 157 -2.77 -6.10 4.64
C PHE A 157 -3.35 -4.85 5.30
N LEU A 158 -2.55 -4.14 6.10
CA LEU A 158 -3.03 -3.02 6.89
C LEU A 158 -2.21 -1.76 6.64
N ARG A 159 -1.89 -1.47 5.38
CA ARG A 159 -1.04 -0.35 5.05
C ARG A 159 -1.70 0.71 4.18
N ASN A 160 -2.71 0.34 3.39
CA ASN A 160 -3.31 1.30 2.48
C ASN A 160 -3.85 2.50 3.25
N ARG A 161 -3.62 3.70 2.71
CA ARG A 161 -3.93 4.94 3.40
C ARG A 161 -4.54 5.93 2.42
N SER A 162 -5.38 6.82 2.95
CA SER A 162 -5.98 7.90 2.19
C SER A 162 -6.67 8.82 3.17
N SER A 163 -7.16 9.96 2.67
CA SER A 163 -7.85 10.91 3.52
C SER A 163 -9.03 10.27 4.23
N SER A 164 -9.68 9.30 3.60
CA SER A 164 -10.84 8.64 4.16
C SER A 164 -10.51 7.34 4.90
N ASP A 165 -9.23 6.96 4.99
CA ASP A 165 -8.86 5.63 5.43
C ASP A 165 -7.98 5.57 6.67
N HIS A 166 -7.24 6.64 7.00
CA HIS A 166 -6.22 6.53 8.03
C HIS A 166 -6.84 6.16 9.39
N GLU A 167 -7.85 6.90 9.82
CA GLU A 167 -8.50 6.56 11.09
C GLU A 167 -9.17 5.20 11.00
N ALA A 168 -9.85 4.93 9.88
CA ALA A 168 -10.42 3.61 9.65
C ALA A 168 -9.33 2.55 9.62
N THR A 169 -8.15 2.90 9.10
CA THR A 169 -7.04 1.95 9.10
C THR A 169 -6.64 1.59 10.53
N ALA A 170 -6.52 2.60 11.40
CA ALA A 170 -6.20 2.32 12.79
C ALA A 170 -7.27 1.46 13.44
N MET A 171 -8.54 1.75 13.15
CA MET A 171 -9.62 0.96 13.72
C MET A 171 -9.52 -0.48 13.24
N MET A 172 -9.24 -0.68 11.96
CA MET A 172 -9.11 -2.03 11.45
C MET A 172 -7.95 -2.76 12.12
N LYS A 173 -6.82 -2.08 12.29
CA LYS A 173 -5.70 -2.69 13.00
C LYS A 173 -6.12 -3.16 14.37
N ALA A 174 -6.74 -2.26 15.15
CA ALA A 174 -7.08 -2.59 16.53
C ALA A 174 -8.04 -3.77 16.57
N GLN A 175 -9.04 -3.76 15.68
CA GLN A 175 -10.01 -4.84 15.67
C GLN A 175 -9.37 -6.17 15.31
N PHE A 176 -8.46 -6.17 14.33
CA PHE A 176 -7.88 -7.44 13.91
C PHE A 176 -7.03 -8.04 15.02
N MET A 177 -6.19 -7.22 15.67
CA MET A 177 -5.41 -7.81 16.77
C MET A 177 -6.30 -8.20 17.93
N SER A 178 -7.38 -7.45 18.19
CA SER A 178 -8.25 -7.83 19.30
C SER A 178 -8.92 -9.18 19.02
N LEU A 179 -9.37 -9.40 17.79
CA LEU A 179 -10.01 -10.67 17.46
C LEU A 179 -8.99 -11.80 17.44
N TRP A 180 -7.75 -11.51 17.03
CA TRP A 180 -6.69 -12.50 17.10
C TRP A 180 -6.42 -12.91 18.55
N ASP A 181 -6.37 -11.93 19.44
CA ASP A 181 -6.26 -12.22 20.87
C ASP A 181 -7.46 -13.01 21.37
N GLY A 182 -8.64 -12.76 20.79
CA GLY A 182 -9.80 -13.55 21.17
C GLY A 182 -9.67 -15.00 20.77
N LEU A 183 -9.17 -15.25 19.55
CA LEU A 183 -8.85 -16.62 19.16
C LEU A 183 -7.84 -17.24 20.12
N ASP A 184 -6.84 -16.47 20.52
CA ASP A 184 -5.88 -16.98 21.50
C ASP A 184 -6.55 -17.31 22.83
N THR A 185 -7.53 -16.50 23.23
CA THR A 185 -8.11 -16.63 24.57
C THR A 185 -8.90 -17.92 24.72
N ASP A 186 -9.65 -18.30 23.70
CA ASP A 186 -10.54 -19.46 23.80
C ASP A 186 -9.72 -20.73 23.64
N HIS A 187 -9.62 -21.51 24.72
CA HIS A 187 -8.87 -22.76 24.67
C HIS A 187 -9.52 -23.78 23.75
N SER A 188 -10.79 -23.61 23.42
CA SER A 188 -11.50 -24.50 22.52
C SER A 188 -11.45 -24.04 21.07
N CYS A 189 -10.69 -22.99 20.77
CA CYS A 189 -10.59 -22.50 19.41
C CYS A 189 -10.00 -23.57 18.49
N GLN A 190 -10.50 -23.61 17.26
CA GLN A 190 -10.07 -24.61 16.29
C GLN A 190 -9.54 -23.99 15.00
N VAL A 191 -9.46 -22.67 14.90
CA VAL A 191 -9.16 -21.98 13.66
C VAL A 191 -7.72 -21.49 13.69
N ILE A 192 -7.06 -21.52 12.53
CA ILE A 192 -5.72 -21.03 12.34
C ILE A 192 -5.77 -19.85 11.37
N VAL A 193 -4.80 -18.97 11.49
CA VAL A 193 -4.61 -17.89 10.52
C VAL A 193 -3.22 -18.02 9.92
N MET A 194 -3.14 -17.80 8.60
CA MET A 194 -1.91 -18.03 7.85
C MET A 194 -1.66 -16.82 6.95
N GLY A 195 -0.40 -16.65 6.56
CA GLY A 195 -0.01 -15.53 5.72
C GLY A 195 1.20 -15.85 4.89
N ALA A 196 1.37 -15.09 3.80
CA ALA A 196 2.52 -15.22 2.93
C ALA A 196 2.98 -13.82 2.51
N THR A 197 4.23 -13.72 2.09
CA THR A 197 4.81 -12.43 1.73
C THR A 197 6.17 -12.63 1.08
N ASN A 198 6.54 -11.67 0.23
CA ASN A 198 7.79 -11.72 -0.50
C ASN A 198 8.88 -10.86 0.11
N ARG A 199 8.51 -9.78 0.79
CA ARG A 199 9.46 -8.88 1.45
C ARG A 199 9.03 -8.76 2.91
N PRO A 200 9.27 -9.81 3.69
CA PRO A 200 8.59 -9.90 5.00
C PRO A 200 9.15 -8.96 6.04
N GLN A 201 10.36 -8.43 5.85
CA GLN A 201 10.90 -7.48 6.82
C GLN A 201 9.94 -6.32 7.04
N ASP A 202 9.16 -5.96 6.02
CA ASP A 202 8.27 -4.82 6.13
C ASP A 202 7.16 -5.07 7.14
N LEU A 203 6.98 -6.31 7.58
CA LEU A 203 5.88 -6.66 8.47
C LEU A 203 5.92 -5.83 9.73
N ASP A 204 4.74 -5.40 10.17
CA ASP A 204 4.62 -4.60 11.38
C ASP A 204 5.06 -5.41 12.59
N SER A 205 5.63 -4.71 13.58
CA SER A 205 6.12 -5.39 14.77
C SER A 205 5.01 -6.17 15.48
N ALA A 206 3.76 -5.71 15.35
CA ALA A 206 2.65 -6.45 15.94
C ALA A 206 2.54 -7.84 15.32
N ILE A 207 2.69 -7.93 14.00
CA ILE A 207 2.70 -9.24 13.34
C ILE A 207 3.90 -10.05 13.82
N MET A 208 5.07 -9.41 13.88
CA MET A 208 6.27 -10.12 14.31
C MET A 208 6.09 -10.73 15.69
N ARG A 209 5.42 -10.02 16.60
CA ARG A 209 5.16 -10.58 17.92
C ARG A 209 4.16 -11.72 17.85
N ARG A 210 3.32 -11.74 16.82
CA ARG A 210 2.39 -12.82 16.60
C ARG A 210 2.99 -13.80 15.60
N MET A 211 2.20 -14.77 15.14
CA MET A 211 2.68 -15.76 14.18
C MET A 211 3.88 -16.48 14.76
N PRO A 212 3.68 -17.33 15.78
CA PRO A 212 4.82 -17.96 16.44
C PRO A 212 5.61 -18.89 15.53
N THR A 213 4.93 -19.82 14.87
CA THR A 213 5.58 -20.81 14.02
C THR A 213 5.74 -20.25 12.62
N ARG A 214 6.96 -20.33 12.09
CA ARG A 214 7.31 -19.71 10.82
C ARG A 214 8.10 -20.70 9.99
N PHE A 215 7.66 -20.91 8.75
CA PHE A 215 8.26 -21.89 7.86
C PHE A 215 8.90 -21.17 6.69
N HIS A 216 10.16 -21.48 6.42
CA HIS A 216 10.90 -20.85 5.34
C HIS A 216 10.73 -21.67 4.06
N ILE A 217 10.12 -21.06 3.04
CA ILE A 217 10.01 -21.67 1.73
C ILE A 217 11.28 -21.34 0.96
N ASN A 218 12.30 -22.16 1.13
CA ASN A 218 13.62 -21.87 0.59
C ASN A 218 13.68 -22.15 -0.90
N GLN A 219 14.65 -21.54 -1.57
CA GLN A 219 14.90 -21.84 -2.96
C GLN A 219 15.45 -23.26 -3.08
N PRO A 220 15.20 -23.93 -4.21
CA PRO A 220 15.64 -25.33 -4.36
C PRO A 220 17.15 -25.41 -4.53
N ALA A 221 17.78 -26.26 -3.71
CA ALA A 221 19.19 -26.55 -3.89
C ALA A 221 19.37 -27.49 -5.08
N LEU A 222 20.62 -27.89 -5.33
CA LEU A 222 20.93 -28.71 -6.49
C LEU A 222 20.05 -29.95 -6.53
N LYS A 223 20.03 -30.71 -5.43
CA LYS A 223 19.17 -31.89 -5.37
C LYS A 223 17.71 -31.51 -5.44
N GLN A 224 17.32 -30.44 -4.75
CA GLN A 224 15.94 -29.97 -4.81
C GLN A 224 15.58 -29.52 -6.22
N ARG A 225 16.51 -28.86 -6.90
CA ARG A 225 16.26 -28.45 -8.28
C ARG A 225 16.07 -29.66 -9.18
N GLU A 226 16.88 -30.70 -8.99
CA GLU A 226 16.69 -31.92 -9.77
C GLU A 226 15.33 -32.53 -9.49
N ALA A 227 14.89 -32.51 -8.24
CA ALA A 227 13.57 -33.01 -7.91
C ALA A 227 12.47 -32.19 -8.60
N ILE A 228 12.64 -30.87 -8.63
CA ILE A 228 11.67 -30.00 -9.29
C ILE A 228 11.59 -30.34 -10.77
N LEU A 229 12.74 -30.50 -11.42
CA LEU A 229 12.74 -30.84 -12.83
C LEU A 229 12.09 -32.20 -13.07
N LYS A 230 12.35 -33.17 -12.19
CA LYS A 230 11.69 -34.46 -12.33
C LYS A 230 10.18 -34.33 -12.21
N LEU A 231 9.71 -33.52 -11.25
CA LEU A 231 8.28 -33.33 -11.10
C LEU A 231 7.67 -32.71 -12.35
N ILE A 232 8.32 -31.69 -12.90
CA ILE A 232 7.78 -31.02 -14.08
C ILE A 232 7.77 -31.96 -15.28
N LEU A 233 8.89 -32.65 -15.51
CA LEU A 233 9.02 -33.48 -16.70
C LEU A 233 8.26 -34.80 -16.55
N LYS A 234 7.72 -35.08 -15.37
CA LYS A 234 7.20 -36.41 -15.09
C LYS A 234 6.19 -36.87 -16.13
N ASN A 235 5.36 -35.97 -16.63
CA ASN A 235 4.35 -36.29 -17.64
C ASN A 235 4.49 -35.40 -18.86
N GLU A 236 5.72 -35.03 -19.16
CA GLU A 236 6.10 -34.50 -20.47
C GLU A 236 6.49 -35.69 -21.35
N ASN A 237 6.73 -35.46 -22.64
CA ASN A 237 7.27 -36.48 -23.52
C ASN A 237 8.79 -36.34 -23.53
N VAL A 238 9.47 -37.31 -22.94
CA VAL A 238 10.89 -37.20 -22.62
C VAL A 238 11.63 -38.42 -23.16
N ASP A 239 12.79 -38.19 -23.76
CA ASP A 239 13.70 -39.27 -24.08
C ASP A 239 14.46 -39.68 -22.82
N ARG A 240 14.57 -40.99 -22.60
CA ARG A 240 15.12 -41.47 -21.34
C ARG A 240 16.55 -41.01 -21.10
N HIS A 241 17.31 -40.75 -22.17
CA HIS A 241 18.72 -40.45 -22.04
C HIS A 241 19.00 -38.99 -21.72
N VAL A 242 17.96 -38.24 -21.32
CA VAL A 242 18.18 -36.91 -20.78
C VAL A 242 18.96 -37.01 -19.48
N ASP A 243 19.90 -36.10 -19.28
CA ASP A 243 20.64 -35.98 -18.02
C ASP A 243 20.32 -34.60 -17.43
N LEU A 244 19.90 -34.60 -16.17
CA LEU A 244 19.30 -33.41 -15.57
C LEU A 244 20.27 -32.67 -14.66
N LEU A 245 21.18 -33.39 -14.00
CA LEU A 245 22.07 -32.74 -13.06
C LEU A 245 22.83 -31.60 -13.73
N GLU A 246 23.24 -31.77 -14.98
CA GLU A 246 23.79 -30.64 -15.72
C GLU A 246 22.78 -29.53 -15.86
N VAL A 247 21.52 -29.91 -16.18
CA VAL A 247 20.45 -28.92 -16.20
C VAL A 247 20.25 -28.31 -14.83
N ALA A 248 20.43 -29.12 -13.78
CA ALA A 248 20.31 -28.59 -12.42
C ALA A 248 21.35 -27.52 -12.15
N GLN A 249 22.60 -27.75 -12.56
CA GLN A 249 23.63 -26.74 -12.37
C GLN A 249 23.34 -25.49 -13.19
N GLU A 250 23.02 -25.67 -14.47
CA GLU A 250 22.77 -24.51 -15.33
C GLU A 250 21.55 -23.73 -14.85
N THR A 251 20.63 -24.39 -14.15
CA THR A 251 19.41 -23.74 -13.69
C THR A 251 19.57 -23.14 -12.29
N ASP A 252 20.72 -23.31 -11.65
CA ASP A 252 20.88 -22.92 -10.27
C ASP A 252 20.57 -21.44 -10.04
N GLY A 253 20.72 -20.62 -11.08
CA GLY A 253 20.44 -19.20 -10.93
C GLY A 253 18.96 -18.88 -10.89
N PHE A 254 18.11 -19.84 -11.27
CA PHE A 254 16.69 -19.59 -11.42
C PHE A 254 15.93 -19.89 -10.13
N SER A 255 14.67 -19.47 -10.12
CA SER A 255 13.71 -19.86 -9.09
C SER A 255 12.75 -20.90 -9.66
N GLY A 256 11.89 -21.43 -8.78
CA GLY A 256 10.99 -22.50 -9.20
C GLY A 256 10.08 -22.09 -10.34
N SER A 257 9.47 -20.92 -10.23
CA SER A 257 8.64 -20.43 -11.33
C SER A 257 9.46 -20.29 -12.60
N ASP A 258 10.70 -19.83 -12.46
CA ASP A 258 11.58 -19.72 -13.62
C ASP A 258 11.97 -21.09 -14.17
N LEU A 259 12.12 -22.08 -13.29
CA LEU A 259 12.34 -23.45 -13.76
C LEU A 259 11.16 -23.90 -14.62
N LYS A 260 9.95 -23.64 -14.14
CA LYS A 260 8.75 -23.99 -14.88
C LYS A 260 8.75 -23.28 -16.24
N GLU A 261 9.08 -21.99 -16.25
CA GLU A 261 9.05 -21.23 -17.48
C GLU A 261 10.17 -21.64 -18.42
N MET A 262 11.26 -22.20 -17.88
CA MET A 262 12.33 -22.70 -18.73
C MET A 262 11.91 -23.98 -19.44
N CYS A 263 11.31 -24.91 -18.69
CA CYS A 263 10.71 -26.06 -19.36
C CYS A 263 9.70 -25.59 -20.40
N ARG A 264 9.01 -24.49 -20.08
CA ARG A 264 8.14 -23.87 -21.09
C ARG A 264 8.88 -23.51 -22.36
N ASP A 265 9.95 -22.74 -22.23
CA ASP A 265 10.61 -22.27 -23.44
C ASP A 265 11.13 -23.44 -24.26
N ALA A 266 11.58 -24.50 -23.58
CA ALA A 266 12.07 -25.67 -24.29
C ALA A 266 10.95 -26.35 -25.09
N ALA A 267 9.81 -26.60 -24.44
CA ALA A 267 8.72 -27.28 -25.13
C ALA A 267 8.24 -26.46 -26.31
N LEU A 268 8.07 -25.15 -26.12
CA LEU A 268 7.58 -24.33 -27.21
C LEU A 268 8.60 -24.22 -28.33
N LEU A 269 9.89 -24.24 -28.00
CA LEU A 269 10.93 -24.25 -29.02
C LEU A 269 10.83 -25.50 -29.88
N CYS A 270 10.64 -26.64 -29.25
CA CYS A 270 10.46 -27.88 -30.02
C CYS A 270 9.23 -27.79 -30.90
N VAL A 271 8.14 -27.21 -30.39
CA VAL A 271 6.92 -27.09 -31.19
C VAL A 271 7.17 -26.19 -32.40
N ARG A 272 7.90 -25.09 -32.20
CA ARG A 272 8.19 -24.19 -33.31
C ARG A 272 8.99 -24.89 -34.39
N GLU A 273 10.05 -25.61 -34.00
CA GLU A 273 10.83 -26.29 -35.03
C GLU A 273 9.98 -27.36 -35.73
N TYR A 274 9.13 -28.06 -34.99
CA TYR A 274 8.23 -29.02 -35.64
C TYR A 274 7.35 -28.36 -36.68
N VAL A 275 6.68 -27.27 -36.31
CA VAL A 275 5.75 -26.65 -37.26
C VAL A 275 6.50 -26.13 -38.47
N ASN A 276 7.69 -25.58 -38.26
CA ASN A 276 8.44 -25.06 -39.40
C ASN A 276 8.93 -26.18 -40.31
N SER A 277 9.27 -27.34 -39.75
CA SER A 277 9.67 -28.47 -40.60
C SER A 277 8.48 -29.08 -41.32
N THR A 278 7.29 -29.05 -40.69
CA THR A 278 6.12 -29.69 -41.28
C THR A 278 5.66 -28.97 -42.54
N SER A 279 5.72 -27.63 -42.53
CA SER A 279 5.15 -26.85 -43.63
C SER A 279 5.84 -27.16 -44.96
N GLU A 280 7.11 -27.55 -44.93
CA GLU A 280 7.86 -27.75 -46.17
C GLU A 280 7.57 -29.11 -46.79
N GLU A 281 6.30 -29.38 -47.07
CA GLU A 281 5.86 -30.57 -47.80
C GLU A 281 6.26 -31.87 -47.10
N SER A 282 6.40 -31.84 -45.78
CA SER A 282 6.68 -33.06 -45.04
C SER A 282 5.41 -33.89 -44.90
N HIS A 283 5.60 -35.20 -44.73
CA HIS A 283 4.47 -36.11 -44.62
C HIS A 283 3.66 -35.81 -43.37
N ASP A 284 2.36 -36.12 -43.44
CA ASP A 284 1.44 -35.82 -42.34
C ASP A 284 1.44 -36.94 -41.30
N GLU A 285 2.62 -37.24 -40.74
CA GLU A 285 2.71 -38.26 -39.70
C GLU A 285 2.21 -37.78 -38.35
N ASP A 286 2.38 -36.49 -38.04
CA ASP A 286 1.88 -35.91 -36.80
C ASP A 286 2.57 -36.51 -35.58
N GLU A 287 3.90 -36.43 -35.57
CA GLU A 287 4.70 -36.86 -34.43
C GLU A 287 5.86 -35.89 -34.24
N ILE A 288 6.17 -35.60 -32.98
CA ILE A 288 7.08 -34.51 -32.63
C ILE A 288 8.36 -35.11 -32.05
N ARG A 289 9.45 -34.39 -32.23
CA ARG A 289 10.73 -34.76 -31.64
C ARG A 289 10.62 -34.72 -30.12
N PRO A 290 10.96 -35.79 -29.41
CA PRO A 290 10.83 -35.77 -27.95
C PRO A 290 11.85 -34.85 -27.31
N VAL A 291 11.59 -34.53 -26.05
CA VAL A 291 12.49 -33.68 -25.28
C VAL A 291 13.86 -34.34 -25.20
N GLN A 292 14.90 -33.60 -25.57
CA GLN A 292 16.26 -34.10 -25.54
C GLN A 292 17.17 -33.05 -24.91
N GLN A 293 18.37 -33.48 -24.52
CA GLN A 293 19.28 -32.62 -23.76
C GLN A 293 19.50 -31.30 -24.46
N GLN A 294 19.76 -31.33 -25.77
CA GLN A 294 20.06 -30.10 -26.49
C GLN A 294 18.90 -29.12 -26.42
N ASP A 295 17.67 -29.63 -26.40
CA ASP A 295 16.51 -28.75 -26.29
C ASP A 295 16.59 -27.91 -25.03
N LEU A 296 16.78 -28.57 -23.88
CA LEU A 296 16.84 -27.83 -22.63
C LEU A 296 18.09 -26.98 -22.55
N HIS A 297 19.19 -27.42 -23.15
CA HIS A 297 20.39 -26.60 -23.19
C HIS A 297 20.11 -25.26 -23.87
N ARG A 298 19.53 -25.31 -25.07
CA ARG A 298 19.23 -24.09 -25.80
C ARG A 298 18.20 -23.25 -25.07
N ALA A 299 17.19 -23.91 -24.49
CA ALA A 299 16.15 -23.18 -23.77
C ALA A 299 16.73 -22.46 -22.57
N ILE A 300 17.65 -23.10 -21.86
CA ILE A 300 18.28 -22.49 -20.69
C ILE A 300 19.16 -21.34 -21.13
N GLU A 301 19.86 -21.49 -22.25
CA GLU A 301 20.67 -20.39 -22.76
C GLU A 301 19.80 -19.19 -23.08
N LYS A 302 18.64 -19.42 -23.71
CA LYS A 302 17.75 -18.31 -24.03
C LYS A 302 17.13 -17.72 -22.76
N MET A 303 16.86 -18.56 -21.77
CA MET A 303 16.34 -18.06 -20.50
C MET A 303 17.36 -17.15 -19.82
N LYS A 304 18.62 -17.57 -19.83
CA LYS A 304 19.68 -16.73 -19.29
C LYS A 304 19.85 -15.47 -20.12
N LYS A 305 19.55 -15.55 -21.42
CA LYS A 305 19.56 -14.34 -22.25
C LYS A 305 18.47 -13.37 -21.81
N SER A 306 17.29 -13.90 -21.47
CA SER A 306 16.23 -13.04 -20.95
C SER A 306 16.66 -12.39 -19.63
N LYS A 307 17.24 -13.19 -18.73
CA LYS A 307 17.80 -12.62 -17.51
C LYS A 307 18.84 -11.57 -17.82
N ASP A 308 19.63 -11.78 -18.88
CA ASP A 308 20.66 -10.83 -19.27
C ASP A 308 20.04 -9.53 -19.77
N ALA A 309 18.94 -9.63 -20.51
CA ALA A 309 18.23 -8.42 -20.94
C ALA A 309 17.74 -7.65 -19.72
N ALA A 310 17.19 -8.35 -18.74
CA ALA A 310 16.78 -7.68 -17.51
C ALA A 310 17.97 -7.02 -16.82
N PHE A 311 19.11 -7.71 -16.78
CA PHE A 311 20.30 -7.16 -16.14
C PHE A 311 20.81 -5.92 -16.86
N GLN A 312 20.84 -5.96 -18.20
CA GLN A 312 21.23 -4.78 -18.97
C GLN A 312 20.27 -3.63 -18.71
N ASN A 313 18.98 -3.91 -18.57
CA ASN A 313 18.07 -2.86 -18.13
C ASN A 313 18.46 -2.33 -16.76
N VAL A 314 18.90 -3.20 -15.86
CA VAL A 314 19.41 -2.76 -14.57
C VAL A 314 20.68 -1.93 -14.76
N LEU A 315 21.60 -2.43 -15.59
CA LEU A 315 22.87 -1.73 -15.83
C LEU A 315 22.66 -0.56 -16.77
N ASN B 26 3.61 25.96 -25.12
CA ASN B 26 4.70 26.08 -26.09
C ASN B 26 5.67 24.90 -25.96
N VAL B 27 5.45 24.05 -24.96
CA VAL B 27 6.33 22.91 -24.74
C VAL B 27 6.02 21.82 -25.75
N LYS B 28 7.06 21.07 -26.13
CA LYS B 28 6.92 19.94 -27.04
C LYS B 28 6.84 18.67 -26.21
N LEU B 29 5.86 17.83 -26.52
CA LEU B 29 5.45 16.75 -25.63
C LEU B 29 5.36 15.42 -26.35
N SER B 30 5.73 14.36 -25.65
CA SER B 30 5.37 13.02 -26.05
C SER B 30 4.06 12.62 -25.37
N GLU B 31 3.47 11.52 -25.84
CA GLU B 31 2.21 11.07 -25.26
C GLU B 31 2.33 10.99 -23.74
N TYR B 32 3.48 10.51 -23.24
CA TYR B 32 3.73 10.48 -21.81
C TYR B 32 3.67 11.88 -21.22
N GLU B 33 4.38 12.82 -21.84
CA GLU B 33 4.45 14.16 -21.29
C GLU B 33 3.12 14.89 -21.39
N MET B 34 2.33 14.59 -22.42
CA MET B 34 0.95 15.10 -22.44
C MET B 34 0.13 14.51 -21.31
N SER B 35 0.34 13.23 -20.99
CA SER B 35 -0.36 12.64 -19.86
C SER B 35 0.02 13.35 -18.56
N ILE B 36 1.31 13.62 -18.38
CA ILE B 36 1.73 14.37 -17.20
C ILE B 36 1.20 15.79 -17.24
N ALA B 37 1.18 16.41 -18.42
CA ALA B 37 0.69 17.77 -18.54
C ALA B 37 -0.74 17.90 -18.05
N ALA B 38 -1.52 16.82 -18.13
CA ALA B 38 -2.90 16.87 -17.64
C ALA B 38 -2.95 17.06 -16.14
N HIS B 39 -2.01 16.46 -15.40
CA HIS B 39 -2.02 16.56 -13.94
C HIS B 39 -1.54 17.91 -13.47
N LEU B 40 -0.85 18.66 -14.31
CA LEU B 40 -0.35 19.98 -13.92
C LEU B 40 -1.49 20.86 -13.47
N VAL B 41 -1.30 21.52 -12.33
CA VAL B 41 -2.34 22.39 -11.79
C VAL B 41 -2.25 23.76 -12.45
N ASP B 42 -3.35 24.52 -12.32
CA ASP B 42 -3.48 25.82 -12.95
C ASP B 42 -3.39 26.91 -11.89
N PRO B 43 -2.45 27.85 -11.98
CA PRO B 43 -2.37 28.91 -10.97
C PRO B 43 -3.53 29.90 -11.01
N LEU B 44 -4.43 29.79 -12.00
CA LEU B 44 -5.57 30.70 -12.10
C LEU B 44 -6.85 30.12 -11.49
N ASN B 45 -6.85 28.86 -11.09
CA ASN B 45 -8.02 28.27 -10.45
C ASN B 45 -7.78 27.88 -8.99
N MET B 46 -6.53 27.92 -8.52
CA MET B 46 -6.26 27.70 -7.12
C MET B 46 -6.73 28.89 -6.29
N HIS B 47 -7.07 28.64 -5.03
CA HIS B 47 -7.69 29.66 -4.19
C HIS B 47 -6.75 30.16 -3.10
N VAL B 48 -6.19 29.25 -2.30
CA VAL B 48 -5.56 29.63 -1.05
C VAL B 48 -4.30 30.46 -1.29
N THR B 49 -3.99 31.31 -0.32
CA THR B 49 -2.85 32.22 -0.42
C THR B 49 -2.21 32.36 0.96
N TRP B 50 -1.11 33.12 1.01
CA TRP B 50 -0.52 33.47 2.29
C TRP B 50 -1.50 34.19 3.19
N SER B 51 -2.46 34.92 2.62
CA SER B 51 -3.47 35.62 3.41
C SER B 51 -4.48 34.66 4.03
N ASP B 52 -4.45 33.38 3.66
CA ASP B 52 -5.42 32.41 4.13
C ASP B 52 -4.73 31.27 4.87
N ILE B 53 -3.74 31.58 5.70
CA ILE B 53 -3.04 30.59 6.49
C ILE B 53 -2.62 31.24 7.80
N ALA B 54 -2.72 30.48 8.89
CA ALA B 54 -2.41 31.00 10.21
C ALA B 54 -1.94 29.87 11.10
N GLY B 55 -1.29 30.25 12.21
CA GLY B 55 -0.83 29.29 13.20
C GLY B 55 0.47 28.61 12.88
N LEU B 56 1.07 28.91 11.72
CA LEU B 56 2.33 28.31 11.31
C LEU B 56 3.32 29.36 10.82
N ASP B 57 3.08 30.64 11.13
CA ASP B 57 3.74 31.73 10.43
C ASP B 57 5.26 31.62 10.47
N ASP B 58 5.82 31.00 11.52
CA ASP B 58 7.26 30.80 11.56
C ASP B 58 7.70 29.76 10.53
N VAL B 59 6.99 28.63 10.48
CA VAL B 59 7.27 27.64 9.45
C VAL B 59 6.95 28.21 8.08
N ILE B 60 5.93 29.06 8.00
CA ILE B 60 5.62 29.74 6.75
C ILE B 60 6.81 30.58 6.32
N THR B 61 7.40 31.32 7.26
CA THR B 61 8.54 32.18 6.94
C THR B 61 9.72 31.35 6.46
N ASP B 62 10.00 30.25 7.17
CA ASP B 62 11.12 29.41 6.78
C ASP B 62 10.92 28.83 5.38
N LEU B 63 9.74 28.26 5.14
CA LEU B 63 9.45 27.70 3.83
C LEU B 63 9.54 28.75 2.74
N LYS B 64 8.93 29.91 2.97
CA LYS B 64 8.98 30.98 1.99
C LYS B 64 10.41 31.35 1.67
N ASP B 65 11.19 31.68 2.70
CA ASP B 65 12.55 32.17 2.47
C ASP B 65 13.39 31.14 1.75
N THR B 66 13.31 29.87 2.18
CA THR B 66 14.20 28.86 1.61
C THR B 66 13.77 28.43 0.22
N VAL B 67 12.47 28.19 0.02
CA VAL B 67 12.01 27.60 -1.24
C VAL B 67 11.71 28.69 -2.25
N ILE B 68 10.84 29.64 -1.91
CA ILE B 68 10.28 30.53 -2.90
C ILE B 68 11.34 31.46 -3.45
N LEU B 69 12.17 32.03 -2.58
CA LEU B 69 13.14 33.03 -3.01
C LEU B 69 14.06 32.53 -4.09
N PRO B 70 14.74 31.38 -3.95
CA PRO B 70 15.53 30.87 -5.08
C PRO B 70 14.68 30.57 -6.30
N ILE B 71 13.43 30.16 -6.12
CA ILE B 71 12.59 29.79 -7.25
C ILE B 71 12.32 31.00 -8.13
N LYS B 72 11.94 32.12 -7.49
CA LYS B 72 11.41 33.26 -8.25
C LYS B 72 12.49 34.04 -8.97
N LYS B 73 13.66 34.22 -8.34
CA LYS B 73 14.71 35.09 -8.86
C LYS B 73 16.04 34.35 -8.80
N LYS B 74 16.06 33.14 -9.36
CA LYS B 74 17.13 32.18 -9.09
C LYS B 74 18.51 32.79 -9.28
N HIS B 75 18.70 33.63 -10.30
CA HIS B 75 20.04 34.11 -10.59
C HIS B 75 20.62 34.87 -9.41
N LEU B 76 19.76 35.37 -8.52
CA LEU B 76 20.24 36.14 -7.37
C LEU B 76 21.07 35.28 -6.43
N PHE B 77 20.72 34.00 -6.26
CA PHE B 77 21.31 33.13 -5.26
C PHE B 77 22.41 32.22 -5.81
N GLU B 78 22.79 32.36 -7.08
CA GLU B 78 23.75 31.42 -7.65
C GLU B 78 25.19 31.73 -7.25
N ASN B 79 25.48 32.93 -6.75
CA ASN B 79 26.84 33.25 -6.37
C ASN B 79 27.16 32.61 -5.03
N SER B 80 26.96 31.30 -4.94
CA SER B 80 27.23 30.51 -3.75
C SER B 80 27.10 29.04 -4.13
N ARG B 81 28.05 28.22 -3.66
CA ARG B 81 27.91 26.77 -3.81
C ARG B 81 26.66 26.23 -3.14
N LEU B 82 25.89 27.09 -2.47
CA LEU B 82 25.01 26.69 -1.41
C LEU B 82 23.98 27.78 -1.15
N LEU B 83 22.90 27.37 -0.50
CA LEU B 83 21.63 28.10 -0.44
C LEU B 83 20.90 28.00 -1.77
N GLN B 84 21.45 27.19 -2.68
CA GLN B 84 20.71 26.72 -3.82
C GLN B 84 19.47 25.99 -3.32
N PRO B 85 18.34 26.08 -4.03
CA PRO B 85 17.11 25.49 -3.53
C PRO B 85 17.31 24.02 -3.22
N PRO B 86 16.82 23.56 -2.07
CA PRO B 86 17.12 22.18 -1.65
C PRO B 86 16.57 21.17 -2.64
N LYS B 87 17.32 20.07 -2.82
CA LYS B 87 16.92 19.02 -3.74
C LYS B 87 15.78 18.16 -3.19
N GLY B 88 15.25 18.49 -2.02
CA GLY B 88 14.10 17.77 -1.48
C GLY B 88 13.54 18.43 -0.25
N VAL B 89 12.21 18.60 -0.22
CA VAL B 89 11.50 19.19 0.90
C VAL B 89 10.45 18.21 1.35
N LEU B 90 10.44 17.88 2.64
CA LEU B 90 9.49 16.97 3.23
C LEU B 90 8.69 17.68 4.31
N LEU B 91 7.36 17.56 4.24
CA LEU B 91 6.47 18.09 5.25
C LEU B 91 5.94 16.92 6.08
N TYR B 92 6.14 16.98 7.39
CA TYR B 92 5.68 15.93 8.30
C TYR B 92 4.95 16.55 9.47
N GLY B 93 3.74 16.04 9.73
CA GLY B 93 2.93 16.51 10.81
C GLY B 93 1.67 15.66 10.94
N PRO B 94 1.04 15.70 12.11
CA PRO B 94 -0.15 14.87 12.32
C PRO B 94 -1.26 15.22 11.34
N PRO B 95 -2.19 14.30 11.10
CA PRO B 95 -3.30 14.61 10.19
C PRO B 95 -4.10 15.81 10.67
N GLY B 96 -4.55 16.62 9.71
CA GLY B 96 -5.37 17.77 10.01
C GLY B 96 -4.61 19.01 10.41
N CYS B 97 -3.28 18.97 10.38
CA CYS B 97 -2.47 20.12 10.76
C CYS B 97 -2.28 21.12 9.63
N GLY B 98 -2.79 20.83 8.43
CA GLY B 98 -2.71 21.76 7.32
C GLY B 98 -1.62 21.47 6.31
N LYS B 99 -1.22 20.21 6.14
CA LYS B 99 -0.13 19.91 5.21
C LYS B 99 -0.55 20.14 3.78
N THR B 100 -1.72 19.63 3.39
CA THR B 100 -2.21 19.85 2.03
C THR B 100 -2.48 21.33 1.79
N LEU B 101 -3.02 22.03 2.79
CA LEU B 101 -3.26 23.46 2.64
C LEU B 101 -1.98 24.19 2.32
N ILE B 102 -0.91 23.92 3.08
CA ILE B 102 0.35 24.59 2.83
C ILE B 102 0.95 24.16 1.50
N ALA B 103 0.79 22.90 1.11
CA ALA B 103 1.27 22.48 -0.19
C ALA B 103 0.63 23.34 -1.28
N LYS B 104 -0.69 23.47 -1.23
CA LYS B 104 -1.39 24.28 -2.23
C LYS B 104 -0.96 25.75 -2.15
N ALA B 105 -0.80 26.27 -0.94
CA ALA B 105 -0.45 27.68 -0.78
C ALA B 105 0.92 27.96 -1.36
N THR B 106 1.88 27.08 -1.09
CA THR B 106 3.21 27.23 -1.68
C THR B 106 3.15 27.11 -3.19
N ALA B 107 2.36 26.17 -3.70
CA ALA B 107 2.26 25.99 -5.14
C ALA B 107 1.76 27.26 -5.82
N LYS B 108 0.69 27.85 -5.26
CA LYS B 108 0.15 29.06 -5.87
C LYS B 108 1.08 30.26 -5.68
N GLU B 109 1.57 30.46 -4.46
CA GLU B 109 2.34 31.66 -4.16
C GLU B 109 3.70 31.63 -4.84
N ALA B 110 4.27 30.44 -5.05
CA ALA B 110 5.54 30.35 -5.75
C ALA B 110 5.44 30.90 -7.16
N GLY B 111 4.26 30.83 -7.77
CA GLY B 111 4.09 31.26 -9.14
C GLY B 111 4.68 30.33 -10.18
N CYS B 112 5.27 29.21 -9.76
CA CYS B 112 5.88 28.27 -10.67
C CYS B 112 4.84 27.23 -11.09
N ARG B 113 5.29 26.16 -11.73
CA ARG B 113 4.43 25.07 -12.16
C ARG B 113 4.49 23.94 -11.14
N PHE B 114 3.32 23.43 -10.77
CA PHE B 114 3.19 22.46 -9.69
C PHE B 114 2.50 21.22 -10.21
N ILE B 115 3.14 20.07 -10.02
CA ILE B 115 2.62 18.79 -10.47
C ILE B 115 2.20 17.98 -9.25
N ASN B 116 0.97 17.52 -9.24
CA ASN B 116 0.44 16.68 -8.17
C ASN B 116 0.55 15.24 -8.62
N LEU B 117 1.56 14.54 -8.09
CA LEU B 117 1.90 13.20 -8.55
C LEU B 117 1.29 12.15 -7.62
N GLN B 118 -0.02 11.98 -7.74
CA GLN B 118 -0.70 10.99 -6.91
C GLN B 118 -0.26 9.58 -7.30
N PRO B 119 -0.38 8.61 -6.40
CA PRO B 119 0.28 7.31 -6.62
C PRO B 119 -0.13 6.61 -7.90
N SER B 120 -1.39 6.73 -8.33
CA SER B 120 -1.85 5.97 -9.47
C SER B 120 -1.05 6.31 -10.72
N THR B 121 -0.40 7.47 -10.75
CA THR B 121 0.35 7.89 -11.92
C THR B 121 1.46 6.90 -12.26
N LEU B 122 2.01 6.21 -11.26
CA LEU B 122 3.16 5.33 -11.47
C LEU B 122 2.84 3.86 -11.33
N THR B 123 1.83 3.50 -10.55
CA THR B 123 1.50 2.10 -10.36
C THR B 123 0.73 1.56 -11.57
N ASP B 124 1.33 1.68 -12.76
CA ASP B 124 0.75 1.09 -13.96
C ASP B 124 0.91 -0.42 -13.89
N LYS B 125 -0.22 -1.13 -13.82
CA LYS B 125 -0.20 -2.54 -13.46
C LYS B 125 0.09 -3.46 -14.65
N TRP B 126 -0.02 -2.97 -15.87
CA TRP B 126 0.07 -3.82 -17.05
C TRP B 126 1.06 -3.34 -18.10
N TYR B 127 1.16 -2.04 -18.33
CA TYR B 127 1.90 -1.50 -19.46
C TYR B 127 3.37 -1.32 -19.08
N GLY B 128 4.26 -1.74 -19.98
CA GLY B 128 5.66 -1.38 -19.88
C GLY B 128 5.81 0.12 -20.05
N GLU B 129 4.71 0.77 -20.44
CA GLU B 129 4.62 2.21 -20.46
C GLU B 129 5.09 2.84 -19.15
N SER B 130 5.12 2.07 -18.07
CA SER B 130 5.51 2.61 -16.77
C SER B 130 6.87 3.28 -16.82
N GLN B 131 7.87 2.59 -17.36
CA GLN B 131 9.23 3.13 -17.36
C GLN B 131 9.28 4.50 -18.04
N LYS B 132 8.75 4.58 -19.26
CA LYS B 132 8.75 5.85 -19.96
C LYS B 132 7.91 6.88 -19.24
N LEU B 133 6.87 6.44 -18.51
CA LEU B 133 6.04 7.39 -17.77
C LEU B 133 6.80 7.99 -16.59
N ALA B 134 7.51 7.15 -15.84
CA ALA B 134 8.36 7.66 -14.77
C ALA B 134 9.41 8.60 -15.32
N ALA B 135 9.98 8.26 -16.48
CA ALA B 135 10.92 9.19 -17.12
C ALA B 135 10.24 10.49 -17.49
N ALA B 136 9.02 10.41 -18.00
CA ALA B 136 8.34 11.59 -18.53
C ALA B 136 7.96 12.57 -17.43
N VAL B 137 7.65 12.07 -16.23
CA VAL B 137 7.39 12.98 -15.12
C VAL B 137 8.55 13.96 -14.98
N PHE B 138 9.75 13.43 -14.73
CA PHE B 138 10.93 14.28 -14.60
C PHE B 138 11.25 15.01 -15.89
N SER B 139 10.93 14.42 -17.04
CA SER B 139 11.21 15.10 -18.31
C SER B 139 10.42 16.40 -18.40
N LEU B 140 9.12 16.33 -18.14
CA LEU B 140 8.29 17.53 -18.15
C LEU B 140 8.74 18.50 -17.07
N ALA B 141 9.06 18.00 -15.88
CA ALA B 141 9.54 18.89 -14.84
C ALA B 141 10.78 19.64 -15.27
N ILE B 142 11.72 18.94 -15.92
CA ILE B 142 12.97 19.55 -16.36
C ILE B 142 12.71 20.55 -17.48
N LYS B 143 11.78 20.25 -18.39
CA LYS B 143 11.43 21.21 -19.42
C LYS B 143 10.85 22.47 -18.81
N LEU B 144 9.99 22.32 -17.80
CA LEU B 144 9.28 23.44 -17.19
C LEU B 144 10.11 23.94 -16.01
N GLN B 145 10.96 24.93 -16.27
CA GLN B 145 11.85 25.48 -15.25
C GLN B 145 11.42 26.91 -14.90
N PRO B 146 11.18 27.24 -13.62
CA PRO B 146 11.20 26.38 -12.43
C PRO B 146 9.88 25.64 -12.24
N SER B 147 9.89 24.50 -11.55
CA SER B 147 8.67 23.79 -11.23
C SER B 147 8.90 22.93 -10.00
N ILE B 148 7.80 22.55 -9.35
CA ILE B 148 7.84 21.81 -8.10
C ILE B 148 7.03 20.53 -8.26
N ILE B 149 7.60 19.41 -7.83
CA ILE B 149 6.93 18.12 -7.82
C ILE B 149 6.50 17.81 -6.40
N PHE B 150 5.26 17.34 -6.25
CA PHE B 150 4.70 17.03 -4.95
C PHE B 150 4.14 15.62 -4.95
N ILE B 151 4.30 14.91 -3.83
CA ILE B 151 3.79 13.57 -3.65
C ILE B 151 3.10 13.54 -2.29
N ASP B 152 1.77 13.60 -2.28
CA ASP B 152 1.03 13.36 -1.07
C ASP B 152 1.06 11.88 -0.73
N GLU B 153 1.02 11.58 0.57
CA GLU B 153 1.09 10.20 1.04
C GLU B 153 2.33 9.52 0.46
N ILE B 154 3.46 10.22 0.53
CA ILE B 154 4.68 9.75 -0.12
C ILE B 154 5.10 8.39 0.41
N ASP B 155 4.72 8.06 1.66
CA ASP B 155 5.05 6.75 2.20
C ASP B 155 4.47 5.63 1.34
N SER B 156 3.30 5.86 0.74
CA SER B 156 2.67 4.84 -0.09
C SER B 156 3.17 4.88 -1.52
N PHE B 157 4.10 5.79 -1.83
CA PHE B 157 4.44 6.07 -3.21
C PHE B 157 4.97 4.83 -3.93
N LEU B 158 5.83 4.06 -3.26
CA LEU B 158 6.52 2.94 -3.88
C LEU B 158 6.31 1.64 -3.09
N ARG B 159 5.09 1.39 -2.62
CA ARG B 159 4.83 0.23 -1.78
C ARG B 159 3.84 -0.76 -2.37
N ASN B 160 2.94 -0.31 -3.25
CA ASN B 160 1.92 -1.21 -3.77
C ASN B 160 2.56 -2.41 -4.45
N ARG B 161 2.00 -3.59 -4.19
CA ARG B 161 2.60 -4.84 -4.65
C ARG B 161 1.52 -5.78 -5.16
N SER B 162 1.89 -6.65 -6.10
CA SER B 162 1.01 -7.67 -6.64
C SER B 162 1.86 -8.60 -7.50
N SER B 163 1.25 -9.69 -7.95
CA SER B 163 1.97 -10.64 -8.78
C SER B 163 2.55 -9.97 -10.03
N SER B 164 1.88 -8.94 -10.54
CA SER B 164 2.32 -8.25 -11.74
C SER B 164 3.14 -7.00 -11.46
N ASP B 165 3.41 -6.68 -10.18
CA ASP B 165 3.95 -5.38 -9.82
C ASP B 165 5.30 -5.42 -9.12
N HIS B 166 5.67 -6.52 -8.46
CA HIS B 166 6.84 -6.50 -7.59
C HIS B 166 8.11 -6.15 -8.35
N GLU B 167 8.39 -6.86 -9.45
CA GLU B 167 9.57 -6.54 -10.23
C GLU B 167 9.45 -5.14 -10.84
N ALA B 168 8.27 -4.81 -11.35
CA ALA B 168 8.02 -3.46 -11.83
C ALA B 168 8.17 -2.45 -10.71
N THR B 169 7.80 -2.82 -9.48
CA THR B 169 7.99 -1.93 -8.35
C THR B 169 9.45 -1.65 -8.12
N ALA B 170 10.30 -2.69 -8.17
CA ALA B 170 11.73 -2.47 -8.01
C ALA B 170 12.27 -1.58 -9.12
N MET B 171 11.81 -1.81 -10.35
CA MET B 171 12.26 -0.99 -11.47
C MET B 171 11.87 0.47 -11.25
N MET B 172 10.64 0.70 -10.79
CA MET B 172 10.20 2.06 -10.54
C MET B 172 11.05 2.71 -9.46
N LYS B 173 11.33 1.96 -8.38
CA LYS B 173 12.19 2.50 -7.34
C LYS B 173 13.53 2.94 -7.91
N ALA B 174 14.18 2.05 -8.66
CA ALA B 174 15.52 2.34 -9.17
C ALA B 174 15.49 3.55 -10.07
N GLN B 175 14.48 3.63 -10.95
CA GLN B 175 14.38 4.75 -11.87
C GLN B 175 14.17 6.06 -11.13
N PHE B 176 13.31 6.06 -10.12
CA PHE B 176 13.03 7.31 -9.43
C PHE B 176 14.26 7.83 -8.70
N MET B 177 14.98 6.96 -7.99
CA MET B 177 16.19 7.47 -7.33
C MET B 177 17.25 7.86 -8.35
N SER B 178 17.34 7.15 -9.48
CA SER B 178 18.34 7.53 -10.47
C SER B 178 18.04 8.90 -11.04
N LEU B 179 16.76 9.19 -11.32
CA LEU B 179 16.42 10.51 -11.86
C LEU B 179 16.57 11.59 -10.80
N TRP B 180 16.30 11.25 -9.53
CA TRP B 180 16.55 12.20 -8.45
C TRP B 180 18.03 12.53 -8.36
N ASP B 181 18.89 11.52 -8.47
CA ASP B 181 20.33 11.75 -8.53
C ASP B 181 20.70 12.58 -9.75
N GLY B 182 19.96 12.40 -10.85
CA GLY B 182 20.22 13.23 -12.02
C GLY B 182 19.90 14.69 -11.78
N LEU B 183 18.77 14.96 -11.11
CA LEU B 183 18.48 16.33 -10.69
C LEU B 183 19.59 16.87 -9.80
N ASP B 184 20.09 16.04 -8.88
CA ASP B 184 21.21 16.47 -8.04
C ASP B 184 22.44 16.78 -8.86
N THR B 185 22.69 16.01 -9.92
CA THR B 185 23.94 16.11 -10.66
C THR B 185 24.04 17.43 -11.41
N ASP B 186 22.95 17.89 -12.01
CA ASP B 186 22.97 19.08 -12.85
C ASP B 186 22.98 20.31 -11.97
N HIS B 187 24.10 21.05 -11.99
CA HIS B 187 24.20 22.26 -11.18
C HIS B 187 23.25 23.34 -11.66
N SER B 188 22.75 23.24 -12.89
CA SER B 188 21.80 24.20 -13.43
C SER B 188 20.35 23.79 -13.21
N CYS B 189 20.11 22.72 -12.47
CA CYS B 189 18.75 22.27 -12.22
C CYS B 189 17.97 23.34 -11.46
N GLN B 190 16.68 23.45 -11.79
CA GLN B 190 15.81 24.46 -11.20
C GLN B 190 14.57 23.87 -10.53
N VAL B 191 14.44 22.55 -10.50
CA VAL B 191 13.23 21.89 -10.06
C VAL B 191 13.41 21.34 -8.66
N ILE B 192 12.35 21.39 -7.87
CA ILE B 192 12.32 20.83 -6.52
C ILE B 192 11.30 19.70 -6.50
N VAL B 193 11.50 18.76 -5.58
CA VAL B 193 10.52 17.71 -5.31
C VAL B 193 10.11 17.80 -3.86
N MET B 194 8.81 17.63 -3.61
CA MET B 194 8.22 17.83 -2.29
C MET B 194 7.32 16.64 -1.97
N GLY B 195 7.08 16.43 -0.68
CA GLY B 195 6.25 15.32 -0.24
C GLY B 195 5.60 15.62 1.09
N ALA B 196 4.52 14.89 1.37
CA ALA B 196 3.80 15.00 2.63
C ALA B 196 3.39 13.59 3.07
N THR B 197 3.13 13.45 4.37
CA THR B 197 2.80 12.16 4.93
C THR B 197 2.34 12.31 6.37
N ASN B 198 1.50 11.37 6.81
CA ASN B 198 0.93 11.39 8.15
C ASN B 198 1.65 10.46 9.11
N ARG B 199 2.23 9.37 8.61
CA ARG B 199 2.96 8.41 9.43
C ARG B 199 4.35 8.26 8.81
N PRO B 200 5.20 9.26 8.99
CA PRO B 200 6.41 9.34 8.15
C PRO B 200 7.48 8.33 8.53
N GLN B 201 7.43 7.76 9.74
CA GLN B 201 8.41 6.74 10.11
C GLN B 201 8.47 5.62 9.08
N ASP B 202 7.33 5.34 8.43
CA ASP B 202 7.28 4.23 7.48
C ASP B 202 8.15 4.50 6.26
N LEU B 203 8.61 5.74 6.08
CA LEU B 203 9.36 6.10 4.88
C LEU B 203 10.59 5.22 4.72
N ASP B 204 10.85 4.83 3.48
CA ASP B 204 12.01 3.99 3.18
C ASP B 204 13.30 4.73 3.49
N SER B 205 14.32 3.98 3.90
CA SER B 205 15.60 4.59 4.26
C SER B 205 16.18 5.39 3.09
N ALA B 206 15.86 5.00 1.86
CA ALA B 206 16.34 5.77 0.71
C ALA B 206 15.78 7.18 0.74
N ILE B 207 14.49 7.32 1.06
CA ILE B 207 13.89 8.63 1.21
C ILE B 207 14.55 9.38 2.37
N MET B 208 14.75 8.69 3.49
CA MET B 208 15.35 9.33 4.65
C MET B 208 16.72 9.89 4.32
N ARG B 209 17.50 9.18 3.51
CA ARG B 209 18.80 9.70 3.11
C ARG B 209 18.66 10.89 2.16
N ARG B 210 17.53 10.99 1.47
CA ARG B 210 17.24 12.12 0.61
C ARG B 210 16.36 13.11 1.39
N MET B 211 15.84 14.12 0.70
CA MET B 211 15.00 15.12 1.35
C MET B 211 15.76 15.77 2.49
N PRO B 212 16.78 16.59 2.18
CA PRO B 212 17.60 17.14 3.26
C PRO B 212 16.83 18.07 4.19
N THR B 213 16.14 19.05 3.65
CA THR B 213 15.42 20.04 4.44
C THR B 213 14.03 19.52 4.75
N ARG B 214 13.66 19.56 6.03
CA ARG B 214 12.42 18.97 6.52
C ARG B 214 11.74 19.95 7.46
N PHE B 215 10.47 20.23 7.20
CA PHE B 215 9.70 21.22 7.94
C PHE B 215 8.59 20.51 8.69
N HIS B 216 8.50 20.78 9.99
CA HIS B 216 7.49 20.15 10.85
C HIS B 216 6.24 21.02 10.87
N ILE B 217 5.13 20.47 10.38
CA ILE B 217 3.85 21.14 10.47
C ILE B 217 3.23 20.77 11.81
N ASN B 218 3.56 21.55 12.83
CA ASN B 218 3.19 21.21 14.19
C ASN B 218 1.72 21.55 14.45
N GLN B 219 1.17 20.91 15.49
CA GLN B 219 -0.17 21.26 15.93
C GLN B 219 -0.16 22.66 16.54
N PRO B 220 -1.28 23.37 16.47
CA PRO B 220 -1.31 24.75 16.98
C PRO B 220 -1.28 24.77 18.50
N ALA B 221 -0.36 25.56 19.05
CA ALA B 221 -0.35 25.80 20.49
C ALA B 221 -1.47 26.77 20.86
N LEU B 222 -1.53 27.11 22.14
CA LEU B 222 -2.61 27.96 22.63
C LEU B 222 -2.71 29.25 21.82
N LYS B 223 -1.59 29.96 21.68
CA LYS B 223 -1.59 31.18 20.88
C LYS B 223 -1.87 30.86 19.42
N GLN B 224 -1.27 29.79 18.91
CA GLN B 224 -1.52 29.40 17.52
C GLN B 224 -2.99 29.01 17.34
N ARG B 225 -3.58 28.32 18.32
CA ARG B 225 -4.98 27.98 18.24
C ARG B 225 -5.85 29.23 18.21
N GLU B 226 -5.52 30.23 19.02
CA GLU B 226 -6.26 31.48 19.00
C GLU B 226 -6.14 32.14 17.63
N ALA B 227 -4.96 32.09 17.03
CA ALA B 227 -4.78 32.65 15.70
C ALA B 227 -5.63 31.89 14.68
N ILE B 228 -5.70 30.57 14.79
CA ILE B 228 -6.51 29.78 13.88
C ILE B 228 -7.98 30.18 14.00
N LEU B 229 -8.46 30.31 15.24
CA LEU B 229 -9.86 30.69 15.43
C LEU B 229 -10.12 32.09 14.88
N LYS B 230 -9.18 33.01 15.06
CA LYS B 230 -9.33 34.34 14.48
C LYS B 230 -9.42 34.27 12.96
N LEU B 231 -8.56 33.45 12.34
CA LEU B 231 -8.61 33.32 10.88
C LEU B 231 -9.95 32.77 10.42
N ILE B 232 -10.45 31.74 11.10
CA ILE B 232 -11.72 31.14 10.68
C ILE B 232 -12.86 32.13 10.88
N LEU B 233 -12.93 32.77 12.05
CA LEU B 233 -14.05 33.65 12.36
C LEU B 233 -13.95 34.98 11.64
N LYS B 234 -12.83 35.25 10.96
CA LYS B 234 -12.56 36.59 10.46
C LYS B 234 -13.71 37.13 9.63
N ASN B 235 -14.35 36.29 8.82
CA ASN B 235 -15.46 36.69 7.97
C ASN B 235 -16.69 35.84 8.23
N GLU B 236 -16.85 35.42 9.47
CA GLU B 236 -18.13 34.93 10.00
C GLU B 236 -18.89 36.12 10.55
N ASN B 237 -20.15 35.93 10.94
CA ASN B 237 -20.91 36.96 11.63
C ASN B 237 -20.73 36.75 13.13
N VAL B 238 -20.02 37.67 13.77
CA VAL B 238 -19.53 37.48 15.13
C VAL B 238 -19.91 38.68 15.98
N ASP B 239 -20.36 38.42 17.20
CA ASP B 239 -20.52 39.48 18.19
C ASP B 239 -19.17 39.80 18.80
N ARG B 240 -18.86 41.09 18.93
CA ARG B 240 -17.52 41.50 19.33
C ARG B 240 -17.13 40.97 20.70
N HIS B 241 -18.10 40.72 21.58
CA HIS B 241 -17.81 40.35 22.96
C HIS B 241 -17.51 38.86 23.11
N VAL B 242 -17.28 38.14 22.01
CA VAL B 242 -16.78 36.79 22.11
C VAL B 242 -15.38 36.81 22.71
N ASP B 243 -15.10 35.84 23.58
CA ASP B 243 -13.76 35.65 24.14
C ASP B 243 -13.29 34.27 23.69
N LEU B 244 -12.08 34.24 23.11
CA LEU B 244 -11.62 33.06 22.39
C LEU B 244 -10.63 32.24 23.21
N LEU B 245 -9.82 32.90 24.05
CA LEU B 245 -8.81 32.17 24.78
C LEU B 245 -9.41 31.02 25.57
N GLU B 246 -10.59 31.21 26.15
CA GLU B 246 -11.31 30.09 26.75
C GLU B 246 -11.62 29.04 25.71
N VAL B 247 -12.08 29.47 24.53
CA VAL B 247 -12.29 28.55 23.43
C VAL B 247 -10.97 27.90 23.03
N ALA B 248 -9.88 28.66 23.11
CA ALA B 248 -8.57 28.09 22.79
C ALA B 248 -8.22 26.96 23.74
N GLN B 249 -8.44 27.15 25.04
CA GLN B 249 -8.16 26.08 25.99
C GLN B 249 -9.07 24.88 25.76
N GLU B 250 -10.38 25.12 25.62
CA GLU B 250 -11.30 24.01 25.43
C GLU B 250 -11.02 23.27 24.14
N THR B 251 -10.42 23.94 23.16
CA THR B 251 -10.14 23.32 21.87
C THR B 251 -8.77 22.68 21.81
N ASP B 252 -7.98 22.77 22.89
CA ASP B 252 -6.59 22.32 22.84
C ASP B 252 -6.48 20.85 22.44
N GLY B 253 -7.51 20.06 22.70
CA GLY B 253 -7.47 18.66 22.34
C GLY B 253 -7.64 18.40 20.86
N PHE B 254 -8.08 19.41 20.11
CA PHE B 254 -8.42 19.23 18.71
C PHE B 254 -7.23 19.52 17.80
N SER B 255 -7.39 19.15 16.53
CA SER B 255 -6.48 19.55 15.46
C SER B 255 -7.13 20.66 14.62
N GLY B 256 -6.35 21.19 13.68
CA GLY B 256 -6.82 22.31 12.90
C GLY B 256 -8.09 22.00 12.11
N SER B 257 -8.11 20.85 11.45
CA SER B 257 -9.32 20.43 10.75
C SER B 257 -10.48 20.30 11.73
N ASP B 258 -10.20 19.77 12.92
CA ASP B 258 -11.25 19.67 13.93
C ASP B 258 -11.68 21.04 14.45
N LEU B 259 -10.75 22.00 14.52
CA LEU B 259 -11.14 23.36 14.85
C LEU B 259 -12.12 23.90 13.83
N LYS B 260 -11.80 23.68 12.55
CA LYS B 260 -12.68 24.10 11.47
C LYS B 260 -14.05 23.46 11.61
N GLU B 261 -14.07 22.15 11.89
CA GLU B 261 -15.34 21.43 11.99
C GLU B 261 -16.10 21.83 13.25
N MET B 262 -15.40 22.33 14.26
CA MET B 262 -16.09 22.80 15.46
C MET B 262 -16.79 24.12 15.19
N CYS B 263 -16.09 25.05 14.54
CA CYS B 263 -16.78 26.25 14.07
C CYS B 263 -17.95 25.86 13.19
N ARG B 264 -17.79 24.79 12.42
CA ARG B 264 -18.92 24.25 11.66
C ARG B 264 -20.10 23.89 12.54
N ASP B 265 -19.87 23.07 13.56
CA ASP B 265 -20.99 22.61 14.36
C ASP B 265 -21.68 23.80 15.02
N ALA B 266 -20.92 24.80 15.43
CA ALA B 266 -21.51 25.98 16.04
C ALA B 266 -22.42 26.72 15.07
N ALA B 267 -21.90 27.01 13.87
CA ALA B 267 -22.71 27.76 12.91
C ALA B 267 -23.98 27.02 12.55
N LEU B 268 -23.85 25.71 12.31
CA LEU B 268 -25.04 24.94 11.93
C LEU B 268 -26.02 24.83 13.08
N LEU B 269 -25.52 24.78 14.31
CA LEU B 269 -26.40 24.78 15.47
C LEU B 269 -27.22 26.06 15.54
N CYS B 270 -26.56 27.20 15.32
CA CYS B 270 -27.30 28.45 15.29
C CYS B 270 -28.34 28.46 14.18
N VAL B 271 -27.99 27.91 13.01
CA VAL B 271 -28.95 27.88 11.91
C VAL B 271 -30.15 27.01 12.27
N ARG B 272 -29.91 25.87 12.92
CA ARG B 272 -31.00 25.00 13.32
C ARG B 272 -31.94 25.69 14.28
N GLU B 273 -31.39 26.36 15.31
CA GLU B 273 -32.29 27.04 16.24
C GLU B 273 -33.04 28.16 15.54
N TYR B 274 -32.38 28.87 14.62
CA TYR B 274 -33.11 29.90 13.86
C TYR B 274 -34.28 29.32 13.10
N VAL B 275 -34.05 28.25 12.33
CA VAL B 275 -35.13 27.71 11.51
C VAL B 275 -36.25 27.20 12.39
N ASN B 276 -35.91 26.58 13.52
CA ASN B 276 -36.97 26.08 14.40
C ASN B 276 -37.77 27.21 15.04
N SER B 277 -37.11 28.33 15.35
CA SER B 277 -37.85 29.47 15.90
C SER B 277 -38.70 30.16 14.84
N THR B 278 -38.24 30.16 13.58
CA THR B 278 -38.94 30.87 12.53
C THR B 278 -40.27 30.21 12.21
N SER B 279 -40.32 28.88 12.22
CA SER B 279 -41.51 28.17 11.76
C SER B 279 -42.72 28.48 12.63
N GLU B 280 -42.52 28.82 13.90
CA GLU B 280 -43.63 29.03 14.81
C GLU B 280 -44.23 30.43 14.65
N GLU B 281 -44.67 30.76 13.44
CA GLU B 281 -45.40 31.99 13.16
C GLU B 281 -44.60 33.24 13.51
N SER B 282 -43.27 33.17 13.48
CA SER B 282 -42.44 34.34 13.71
C SER B 282 -42.45 35.24 12.47
N HIS B 283 -42.19 36.53 12.69
CA HIS B 283 -42.20 37.47 11.59
C HIS B 283 -41.07 37.17 10.60
N ASP B 284 -41.28 37.54 9.34
CA ASP B 284 -40.33 37.25 8.28
C ASP B 284 -39.26 38.33 8.19
N GLU B 285 -38.53 38.55 9.29
CA GLU B 285 -37.46 39.53 9.29
C GLU B 285 -36.20 39.02 8.61
N ASP B 286 -35.93 37.72 8.68
CA ASP B 286 -34.78 37.11 8.00
C ASP B 286 -33.46 37.64 8.55
N GLU B 287 -33.28 37.49 9.86
CA GLU B 287 -32.03 37.85 10.52
C GLU B 287 -31.74 36.83 11.61
N ILE B 288 -30.46 36.46 11.74
CA ILE B 288 -30.03 35.34 12.55
C ILE B 288 -29.28 35.84 13.76
N ARG B 289 -29.35 35.08 14.85
CA ARG B 289 -28.58 35.37 16.05
C ARG B 289 -27.10 35.28 15.74
N PRO B 290 -26.30 36.32 16.03
CA PRO B 290 -24.88 36.25 15.71
C PRO B 290 -24.14 35.27 16.60
N VAL B 291 -22.93 34.91 16.16
CA VAL B 291 -22.10 33.98 16.92
C VAL B 291 -21.82 34.58 18.29
N GLN B 292 -22.07 33.81 19.34
CA GLN B 292 -21.85 34.24 20.71
C GLN B 292 -21.15 33.12 21.48
N GLN B 293 -20.60 33.51 22.64
CA GLN B 293 -19.76 32.57 23.40
C GLN B 293 -20.49 31.25 23.66
N GLN B 294 -21.75 31.33 24.09
CA GLN B 294 -22.48 30.12 24.43
C GLN B 294 -22.59 29.18 23.24
N ASP B 295 -22.71 29.74 22.04
CA ASP B 295 -22.79 28.92 20.84
C ASP B 295 -21.57 28.03 20.71
N LEU B 296 -20.38 28.63 20.78
CA LEU B 296 -19.15 27.86 20.64
C LEU B 296 -18.96 26.94 21.84
N HIS B 297 -19.39 27.37 23.03
CA HIS B 297 -19.31 26.48 24.18
C HIS B 297 -20.08 25.18 23.94
N ARG B 298 -21.33 25.31 23.53
CA ARG B 298 -22.16 24.13 23.28
C ARG B 298 -21.59 23.31 22.12
N ALA B 299 -21.12 23.99 21.07
CA ALA B 299 -20.58 23.28 19.92
C ALA B 299 -19.33 22.49 20.31
N ILE B 300 -18.49 23.07 21.16
CA ILE B 300 -17.28 22.38 21.60
C ILE B 300 -17.64 21.21 22.49
N GLU B 301 -18.66 21.37 23.33
CA GLU B 301 -19.10 20.26 24.15
C GLU B 301 -19.59 19.10 23.28
N LYS B 302 -20.35 19.41 22.23
CA LYS B 302 -20.83 18.36 21.34
C LYS B 302 -19.68 17.75 20.54
N MET B 303 -18.68 18.56 20.18
CA MET B 303 -17.52 18.04 19.48
C MET B 303 -16.75 17.07 20.36
N LYS B 304 -16.58 17.42 21.64
CA LYS B 304 -15.95 16.52 22.58
C LYS B 304 -16.81 15.28 22.79
N LYS B 305 -18.13 15.42 22.68
CA LYS B 305 -19.00 14.25 22.75
C LYS B 305 -18.75 13.32 21.56
N SER B 306 -18.53 13.89 20.37
CA SER B 306 -18.19 13.05 19.23
C SER B 306 -16.86 12.34 19.45
N LYS B 307 -15.86 13.07 19.94
CA LYS B 307 -14.60 12.44 20.31
C LYS B 307 -14.82 11.35 21.35
N ASP B 308 -15.76 11.58 22.27
CA ASP B 308 -16.05 10.59 23.30
C ASP B 308 -16.67 9.33 22.70
N ALA B 309 -17.55 9.51 21.71
CA ALA B 309 -18.11 8.35 21.02
C ALA B 309 -17.01 7.56 20.35
N ALA B 310 -16.07 8.26 19.70
CA ALA B 310 -14.93 7.56 19.10
C ALA B 310 -14.12 6.82 20.17
N PHE B 311 -13.91 7.46 21.32
CA PHE B 311 -13.14 6.82 22.39
C PHE B 311 -13.85 5.58 22.93
N GLN B 312 -15.16 5.67 23.14
CA GLN B 312 -15.92 4.51 23.58
C GLN B 312 -15.84 3.39 22.56
N ASN B 313 -15.85 3.73 21.27
CA ASN B 313 -15.58 2.71 20.26
C ASN B 313 -14.19 2.11 20.46
N VAL B 314 -13.21 2.94 20.81
CA VAL B 314 -11.88 2.41 21.12
C VAL B 314 -11.95 1.54 22.38
N LEU B 315 -12.63 2.02 23.42
CA LEU B 315 -12.74 1.28 24.67
C LEU B 315 -13.74 0.15 24.54
N ASN C 26 -10.13 5.78 34.57
CA ASN C 26 -10.50 6.98 35.33
C ASN C 26 -9.35 7.99 35.34
N VAL C 27 -8.21 7.59 34.79
CA VAL C 27 -7.05 8.48 34.77
C VAL C 27 -7.22 9.53 33.68
N LYS C 28 -6.67 10.72 33.93
CA LYS C 28 -6.68 11.82 32.97
C LYS C 28 -5.35 11.81 32.23
N LEU C 29 -5.41 11.91 30.91
CA LEU C 29 -4.28 11.58 30.05
C LEU C 29 -4.03 12.68 29.04
N SER C 30 -2.75 12.92 28.76
CA SER C 30 -2.36 13.65 27.57
C SER C 30 -2.11 12.66 26.43
N GLU C 31 -1.99 13.18 25.20
CA GLU C 31 -1.74 12.31 24.06
C GLU C 31 -0.57 11.38 24.34
N TYR C 32 0.48 11.90 24.97
CA TYR C 32 1.61 11.08 25.37
C TYR C 32 1.17 9.96 26.30
N GLU C 33 0.41 10.31 27.35
CA GLU C 33 0.01 9.33 28.34
C GLU C 33 -0.97 8.32 27.77
N MET C 34 -1.81 8.73 26.81
CA MET C 34 -2.62 7.75 26.09
C MET C 34 -1.75 6.82 25.28
N SER C 35 -0.68 7.33 24.67
CA SER C 35 0.23 6.47 23.94
C SER C 35 0.87 5.44 24.88
N ILE C 36 1.29 5.88 26.07
CA ILE C 36 1.84 4.95 27.04
C ILE C 36 0.76 4.00 27.53
N ALA C 37 -0.46 4.50 27.73
CA ALA C 37 -1.55 3.65 28.20
C ALA C 37 -1.78 2.46 27.27
N ALA C 38 -1.47 2.62 25.99
CA ALA C 38 -1.64 1.51 25.05
C ALA C 38 -0.69 0.36 25.37
N HIS C 39 0.52 0.67 25.82
CA HIS C 39 1.49 -0.38 26.09
C HIS C 39 1.19 -1.11 27.39
N LEU C 40 0.37 -0.51 28.26
CA LEU C 40 0.05 -1.14 29.53
C LEU C 40 -0.59 -2.51 29.30
N VAL C 41 -0.10 -3.51 30.04
CA VAL C 41 -0.60 -4.86 29.89
C VAL C 41 -1.87 -5.03 30.71
N ASP C 42 -2.62 -6.07 30.39
CA ASP C 42 -3.91 -6.35 31.02
C ASP C 42 -3.79 -7.55 31.94
N PRO C 43 -4.08 -7.43 33.24
CA PRO C 43 -3.96 -8.60 34.12
C PRO C 43 -5.00 -9.68 33.86
N LEU C 44 -5.96 -9.44 32.96
CA LEU C 44 -6.99 -10.43 32.66
C LEU C 44 -6.67 -11.27 31.42
N ASN C 45 -5.62 -10.94 30.67
CA ASN C 45 -5.22 -11.73 29.52
C ASN C 45 -3.87 -12.40 29.69
N MET C 46 -3.11 -12.06 30.72
CA MET C 46 -1.87 -12.76 31.01
C MET C 46 -2.18 -14.16 31.54
N HIS C 47 -1.25 -15.09 31.32
CA HIS C 47 -1.48 -16.50 31.62
C HIS C 47 -0.67 -16.97 32.83
N VAL C 48 0.64 -16.76 32.80
CA VAL C 48 1.53 -17.47 33.71
C VAL C 48 1.31 -17.02 35.15
N THR C 49 1.59 -17.91 36.08
CA THR C 49 1.39 -17.67 37.51
C THR C 49 2.52 -18.33 38.29
N TRP C 50 2.48 -18.13 39.61
CA TRP C 50 3.40 -18.85 40.48
C TRP C 50 3.26 -20.35 40.33
N SER C 51 2.06 -20.84 39.98
CA SER C 51 1.85 -22.27 39.79
C SER C 51 2.49 -22.79 38.50
N ASP C 52 3.03 -21.89 37.67
CA ASP C 52 3.60 -22.28 36.38
C ASP C 52 5.06 -21.86 36.29
N ILE C 53 5.81 -22.02 37.37
CA ILE C 53 7.23 -21.71 37.41
C ILE C 53 7.92 -22.69 38.33
N ALA C 54 9.12 -23.13 37.95
CA ALA C 54 9.86 -24.12 38.72
C ALA C 54 11.35 -23.92 38.50
N GLY C 55 12.14 -24.50 39.39
CA GLY C 55 13.59 -24.46 39.29
C GLY C 55 14.23 -23.20 39.81
N LEU C 56 13.44 -22.23 40.26
CA LEU C 56 13.97 -20.98 40.78
C LEU C 56 13.33 -20.61 42.12
N ASP C 57 12.70 -21.57 42.80
CA ASP C 57 11.77 -21.24 43.87
C ASP C 57 12.42 -20.40 44.97
N ASP C 58 13.74 -20.51 45.15
CA ASP C 58 14.40 -19.65 46.13
C ASP C 58 14.46 -18.21 45.64
N VAL C 59 14.84 -18.01 44.39
CA VAL C 59 14.81 -16.67 43.81
C VAL C 59 13.37 -16.19 43.71
N ILE C 60 12.44 -17.10 43.45
CA ILE C 60 11.03 -16.75 43.47
C ILE C 60 10.63 -16.21 44.84
N THR C 61 11.07 -16.89 45.89
CA THR C 61 10.73 -16.48 47.25
C THR C 61 11.33 -15.10 47.55
N ASP C 62 12.59 -14.89 47.18
CA ASP C 62 13.22 -13.61 47.44
C ASP C 62 12.50 -12.48 46.69
N LEU C 63 12.24 -12.68 45.40
CA LEU C 63 11.55 -11.67 44.61
C LEU C 63 10.17 -11.39 45.18
N LYS C 64 9.42 -12.44 45.50
CA LYS C 64 8.09 -12.26 46.05
C LYS C 64 8.14 -11.43 47.33
N ASP C 65 8.95 -11.88 48.29
CA ASP C 65 8.99 -11.22 49.59
C ASP C 65 9.41 -9.77 49.46
N THR C 66 10.44 -9.49 48.65
CA THR C 66 10.97 -8.13 48.60
C THR C 66 10.08 -7.20 47.79
N VAL C 67 9.62 -7.66 46.62
CA VAL C 67 8.91 -6.77 45.70
C VAL C 67 7.42 -6.76 46.02
N ILE C 68 6.79 -7.94 46.00
CA ILE C 68 5.33 -7.99 45.98
C ILE C 68 4.76 -7.48 47.31
N LEU C 69 5.35 -7.90 48.43
CA LEU C 69 4.77 -7.58 49.73
C LEU C 69 4.63 -6.07 49.93
N PRO C 70 5.67 -5.25 49.73
CA PRO C 70 5.46 -3.80 49.84
C PRO C 70 4.46 -3.28 48.83
N ILE C 71 4.40 -3.88 47.64
CA ILE C 71 3.50 -3.39 46.60
C ILE C 71 2.05 -3.54 47.02
N LYS C 72 1.69 -4.71 47.55
CA LYS C 72 0.29 -5.04 47.74
C LYS C 72 -0.31 -4.34 48.94
N LYS C 73 0.44 -4.21 50.03
CA LYS C 73 -0.07 -3.71 51.31
C LYS C 73 0.90 -2.67 51.86
N LYS C 74 1.23 -1.68 51.02
CA LYS C 74 2.37 -0.82 51.26
C LYS C 74 2.38 -0.23 52.67
N HIS C 75 1.20 0.16 53.18
CA HIS C 75 1.19 0.86 54.46
C HIS C 75 1.78 0.00 55.57
N LEU C 76 1.81 -1.32 55.37
CA LEU C 76 2.34 -2.21 56.39
C LEU C 76 3.83 -1.99 56.63
N PHE C 77 4.58 -1.67 55.57
CA PHE C 77 6.04 -1.62 55.63
C PHE C 77 6.59 -0.21 55.81
N GLU C 78 5.74 0.80 55.98
CA GLU C 78 6.23 2.18 56.02
C GLU C 78 6.85 2.54 57.36
N ASN C 79 6.59 1.78 58.42
CA ASN C 79 7.16 2.11 59.72
C ASN C 79 8.61 1.67 59.77
N SER C 80 9.39 2.14 58.79
CA SER C 80 10.81 1.85 58.69
C SER C 80 11.38 2.75 57.60
N ARG C 81 12.55 3.35 57.86
CA ARG C 81 13.26 4.08 56.83
C ARG C 81 13.62 3.19 55.64
N LEU C 82 13.31 1.90 55.71
CA LEU C 82 13.99 0.89 54.95
C LEU C 82 13.15 -0.38 54.91
N LEU C 83 13.47 -1.21 53.92
CA LEU C 83 12.62 -2.30 53.43
C LEU C 83 11.47 -1.74 52.61
N GLN C 84 11.50 -0.43 52.38
CA GLN C 84 10.71 0.17 51.33
C GLN C 84 11.07 -0.49 50.01
N PRO C 85 10.10 -0.65 49.11
CA PRO C 85 10.38 -1.39 47.88
C PRO C 85 11.55 -0.79 47.14
N PRO C 86 12.48 -1.61 46.66
CA PRO C 86 13.71 -1.06 46.08
C PRO C 86 13.43 -0.20 44.86
N LYS C 87 14.23 0.86 44.71
CA LYS C 87 14.06 1.77 43.60
C LYS C 87 14.56 1.20 42.28
N GLY C 88 15.00 -0.05 42.27
CA GLY C 88 15.41 -0.69 41.03
C GLY C 88 15.69 -2.17 41.20
N VAL C 89 15.14 -2.98 40.31
CA VAL C 89 15.32 -4.43 40.33
C VAL C 89 15.86 -4.84 38.97
N LEU C 90 16.97 -5.57 38.97
CA LEU C 90 17.60 -6.06 37.75
C LEU C 90 17.66 -7.57 37.77
N LEU C 91 17.21 -8.19 36.67
CA LEU C 91 17.29 -9.63 36.49
C LEU C 91 18.39 -9.91 35.47
N TYR C 92 19.37 -10.73 35.88
CA TYR C 92 20.48 -11.09 35.00
C TYR C 92 20.68 -12.59 35.02
N GLY C 93 20.73 -13.18 33.83
CA GLY C 93 20.93 -14.59 33.67
C GLY C 93 21.09 -14.96 32.20
N PRO C 94 21.67 -16.12 31.92
CA PRO C 94 21.90 -16.51 30.53
C PRO C 94 20.59 -16.61 29.77
N PRO C 95 20.64 -16.52 28.44
CA PRO C 95 19.41 -16.64 27.66
C PRO C 95 18.74 -17.99 27.88
N GLY C 96 17.41 -17.97 27.89
CA GLY C 96 16.63 -19.19 28.05
C GLY C 96 16.45 -19.65 29.49
N CYS C 97 16.91 -18.88 30.46
CA CYS C 97 16.79 -19.25 31.86
C CYS C 97 15.45 -18.85 32.47
N GLY C 98 14.59 -18.18 31.71
CA GLY C 98 13.27 -17.82 32.18
C GLY C 98 13.11 -16.40 32.67
N LYS C 99 13.89 -15.45 32.15
CA LYS C 99 13.81 -14.07 32.64
C LYS C 99 12.49 -13.44 32.24
N THR C 100 12.11 -13.56 30.97
CA THR C 100 10.83 -13.01 30.53
C THR C 100 9.66 -13.70 31.23
N LEU C 101 9.77 -15.02 31.41
CA LEU C 101 8.71 -15.75 32.11
C LEU C 101 8.49 -15.18 33.50
N ILE C 102 9.59 -14.98 34.25
CA ILE C 102 9.45 -14.45 35.60
C ILE C 102 8.98 -13.01 35.58
N ALA C 103 9.41 -12.22 34.60
CA ALA C 103 8.89 -10.86 34.49
C ALA C 103 7.37 -10.88 34.38
N LYS C 104 6.84 -11.70 33.47
CA LYS C 104 5.40 -11.79 33.29
C LYS C 104 4.73 -12.32 34.56
N ALA C 105 5.33 -13.32 35.19
CA ALA C 105 4.72 -13.92 36.38
C ALA C 105 4.63 -12.90 37.51
N THR C 106 5.71 -12.14 37.73
CA THR C 106 5.67 -11.09 38.73
C THR C 106 4.63 -10.03 38.38
N ALA C 107 4.57 -9.65 37.11
CA ALA C 107 3.61 -8.63 36.69
C ALA C 107 2.18 -9.06 37.00
N LYS C 108 1.83 -10.31 36.67
CA LYS C 108 0.48 -10.77 36.93
C LYS C 108 0.23 -10.98 38.42
N GLU C 109 1.15 -11.64 39.10
CA GLU C 109 0.92 -12.01 40.51
C GLU C 109 0.94 -10.78 41.40
N ALA C 110 1.70 -9.76 41.04
CA ALA C 110 1.73 -8.54 41.84
C ALA C 110 0.35 -7.90 41.89
N GLY C 111 -0.47 -8.08 40.86
CA GLY C 111 -1.76 -7.46 40.79
C GLY C 111 -1.73 -5.97 40.50
N CYS C 112 -0.55 -5.40 40.29
CA CYS C 112 -0.41 -3.98 40.01
C CYS C 112 -0.46 -3.76 38.50
N ARG C 113 -0.10 -2.56 38.06
CA ARG C 113 -0.06 -2.20 36.66
C ARG C 113 1.37 -2.32 36.15
N PHE C 114 1.53 -2.97 35.00
CA PHE C 114 2.83 -3.32 34.45
C PHE C 114 2.95 -2.72 33.06
N ILE C 115 4.02 -1.96 32.84
CA ILE C 115 4.28 -1.31 31.57
C ILE C 115 5.49 -1.98 30.93
N ASN C 116 5.34 -2.44 29.69
CA ASN C 116 6.42 -3.06 28.93
C ASN C 116 7.01 -1.98 28.04
N LEU C 117 8.17 -1.46 28.44
CA LEU C 117 8.77 -0.30 27.78
C LEU C 117 9.86 -0.76 26.80
N GLN C 118 9.40 -1.32 25.67
CA GLN C 118 10.33 -1.78 24.66
C GLN C 118 11.06 -0.58 24.04
N PRO C 119 12.25 -0.79 23.48
CA PRO C 119 13.12 0.34 23.11
C PRO C 119 12.48 1.33 22.17
N SER C 120 11.66 0.87 21.22
CA SER C 120 11.12 1.78 20.21
C SER C 120 10.32 2.91 20.83
N THR C 121 9.83 2.71 22.06
CA THR C 121 9.01 3.72 22.71
C THR C 121 9.77 5.04 22.88
N LEU C 122 11.09 4.99 23.00
CA LEU C 122 11.88 6.19 23.29
C LEU C 122 12.75 6.63 22.14
N THR C 123 13.17 5.71 21.26
CA THR C 123 14.03 6.08 20.15
C THR C 123 13.22 6.75 19.05
N ASP C 124 12.51 7.83 19.38
CA ASP C 124 11.79 8.62 18.38
C ASP C 124 12.82 9.39 17.56
N LYS C 125 12.90 9.07 16.27
CA LYS C 125 14.01 9.53 15.44
C LYS C 125 13.83 10.94 14.89
N TRP C 126 12.62 11.49 14.93
CA TRP C 126 12.31 12.75 14.28
C TRP C 126 11.64 13.77 15.16
N TYR C 127 10.72 13.36 16.04
CA TYR C 127 9.86 14.27 16.76
C TYR C 127 10.54 14.73 18.04
N GLY C 128 10.47 16.03 18.31
CA GLY C 128 10.82 16.54 19.62
C GLY C 128 9.85 16.02 20.66
N GLU C 129 8.80 15.38 20.17
CA GLU C 129 7.87 14.63 21.02
C GLU C 129 8.59 13.70 21.98
N SER C 130 9.84 13.34 21.68
CA SER C 130 10.58 12.41 22.52
C SER C 130 10.63 12.86 23.97
N GLN C 131 11.02 14.11 24.21
CA GLN C 131 11.18 14.59 25.58
C GLN C 131 9.89 14.42 26.37
N LYS C 132 8.79 14.93 25.84
CA LYS C 132 7.52 14.80 26.53
C LYS C 132 7.11 13.33 26.66
N LEU C 133 7.52 12.49 25.71
CA LEU C 133 7.18 11.07 25.79
C LEU C 133 7.93 10.39 26.94
N ALA C 134 9.22 10.67 27.06
CA ALA C 134 9.99 10.15 28.18
C ALA C 134 9.40 10.64 29.50
N ALA C 135 8.99 11.91 29.54
CA ALA C 135 8.31 12.42 30.73
C ALA C 135 7.01 11.67 30.99
N ALA C 136 6.26 11.39 29.92
CA ALA C 136 4.92 10.81 30.08
C ALA C 136 4.99 9.38 30.58
N VAL C 137 6.03 8.63 30.22
CA VAL C 137 6.18 7.28 30.77
C VAL C 137 6.10 7.34 32.30
N PHE C 138 7.03 8.09 32.90
CA PHE C 138 7.03 8.23 34.36
C PHE C 138 5.79 8.93 34.86
N SER C 139 5.21 9.84 34.07
CA SER C 139 4.00 10.53 34.52
C SER C 139 2.86 9.53 34.73
N LEU C 140 2.63 8.67 33.73
CA LEU C 140 1.59 7.65 33.87
C LEU C 140 1.94 6.69 34.99
N ALA C 141 3.20 6.29 35.10
CA ALA C 141 3.59 5.40 36.19
C ALA C 141 3.28 6.02 37.54
N ILE C 142 3.57 7.31 37.71
CA ILE C 142 3.33 8.00 38.97
C ILE C 142 1.84 8.13 39.24
N LYS C 143 1.04 8.41 38.20
CA LYS C 143 -0.41 8.45 38.38
C LYS C 143 -0.94 7.10 38.84
N LEU C 144 -0.44 6.02 38.25
CA LEU C 144 -0.94 4.67 38.52
C LEU C 144 -0.09 4.07 39.64
N GLN C 145 -0.57 4.24 40.87
CA GLN C 145 0.15 3.75 42.06
C GLN C 145 -0.62 2.60 42.69
N PRO C 146 0.00 1.43 42.92
CA PRO C 146 1.37 1.03 42.58
C PRO C 146 1.48 0.55 41.13
N SER C 147 2.67 0.63 40.53
CA SER C 147 2.89 0.09 39.20
C SER C 147 4.37 -0.20 39.02
N ILE C 148 4.67 -1.06 38.05
CA ILE C 148 6.02 -1.55 37.81
C ILE C 148 6.38 -1.26 36.36
N ILE C 149 7.57 -0.69 36.15
CA ILE C 149 8.12 -0.44 34.82
C ILE C 149 9.16 -1.50 34.52
N PHE C 150 9.11 -2.05 33.30
CA PHE C 150 10.03 -3.09 32.89
C PHE C 150 10.67 -2.72 31.57
N ILE C 151 11.96 -3.05 31.42
CA ILE C 151 12.70 -2.80 30.20
C ILE C 151 13.44 -4.10 29.88
N ASP C 152 12.94 -4.86 28.92
CA ASP C 152 13.69 -5.98 28.39
C ASP C 152 14.85 -5.47 27.53
N GLU C 153 15.93 -6.24 27.50
CA GLU C 153 17.12 -5.85 26.75
C GLU C 153 17.56 -4.45 27.18
N ILE C 154 17.59 -4.23 28.48
CA ILE C 154 17.85 -2.89 29.02
C ILE C 154 19.21 -2.37 28.56
N ASP C 155 20.14 -3.26 28.25
CA ASP C 155 21.44 -2.81 27.76
C ASP C 155 21.30 -2.02 26.47
N SER C 156 20.31 -2.35 25.64
CA SER C 156 20.12 -1.63 24.39
C SER C 156 19.25 -0.40 24.56
N PHE C 157 18.82 -0.12 25.80
CA PHE C 157 17.78 0.88 26.01
C PHE C 157 18.21 2.26 25.52
N LEU C 158 19.45 2.65 25.78
CA LEU C 158 19.93 3.99 25.49
C LEU C 158 21.21 3.96 24.65
N ARG C 159 21.26 3.10 23.63
CA ARG C 159 22.46 2.93 22.83
C ARG C 159 22.28 3.29 21.36
N ASN C 160 21.07 3.18 20.83
CA ASN C 160 20.87 3.41 19.41
C ASN C 160 21.34 4.81 19.02
N ARG C 161 22.04 4.91 17.89
CA ARG C 161 22.67 6.14 17.48
C ARG C 161 22.49 6.36 15.98
N SER C 162 22.48 7.63 15.57
CA SER C 162 22.40 8.00 14.18
C SER C 162 22.65 9.51 14.10
N SER C 163 22.77 10.01 12.87
CA SER C 163 23.00 11.43 12.68
C SER C 163 21.92 12.28 13.36
N SER C 164 20.69 11.77 13.41
CA SER C 164 19.58 12.49 14.01
C SER C 164 19.32 12.14 15.46
N ASP C 165 20.14 11.26 16.06
CA ASP C 165 19.80 10.67 17.36
C ASP C 165 20.81 10.95 18.47
N HIS C 166 22.07 11.23 18.15
CA HIS C 166 23.10 11.26 19.18
C HIS C 166 22.80 12.31 20.25
N GLU C 167 22.54 13.55 19.85
CA GLU C 167 22.21 14.59 20.81
C GLU C 167 20.89 14.25 21.51
N ALA C 168 19.91 13.80 20.74
CA ALA C 168 18.67 13.34 21.35
C ALA C 168 18.91 12.16 22.28
N THR C 169 19.88 11.31 21.94
CA THR C 169 20.21 10.20 22.82
C THR C 169 20.73 10.71 24.16
N ALA C 170 21.62 11.70 24.13
CA ALA C 170 22.12 12.28 25.38
C ALA C 170 20.99 12.90 26.18
N MET C 171 20.09 13.60 25.49
CA MET C 171 18.95 14.21 26.18
C MET C 171 18.09 13.15 26.84
N MET C 172 17.83 12.05 26.12
CA MET C 172 17.03 10.98 26.70
C MET C 172 17.72 10.38 27.91
N LYS C 173 19.04 10.16 27.82
CA LYS C 173 19.77 9.66 28.99
C LYS C 173 19.57 10.57 30.19
N ALA C 174 19.82 11.87 30.00
CA ALA C 174 19.75 12.80 31.12
C ALA C 174 18.36 12.82 31.72
N GLN C 175 17.34 12.83 30.87
CA GLN C 175 15.96 12.87 31.36
C GLN C 175 15.63 11.61 32.15
N PHE C 176 16.04 10.45 31.66
CA PHE C 176 15.68 9.22 32.34
C PHE C 176 16.32 9.14 33.71
N MET C 177 17.61 9.47 33.82
CA MET C 177 18.21 9.43 35.16
C MET C 177 17.62 10.52 36.05
N SER C 178 17.28 11.68 35.50
CA SER C 178 16.70 12.72 36.34
C SER C 178 15.35 12.28 36.89
N LEU C 179 14.53 11.63 36.07
CA LEU C 179 13.23 11.18 36.55
C LEU C 179 13.37 10.01 37.52
N TRP C 180 14.39 9.17 37.30
CA TRP C 180 14.69 8.10 38.26
C TRP C 180 15.08 8.69 39.61
N ASP C 181 15.92 9.73 39.59
CA ASP C 181 16.25 10.43 40.83
C ASP C 181 15.02 11.07 41.45
N GLY C 182 14.07 11.51 40.60
CA GLY C 182 12.83 12.04 41.13
C GLY C 182 12.01 10.99 41.86
N LEU C 183 11.91 9.80 41.28
CA LEU C 183 11.28 8.69 41.99
C LEU C 183 12.00 8.42 43.31
N ASP C 184 13.33 8.47 43.31
CA ASP C 184 14.07 8.29 44.56
C ASP C 184 13.74 9.39 45.57
N THR C 185 13.54 10.62 45.09
CA THR C 185 13.39 11.75 45.99
C THR C 185 12.11 11.68 46.79
N ASP C 186 11.01 11.28 46.16
CA ASP C 186 9.69 11.30 46.80
C ASP C 186 9.58 10.09 47.72
N HIS C 187 9.53 10.35 49.04
CA HIS C 187 9.40 9.28 50.01
C HIS C 187 8.07 8.56 49.89
N SER C 188 7.07 9.17 49.26
CA SER C 188 5.77 8.57 49.07
C SER C 188 5.66 7.82 47.74
N CYS C 189 6.75 7.71 47.00
CA CYS C 189 6.71 7.00 45.72
C CYS C 189 6.32 5.54 45.93
N GLN C 190 5.56 5.01 44.96
CA GLN C 190 5.07 3.64 45.04
C GLN C 190 5.45 2.80 43.84
N VAL C 191 6.22 3.34 42.91
CA VAL C 191 6.50 2.69 41.62
C VAL C 191 7.90 2.11 41.64
N ILE C 192 8.05 0.96 40.99
CA ILE C 192 9.34 0.30 40.82
C ILE C 192 9.68 0.27 39.34
N VAL C 193 10.97 0.20 39.03
CA VAL C 193 11.44 0.00 37.68
C VAL C 193 12.27 -1.27 37.64
N MET C 194 12.09 -2.06 36.59
CA MET C 194 12.70 -3.38 36.47
C MET C 194 13.32 -3.52 35.09
N GLY C 195 14.28 -4.43 34.98
CA GLY C 195 14.97 -4.65 33.72
C GLY C 195 15.51 -6.05 33.62
N ALA C 196 15.75 -6.48 32.38
CA ALA C 196 16.34 -7.78 32.10
C ALA C 196 17.34 -7.65 30.96
N THR C 197 18.27 -8.59 30.89
CA THR C 197 19.33 -8.53 29.90
C THR C 197 20.09 -9.85 29.87
N ASN C 198 20.67 -10.15 28.71
CA ASN C 198 21.42 -11.38 28.50
C ASN C 198 22.92 -11.19 28.60
N ARG C 199 23.42 -10.01 28.27
CA ARG C 199 24.86 -9.70 28.35
C ARG C 199 25.00 -8.46 29.21
N PRO C 200 24.83 -8.59 30.51
CA PRO C 200 24.61 -7.40 31.35
C PRO C 200 25.87 -6.59 31.58
N GLN C 201 27.06 -7.16 31.36
CA GLN C 201 28.28 -6.39 31.53
C GLN C 201 28.25 -5.12 30.69
N ASP C 202 27.55 -5.14 29.56
CA ASP C 202 27.52 -3.99 28.68
C ASP C 202 26.80 -2.81 29.31
N LEU C 203 26.10 -3.04 30.41
CA LEU C 203 25.29 -1.99 31.02
C LEU C 203 26.14 -0.78 31.37
N ASP C 204 25.59 0.41 31.13
CA ASP C 204 26.29 1.65 31.43
C ASP C 204 26.53 1.78 32.93
N SER C 205 27.64 2.42 33.29
CA SER C 205 27.98 2.58 34.70
C SER C 205 26.89 3.30 35.46
N ALA C 206 26.13 4.16 34.78
CA ALA C 206 25.01 4.84 35.44
C ALA C 206 23.97 3.83 35.92
N ILE C 207 23.67 2.84 35.09
CA ILE C 207 22.77 1.77 35.50
C ILE C 207 23.37 0.98 36.64
N MET C 208 24.66 0.65 36.52
CA MET C 208 25.33 -0.12 37.56
C MET C 208 25.23 0.57 38.92
N ARG C 209 25.36 1.91 38.93
CA ARG C 209 25.23 2.64 40.18
C ARG C 209 23.79 2.63 40.68
N ARG C 210 22.84 2.43 39.77
CA ARG C 210 21.44 2.32 40.14
C ARG C 210 21.08 0.83 40.22
N MET C 211 19.79 0.52 40.36
CA MET C 211 19.34 -0.86 40.46
C MET C 211 20.05 -1.54 41.63
N PRO C 212 19.70 -1.16 42.87
CA PRO C 212 20.43 -1.72 44.02
C PRO C 212 20.26 -3.23 44.16
N THR C 213 19.02 -3.71 44.17
CA THR C 213 18.74 -5.12 44.38
C THR C 213 18.78 -5.85 43.04
N ARG C 214 19.53 -6.94 42.99
CA ARG C 214 19.79 -7.66 41.76
C ARG C 214 19.63 -9.15 42.01
N PHE C 215 18.82 -9.80 41.18
CA PHE C 215 18.47 -11.21 41.35
C PHE C 215 19.05 -11.99 40.17
N HIS C 216 19.77 -13.06 40.47
CA HIS C 216 20.40 -13.89 39.44
C HIS C 216 19.45 -15.00 39.05
N ILE C 217 19.02 -15.00 37.79
CA ILE C 217 18.22 -16.09 37.24
C ILE C 217 19.18 -17.17 36.76
N ASN C 218 19.56 -18.06 37.67
CA ASN C 218 20.61 -19.04 37.37
C ASN C 218 20.06 -20.18 36.51
N GLN C 219 20.98 -20.88 35.86
CA GLN C 219 20.62 -22.08 35.13
C GLN C 219 20.21 -23.18 36.12
N PRO C 220 19.32 -24.08 35.71
CA PRO C 220 18.85 -25.11 36.65
C PRO C 220 19.93 -26.15 36.92
N ALA C 221 20.18 -26.41 38.20
CA ALA C 221 21.07 -27.48 38.58
C ALA C 221 20.34 -28.83 38.41
N LEU C 222 21.02 -29.90 38.78
CA LEU C 222 20.47 -31.24 38.57
C LEU C 222 19.08 -31.36 39.19
N LYS C 223 18.96 -31.00 40.47
CA LYS C 223 17.65 -31.04 41.12
C LYS C 223 16.69 -30.04 40.48
N GLN C 224 17.20 -28.85 40.17
CA GLN C 224 16.35 -27.85 39.51
C GLN C 224 15.93 -28.34 38.13
N ARG C 225 16.83 -29.00 37.41
CA ARG C 225 16.48 -29.55 36.10
C ARG C 225 15.39 -30.60 36.23
N GLU C 226 15.50 -31.46 37.25
CA GLU C 226 14.45 -32.45 37.47
C GLU C 226 13.12 -31.77 37.76
N ALA C 227 13.15 -30.69 38.55
CA ALA C 227 11.93 -29.95 38.83
C ALA C 227 11.35 -29.36 37.54
N ILE C 228 12.21 -28.84 36.66
CA ILE C 228 11.74 -28.27 35.40
C ILE C 228 11.06 -29.34 34.57
N LEU C 229 11.68 -30.51 34.47
CA LEU C 229 11.10 -31.60 33.70
C LEU C 229 9.77 -32.03 34.30
N LYS C 230 9.68 -32.09 35.62
CA LYS C 230 8.41 -32.42 36.25
C LYS C 230 7.34 -31.39 35.91
N LEU C 231 7.69 -30.11 35.94
CA LEU C 231 6.72 -29.08 35.60
C LEU C 231 6.23 -29.23 34.17
N ILE C 232 7.16 -29.47 33.23
CA ILE C 232 6.78 -29.58 31.83
C ILE C 232 5.90 -30.82 31.62
N LEU C 233 6.33 -31.96 32.16
CA LEU C 233 5.63 -33.21 31.91
C LEU C 233 4.34 -33.31 32.72
N LYS C 234 4.11 -32.37 33.62
CA LYS C 234 3.03 -32.54 34.61
C LYS C 234 1.69 -32.85 33.95
N ASN C 235 1.41 -32.24 32.81
CA ASN C 235 0.15 -32.46 32.09
C ASN C 235 0.41 -32.89 30.66
N GLU C 236 1.50 -33.63 30.46
CA GLU C 236 1.71 -34.44 29.27
C GLU C 236 1.11 -35.82 29.53
N ASN C 237 1.06 -36.68 28.52
CA ASN C 237 0.65 -38.07 28.70
C ASN C 237 1.91 -38.89 28.94
N VAL C 238 2.07 -39.39 30.17
CA VAL C 238 3.33 -39.96 30.62
C VAL C 238 3.06 -41.32 31.23
N ASP C 239 3.93 -42.28 30.91
CA ASP C 239 3.95 -43.56 31.61
C ASP C 239 4.67 -43.39 32.94
N ARG C 240 4.10 -43.94 34.00
CA ARG C 240 4.61 -43.67 35.35
C ARG C 240 6.05 -44.15 35.52
N HIS C 241 6.48 -45.15 34.76
CA HIS C 241 7.78 -45.75 34.96
C HIS C 241 8.91 -44.98 34.27
N VAL C 242 8.63 -43.76 33.82
CA VAL C 242 9.70 -42.88 33.36
C VAL C 242 10.62 -42.56 34.53
N ASP C 243 11.92 -42.52 34.26
CA ASP C 243 12.92 -42.09 35.23
C ASP C 243 13.60 -40.85 34.65
N LEU C 244 13.64 -39.78 35.46
CA LEU C 244 14.00 -38.46 34.94
C LEU C 244 15.43 -38.09 35.31
N LEU C 245 15.92 -38.54 36.46
CA LEU C 245 17.25 -38.13 36.89
C LEU C 245 18.29 -38.44 35.82
N GLU C 246 18.16 -39.58 35.13
CA GLU C 246 19.01 -39.84 33.99
C GLU C 246 18.79 -38.79 32.91
N VAL C 247 17.53 -38.44 32.66
CA VAL C 247 17.22 -37.35 31.74
C VAL C 247 17.81 -36.04 32.26
N ALA C 248 17.79 -35.87 33.59
CA ALA C 248 18.37 -34.67 34.16
C ALA C 248 19.86 -34.57 33.87
N GLN C 249 20.59 -35.68 34.01
CA GLN C 249 22.02 -35.66 33.70
C GLN C 249 22.25 -35.42 32.21
N GLU C 250 21.53 -36.14 31.36
CA GLU C 250 21.75 -35.98 29.92
C GLU C 250 21.36 -34.58 29.46
N THR C 251 20.48 -33.91 30.20
CA THR C 251 20.03 -32.58 29.81
C THR C 251 20.87 -31.49 30.44
N ASP C 252 21.86 -31.84 31.25
CA ASP C 252 22.59 -30.82 32.01
C ASP C 252 23.24 -29.78 31.11
N GLY C 253 23.53 -30.13 29.86
CA GLY C 253 24.14 -29.18 28.96
C GLY C 253 23.18 -28.14 28.43
N PHE C 254 21.88 -28.35 28.62
CA PHE C 254 20.86 -27.50 28.03
C PHE C 254 20.47 -26.37 28.97
N SER C 255 19.72 -25.41 28.42
CA SER C 255 19.05 -24.38 29.20
C SER C 255 17.56 -24.69 29.28
N GLY C 256 16.84 -23.88 30.06
CA GLY C 256 15.43 -24.14 30.29
C GLY C 256 14.61 -24.15 29.01
N SER C 257 14.83 -23.15 28.15
CA SER C 257 14.14 -23.13 26.87
C SER C 257 14.50 -24.37 26.06
N ASP C 258 15.77 -24.78 26.12
CA ASP C 258 16.18 -25.99 25.42
C ASP C 258 15.57 -27.24 26.05
N LEU C 259 15.38 -27.25 27.36
CA LEU C 259 14.65 -28.35 27.99
C LEU C 259 13.24 -28.45 27.43
N LYS C 260 12.57 -27.30 27.33
CA LYS C 260 11.24 -27.23 26.76
C LYS C 260 11.25 -27.77 25.33
N GLU C 261 12.21 -27.34 24.54
CA GLU C 261 12.27 -27.75 23.14
C GLU C 261 12.65 -29.22 23.01
N MET C 262 13.34 -29.77 24.01
CA MET C 262 13.65 -31.20 23.98
C MET C 262 12.41 -32.03 24.23
N CYS C 263 11.63 -31.66 25.26
CA CYS C 263 10.33 -32.30 25.43
C CYS C 263 9.52 -32.14 24.15
N ARG C 264 9.68 -31.01 23.48
CA ARG C 264 9.06 -30.84 22.16
C ARG C 264 9.48 -31.91 21.18
N ASP C 265 10.77 -32.09 20.99
CA ASP C 265 11.22 -33.02 19.97
C ASP C 265 10.73 -34.43 20.29
N ALA C 266 10.70 -34.77 21.59
CA ALA C 266 10.21 -36.09 21.97
C ALA C 266 8.74 -36.28 21.61
N ALA C 267 7.90 -35.31 21.99
CA ALA C 267 6.47 -35.46 21.72
C ALA C 267 6.21 -35.55 20.22
N LEU C 268 6.87 -34.68 19.44
CA LEU C 268 6.63 -34.69 18.00
C LEU C 268 7.16 -35.97 17.37
N LEU C 269 8.26 -36.51 17.90
CA LEU C 269 8.78 -37.79 17.41
C LEU C 269 7.75 -38.90 17.61
N CYS C 270 7.14 -38.94 18.80
CA CYS C 270 6.10 -39.93 19.05
C CYS C 270 4.94 -39.75 18.09
N VAL C 271 4.56 -38.49 17.81
CA VAL C 271 3.46 -38.24 16.89
C VAL C 271 3.80 -38.73 15.50
N ARG C 272 5.04 -38.48 15.06
CA ARG C 272 5.46 -38.93 13.73
C ARG C 272 5.38 -40.44 13.61
N GLU C 273 5.92 -41.16 14.61
CA GLU C 273 5.85 -42.62 14.52
C GLU C 273 4.40 -43.10 14.54
N TYR C 274 3.55 -42.45 15.35
CA TYR C 274 2.13 -42.82 15.34
C TYR C 274 1.52 -42.66 13.95
N VAL C 275 1.70 -41.50 13.34
CA VAL C 275 1.05 -41.26 12.06
C VAL C 275 1.58 -42.22 11.01
N ASN C 276 2.88 -42.53 11.05
CA ASN C 276 3.44 -43.45 10.07
C ASN C 276 2.93 -44.87 10.29
N SER C 277 2.71 -45.27 11.53
CA SER C 277 2.15 -46.60 11.77
C SER C 277 0.67 -46.67 11.41
N THR C 278 -0.06 -45.57 11.57
CA THR C 278 -1.49 -45.57 11.32
C THR C 278 -1.80 -45.76 9.84
N SER C 279 -1.00 -45.14 8.97
CA SER C 279 -1.33 -45.14 7.54
C SER C 279 -1.34 -46.54 6.96
N GLU C 280 -0.56 -47.46 7.52
CA GLU C 280 -0.43 -48.80 6.96
C GLU C 280 -1.60 -49.70 7.36
N GLU C 281 -2.82 -49.27 7.06
CA GLU C 281 -4.03 -50.06 7.24
C GLU C 281 -4.25 -50.48 8.70
N SER C 282 -3.74 -49.70 9.64
CA SER C 282 -4.00 -49.97 11.05
C SER C 282 -5.42 -49.56 11.42
N HIS C 283 -5.95 -50.19 12.47
CA HIS C 283 -7.31 -49.90 12.89
C HIS C 283 -7.42 -48.46 13.40
N ASP C 284 -8.62 -47.90 13.28
CA ASP C 284 -8.86 -46.52 13.64
C ASP C 284 -9.19 -46.38 15.13
N GLU C 285 -8.29 -46.85 15.99
CA GLU C 285 -8.48 -46.74 17.42
C GLU C 285 -8.21 -45.33 17.95
N ASP C 286 -7.28 -44.60 17.34
CA ASP C 286 -6.99 -43.22 17.72
C ASP C 286 -6.45 -43.14 19.15
N GLU C 287 -5.37 -43.86 19.39
CA GLU C 287 -4.66 -43.81 20.67
C GLU C 287 -3.16 -43.90 20.41
N ILE C 288 -2.39 -43.11 21.16
CA ILE C 288 -0.98 -42.89 20.90
C ILE C 288 -0.15 -43.54 21.99
N ARG C 289 1.06 -43.96 21.62
CA ARG C 289 2.01 -44.51 22.57
C ARG C 289 2.38 -43.44 23.59
N PRO C 290 2.25 -43.70 24.89
CA PRO C 290 2.57 -42.67 25.88
C PRO C 290 4.06 -42.41 25.96
N VAL C 291 4.40 -41.27 26.57
CA VAL C 291 5.80 -40.89 26.74
C VAL C 291 6.51 -41.96 27.55
N GLN C 292 7.63 -42.44 27.02
CA GLN C 292 8.42 -43.47 27.68
C GLN C 292 9.90 -43.08 27.62
N GLN C 293 10.70 -43.75 28.45
CA GLN C 293 12.10 -43.36 28.62
C GLN C 293 12.82 -43.30 27.28
N GLN C 294 12.63 -44.32 26.44
CA GLN C 294 13.35 -44.37 25.17
C GLN C 294 13.02 -43.15 24.31
N ASP C 295 11.77 -42.67 24.39
CA ASP C 295 11.39 -41.50 23.62
C ASP C 295 12.27 -40.31 23.96
N LEU C 296 12.39 -40.00 25.25
CA LEU C 296 13.20 -38.86 25.67
C LEU C 296 14.67 -39.13 25.42
N HIS C 297 15.11 -40.38 25.54
CA HIS C 297 16.50 -40.71 25.22
C HIS C 297 16.82 -40.32 23.79
N ARG C 298 16.00 -40.79 22.85
CA ARG C 298 16.25 -40.49 21.44
C ARG C 298 16.12 -39.00 21.17
N ALA C 299 15.12 -38.36 21.79
CA ALA C 299 14.94 -36.93 21.57
C ALA C 299 16.14 -36.13 22.08
N ILE C 300 16.69 -36.54 23.22
CA ILE C 300 17.85 -35.84 23.76
C ILE C 300 19.06 -36.07 22.89
N GLU C 301 19.20 -37.29 22.35
CA GLU C 301 20.30 -37.55 21.43
C GLU C 301 20.20 -36.66 20.20
N LYS C 302 18.99 -36.51 19.66
CA LYS C 302 18.81 -35.65 18.48
C LYS C 302 19.03 -34.18 18.85
N MET C 303 18.64 -33.79 20.05
CA MET C 303 18.87 -32.42 20.50
C MET C 303 20.36 -32.14 20.60
N LYS C 304 21.12 -33.09 21.16
CA LYS C 304 22.56 -32.95 21.21
C LYS C 304 23.15 -32.96 19.81
N LYS C 305 22.50 -33.67 18.88
CA LYS C 305 22.95 -33.62 17.49
C LYS C 305 22.77 -32.23 16.90
N SER C 306 21.66 -31.58 17.24
CA SER C 306 21.46 -30.19 16.80
C SER C 306 22.53 -29.28 17.38
N LYS C 307 22.79 -29.42 18.69
CA LYS C 307 23.89 -28.68 19.30
C LYS C 307 25.21 -28.99 18.60
N ASP C 308 25.39 -30.23 18.17
CA ASP C 308 26.62 -30.61 17.49
C ASP C 308 26.72 -29.95 16.12
N ALA C 309 25.59 -29.83 15.42
CA ALA C 309 25.59 -29.11 14.15
C ALA C 309 26.00 -27.65 14.38
N ALA C 310 25.45 -27.03 15.43
CA ALA C 310 25.85 -25.67 15.76
C ALA C 310 27.35 -25.60 16.07
N PHE C 311 27.86 -26.58 16.81
CA PHE C 311 29.27 -26.59 17.17
C PHE C 311 30.16 -26.75 15.93
N GLN C 312 29.78 -27.65 15.02
CA GLN C 312 30.53 -27.80 13.78
C GLN C 312 30.50 -26.51 12.97
N ASN C 313 29.37 -25.80 12.97
CA ASN C 313 29.37 -24.47 12.38
C ASN C 313 30.37 -23.56 13.07
N VAL C 314 30.47 -23.66 14.40
CA VAL C 314 31.49 -22.90 15.12
C VAL C 314 32.89 -23.37 14.72
N LEU C 315 33.09 -24.68 14.67
CA LEU C 315 34.40 -25.24 14.31
C LEU C 315 34.62 -25.15 12.80
N ASN D 26 -25.94 -29.90 -38.29
CA ASN D 26 -26.22 -31.22 -37.74
C ASN D 26 -26.42 -31.16 -36.22
N VAL D 27 -26.19 -29.97 -35.64
CA VAL D 27 -26.33 -29.82 -34.21
C VAL D 27 -27.81 -29.72 -33.84
N LYS D 28 -28.15 -30.22 -32.66
CA LYS D 28 -29.49 -30.15 -32.12
C LYS D 28 -29.57 -28.95 -31.18
N LEU D 29 -30.63 -28.14 -31.36
CA LEU D 29 -30.67 -26.81 -30.78
C LEU D 29 -31.98 -26.56 -30.05
N SER D 30 -31.88 -25.82 -28.95
CA SER D 30 -33.05 -25.19 -28.35
C SER D 30 -33.21 -23.79 -28.93
N GLU D 31 -34.37 -23.19 -28.67
CA GLU D 31 -34.61 -21.84 -29.17
C GLU D 31 -33.45 -20.92 -28.80
N TYR D 32 -32.94 -21.06 -27.57
CA TYR D 32 -31.78 -20.29 -27.15
C TYR D 32 -30.59 -20.57 -28.06
N GLU D 33 -30.30 -21.85 -28.29
CA GLU D 33 -29.11 -22.21 -29.07
C GLU D 33 -29.27 -21.82 -30.53
N MET D 34 -30.50 -21.84 -31.05
CA MET D 34 -30.72 -21.29 -32.39
C MET D 34 -30.47 -19.79 -32.39
N SER D 35 -30.85 -19.08 -31.32
CA SER D 35 -30.56 -17.66 -31.25
C SER D 35 -29.05 -17.42 -31.26
N ILE D 36 -28.29 -18.22 -30.50
CA ILE D 36 -26.84 -18.10 -30.51
C ILE D 36 -26.29 -18.51 -31.88
N ALA D 37 -26.87 -19.54 -32.49
CA ALA D 37 -26.39 -19.99 -33.78
C ALA D 37 -26.44 -18.87 -34.82
N ALA D 38 -27.37 -17.93 -34.66
CA ALA D 38 -27.46 -16.81 -35.60
C ALA D 38 -26.22 -15.92 -35.54
N HIS D 39 -25.65 -15.74 -34.34
CA HIS D 39 -24.51 -14.86 -34.20
C HIS D 39 -23.23 -15.52 -34.70
N LEU D 40 -23.22 -16.85 -34.85
CA LEU D 40 -22.04 -17.54 -35.32
C LEU D 40 -21.61 -17.00 -36.68
N VAL D 41 -20.32 -16.73 -36.81
CA VAL D 41 -19.80 -16.19 -38.06
C VAL D 41 -19.53 -17.32 -39.04
N ASP D 42 -19.41 -16.96 -40.31
CA ASP D 42 -19.23 -17.92 -41.39
C ASP D 42 -17.80 -17.83 -41.91
N PRO D 43 -17.01 -18.92 -41.89
CA PRO D 43 -15.65 -18.85 -42.40
C PRO D 43 -15.56 -18.66 -43.91
N LEU D 44 -16.67 -18.69 -44.63
CA LEU D 44 -16.67 -18.51 -46.08
C LEU D 44 -16.97 -17.08 -46.51
N ASN D 45 -17.35 -16.19 -45.59
CA ASN D 45 -17.59 -14.80 -45.93
C ASN D 45 -16.60 -13.85 -45.27
N MET D 46 -15.78 -14.32 -44.33
CA MET D 46 -14.74 -13.49 -43.76
C MET D 46 -13.63 -13.27 -44.78
N HIS D 47 -12.92 -12.15 -44.65
CA HIS D 47 -11.95 -11.74 -45.66
C HIS D 47 -10.51 -11.88 -45.17
N VAL D 48 -10.20 -11.28 -44.03
CA VAL D 48 -8.82 -11.05 -43.64
C VAL D 48 -8.11 -12.36 -43.34
N THR D 49 -6.80 -12.37 -43.55
CA THR D 49 -5.98 -13.56 -43.36
C THR D 49 -4.63 -13.15 -42.80
N TRP D 50 -3.79 -14.15 -42.51
CA TRP D 50 -2.42 -13.87 -42.13
C TRP D 50 -1.68 -13.06 -43.18
N SER D 51 -2.06 -13.21 -44.46
CA SER D 51 -1.43 -12.44 -45.52
C SER D 51 -1.84 -10.98 -45.51
N ASP D 52 -2.80 -10.60 -44.67
CA ASP D 52 -3.31 -9.24 -44.63
C ASP D 52 -3.13 -8.63 -43.25
N ILE D 53 -1.99 -8.87 -42.62
CA ILE D 53 -1.66 -8.30 -41.32
C ILE D 53 -0.16 -8.04 -41.27
N ALA D 54 0.23 -6.93 -40.65
CA ALA D 54 1.62 -6.54 -40.59
C ALA D 54 1.85 -5.70 -39.34
N GLY D 55 3.12 -5.58 -38.95
CA GLY D 55 3.53 -4.77 -37.83
C GLY D 55 3.37 -5.43 -36.48
N LEU D 56 2.86 -6.66 -36.43
CA LEU D 56 2.67 -7.38 -35.18
C LEU D 56 3.21 -8.80 -35.27
N ASP D 57 4.06 -9.09 -36.25
CA ASP D 57 4.34 -10.47 -36.63
C ASP D 57 4.86 -11.30 -35.46
N ASP D 58 5.51 -10.67 -34.48
CA ASP D 58 5.95 -11.42 -33.31
C ASP D 58 4.75 -11.82 -32.45
N VAL D 59 3.85 -10.87 -32.19
CA VAL D 59 2.62 -11.21 -31.47
C VAL D 59 1.79 -12.16 -32.30
N ILE D 60 1.81 -12.00 -33.63
CA ILE D 60 1.12 -12.94 -34.50
C ILE D 60 1.67 -14.34 -34.29
N THR D 61 3.00 -14.47 -34.24
CA THR D 61 3.62 -15.77 -34.05
C THR D 61 3.22 -16.38 -32.71
N ASP D 62 3.27 -15.57 -31.65
CA ASP D 62 2.91 -16.07 -30.34
C ASP D 62 1.46 -16.55 -30.31
N LEU D 63 0.54 -15.71 -30.80
CA LEU D 63 -0.87 -16.07 -30.82
C LEU D 63 -1.09 -17.34 -31.64
N LYS D 64 -0.50 -17.39 -32.83
CA LYS D 64 -0.65 -18.56 -33.68
C LYS D 64 -0.19 -19.81 -32.95
N ASP D 65 1.05 -19.80 -32.47
CA ASP D 65 1.63 -20.99 -31.86
C ASP D 65 0.81 -21.45 -30.66
N THR D 66 0.41 -20.51 -29.80
CA THR D 66 -0.25 -20.91 -28.56
C THR D 66 -1.69 -21.31 -28.79
N VAL D 67 -2.44 -20.53 -29.58
CA VAL D 67 -3.87 -20.75 -29.71
C VAL D 67 -4.16 -21.76 -30.82
N ILE D 68 -3.70 -21.47 -32.04
CA ILE D 68 -4.17 -22.20 -33.20
C ILE D 68 -3.70 -23.65 -33.16
N LEU D 69 -2.44 -23.87 -32.81
CA LEU D 69 -1.88 -25.22 -32.88
C LEU D 69 -2.66 -26.22 -32.03
N PRO D 70 -2.94 -25.96 -30.74
CA PRO D 70 -3.79 -26.90 -30.01
C PRO D 70 -5.18 -27.02 -30.60
N ILE D 71 -5.71 -25.94 -31.19
CA ILE D 71 -7.06 -25.97 -31.71
C ILE D 71 -7.17 -26.95 -32.88
N LYS D 72 -6.21 -26.88 -33.80
CA LYS D 72 -6.36 -27.58 -35.07
C LYS D 72 -6.09 -29.07 -34.94
N LYS D 73 -5.11 -29.47 -34.13
CA LYS D 73 -4.67 -30.85 -34.05
C LYS D 73 -4.56 -31.26 -32.58
N LYS D 74 -5.64 -31.03 -31.84
CA LYS D 74 -5.57 -31.03 -30.38
C LYS D 74 -4.89 -32.29 -29.83
N HIS D 75 -5.15 -33.45 -30.43
CA HIS D 75 -4.64 -34.68 -29.84
C HIS D 75 -3.12 -34.66 -29.75
N LEU D 76 -2.47 -33.83 -30.57
CA LEU D 76 -1.01 -33.76 -30.57
C LEU D 76 -0.47 -33.25 -29.24
N PHE D 77 -1.16 -32.31 -28.61
CA PHE D 77 -0.66 -31.61 -27.43
C PHE D 77 -1.18 -32.17 -26.12
N GLU D 78 -1.94 -33.27 -26.13
CA GLU D 78 -2.55 -33.74 -24.89
C GLU D 78 -1.58 -34.51 -24.02
N ASN D 79 -0.44 -34.96 -24.54
CA ASN D 79 0.50 -35.71 -23.72
C ASN D 79 1.30 -34.73 -22.86
N SER D 80 0.57 -33.92 -22.10
CA SER D 80 1.15 -32.94 -21.18
C SER D 80 0.02 -32.38 -20.33
N ARG D 81 0.25 -32.26 -19.02
CA ARG D 81 -0.68 -31.55 -18.16
C ARG D 81 -0.91 -30.11 -18.59
N LEU D 82 -0.20 -29.65 -19.61
CA LEU D 82 0.08 -28.25 -19.81
C LEU D 82 0.50 -28.01 -21.25
N LEU D 83 0.40 -26.75 -21.64
CA LEU D 83 0.39 -26.30 -23.04
C LEU D 83 -0.94 -26.65 -23.70
N GLN D 84 -1.87 -27.15 -22.89
CA GLN D 84 -3.26 -27.19 -23.28
C GLN D 84 -3.71 -25.77 -23.59
N PRO D 85 -4.60 -25.59 -24.57
CA PRO D 85 -4.97 -24.24 -24.97
C PRO D 85 -5.46 -23.44 -23.79
N PRO D 86 -5.01 -22.19 -23.64
CA PRO D 86 -5.33 -21.45 -22.42
C PRO D 86 -6.83 -21.23 -22.27
N LYS D 87 -7.29 -21.26 -21.03
CA LYS D 87 -8.71 -21.07 -20.74
C LYS D 87 -9.16 -19.62 -20.88
N GLY D 88 -8.28 -18.73 -21.31
CA GLY D 88 -8.66 -17.35 -21.55
C GLY D 88 -7.56 -16.55 -22.22
N VAL D 89 -7.92 -15.82 -23.27
CA VAL D 89 -7.00 -14.98 -24.02
C VAL D 89 -7.56 -13.57 -24.03
N LEU D 90 -6.75 -12.61 -23.62
CA LEU D 90 -7.14 -11.21 -23.60
C LEU D 90 -6.20 -10.40 -24.48
N LEU D 91 -6.79 -9.58 -25.35
CA LEU D 91 -6.05 -8.66 -26.19
C LEU D 91 -6.23 -7.25 -25.66
N TYR D 92 -5.13 -6.58 -25.35
CA TYR D 92 -5.18 -5.22 -24.82
C TYR D 92 -4.21 -4.34 -25.59
N GLY D 93 -4.71 -3.21 -26.06
CA GLY D 93 -3.92 -2.25 -26.80
C GLY D 93 -4.72 -1.00 -27.09
N PRO D 94 -4.04 0.10 -27.40
CA PRO D 94 -4.74 1.36 -27.65
C PRO D 94 -5.69 1.23 -28.83
N PRO D 95 -6.70 2.09 -28.91
CA PRO D 95 -7.62 2.03 -30.06
C PRO D 95 -6.88 2.23 -31.37
N GLY D 96 -7.34 1.51 -32.40
CA GLY D 96 -6.77 1.62 -33.72
C GLY D 96 -5.52 0.81 -33.96
N CYS D 97 -5.10 -0.01 -32.99
CA CYS D 97 -3.90 -0.81 -33.14
C CYS D 97 -4.15 -2.14 -33.84
N GLY D 98 -5.40 -2.43 -34.19
CA GLY D 98 -5.71 -3.63 -34.95
C GLY D 98 -6.25 -4.79 -34.12
N LYS D 99 -6.93 -4.52 -33.01
CA LYS D 99 -7.41 -5.60 -32.16
C LYS D 99 -8.53 -6.37 -32.84
N THR D 100 -9.51 -5.66 -33.39
CA THR D 100 -10.60 -6.32 -34.11
C THR D 100 -10.08 -7.04 -35.35
N LEU D 101 -9.13 -6.43 -36.05
CA LEU D 101 -8.55 -7.08 -37.23
C LEU D 101 -7.94 -8.41 -36.86
N ILE D 102 -7.14 -8.45 -35.78
CA ILE D 102 -6.52 -9.69 -35.38
C ILE D 102 -7.55 -10.69 -34.86
N ALA D 103 -8.59 -10.21 -34.17
CA ALA D 103 -9.65 -11.11 -33.76
C ALA D 103 -10.23 -11.84 -34.96
N LYS D 104 -10.59 -11.07 -35.99
CA LYS D 104 -11.16 -11.68 -37.19
C LYS D 104 -10.16 -12.61 -37.88
N ALA D 105 -8.89 -12.19 -37.94
CA ALA D 105 -7.88 -13.00 -38.61
C ALA D 105 -7.68 -14.33 -37.91
N THR D 106 -7.62 -14.31 -36.58
CA THR D 106 -7.52 -15.55 -35.82
C THR D 106 -8.75 -16.41 -36.03
N ALA D 107 -9.93 -15.78 -36.02
CA ALA D 107 -11.16 -16.55 -36.20
C ALA D 107 -11.16 -17.29 -37.52
N LYS D 108 -10.80 -16.60 -38.61
CA LYS D 108 -10.79 -17.25 -39.91
C LYS D 108 -9.67 -18.27 -40.02
N GLU D 109 -8.45 -17.90 -39.62
CA GLU D 109 -7.30 -18.77 -39.84
C GLU D 109 -7.36 -20.00 -38.96
N ALA D 110 -7.97 -19.89 -37.77
CA ALA D 110 -8.10 -21.04 -36.90
C ALA D 110 -8.91 -22.15 -37.56
N GLY D 111 -9.83 -21.79 -38.46
CA GLY D 111 -10.70 -22.75 -39.09
C GLY D 111 -11.78 -23.31 -38.19
N CYS D 112 -11.87 -22.85 -36.95
CA CYS D 112 -12.87 -23.32 -36.00
C CYS D 112 -14.12 -22.45 -36.12
N ARG D 113 -15.02 -22.60 -35.15
CA ARG D 113 -16.24 -21.81 -35.09
C ARG D 113 -16.06 -20.66 -34.12
N PHE D 114 -16.47 -19.46 -34.55
CA PHE D 114 -16.22 -18.24 -33.83
C PHE D 114 -17.53 -17.54 -33.55
N ILE D 115 -17.78 -17.23 -32.28
CA ILE D 115 -19.01 -16.57 -31.85
C ILE D 115 -18.65 -15.16 -31.42
N ASN D 116 -19.35 -14.17 -31.99
CA ASN D 116 -19.16 -12.77 -31.63
C ASN D 116 -20.25 -12.43 -30.62
N LEU D 117 -19.87 -12.36 -29.35
CA LEU D 117 -20.83 -12.19 -28.27
C LEU D 117 -20.91 -10.72 -27.84
N GLN D 118 -21.55 -9.91 -28.68
CA GLN D 118 -21.70 -8.50 -28.37
C GLN D 118 -22.61 -8.32 -27.16
N PRO D 119 -22.49 -7.20 -26.45
CA PRO D 119 -23.13 -7.10 -25.12
C PRO D 119 -24.63 -7.32 -25.14
N SER D 120 -25.34 -6.88 -26.18
CA SER D 120 -26.78 -6.96 -26.17
C SER D 120 -27.28 -8.39 -26.02
N THR D 121 -26.43 -9.36 -26.36
CA THR D 121 -26.83 -10.76 -26.28
C THR D 121 -27.23 -11.17 -24.86
N LEU D 122 -26.66 -10.52 -23.85
CA LEU D 122 -26.89 -10.93 -22.47
C LEU D 122 -27.70 -9.91 -21.66
N THR D 123 -27.65 -8.64 -22.03
CA THR D 123 -28.40 -7.62 -21.27
C THR D 123 -29.87 -7.67 -21.64
N ASP D 124 -30.50 -8.83 -21.48
CA ASP D 124 -31.94 -8.94 -21.68
C ASP D 124 -32.65 -8.25 -20.53
N LYS D 125 -33.37 -7.18 -20.84
CA LYS D 125 -33.87 -6.27 -19.81
C LYS D 125 -35.17 -6.74 -19.16
N TRP D 126 -35.88 -7.69 -19.76
CA TRP D 126 -37.20 -8.07 -19.30
C TRP D 126 -37.40 -9.56 -19.08
N TYR D 127 -36.83 -10.40 -19.92
CA TYR D 127 -37.13 -11.82 -19.94
C TYR D 127 -36.23 -12.56 -18.95
N GLY D 128 -36.83 -13.46 -18.17
CA GLY D 128 -36.05 -14.42 -17.41
C GLY D 128 -35.33 -15.35 -18.34
N GLU D 129 -35.66 -15.25 -19.62
CA GLU D 129 -34.93 -15.92 -20.69
C GLU D 129 -33.42 -15.70 -20.58
N SER D 130 -32.99 -14.65 -19.85
CA SER D 130 -31.58 -14.33 -19.74
C SER D 130 -30.77 -15.51 -19.24
N GLN D 131 -31.20 -16.12 -18.13
CA GLN D 131 -30.44 -17.20 -17.52
C GLN D 131 -30.19 -18.32 -18.53
N LYS D 132 -31.26 -18.82 -19.14
CA LYS D 132 -31.11 -19.88 -20.12
C LYS D 132 -30.29 -19.43 -21.32
N LEU D 133 -30.34 -18.13 -21.65
CA LEU D 133 -29.56 -17.62 -22.77
C LEU D 133 -28.06 -17.63 -22.46
N ALA D 134 -27.71 -17.19 -21.25
CA ALA D 134 -26.31 -17.27 -20.83
C ALA D 134 -25.84 -18.71 -20.81
N ALA D 135 -26.70 -19.62 -20.34
CA ALA D 135 -26.36 -21.03 -20.40
C ALA D 135 -26.18 -21.50 -21.83
N ALA D 136 -27.04 -21.05 -22.74
CA ALA D 136 -27.05 -21.55 -24.11
C ALA D 136 -25.81 -21.11 -24.87
N VAL D 137 -25.28 -19.93 -24.57
CA VAL D 137 -24.02 -19.52 -25.20
C VAL D 137 -22.97 -20.61 -25.02
N PHE D 138 -22.66 -20.92 -23.76
CA PHE D 138 -21.68 -21.96 -23.47
C PHE D 138 -22.15 -23.33 -23.95
N SER D 139 -23.46 -23.57 -23.94
CA SER D 139 -23.95 -24.87 -24.40
C SER D 139 -23.60 -25.09 -25.86
N LEU D 140 -23.90 -24.11 -26.71
CA LEU D 140 -23.54 -24.20 -28.12
C LEU D 140 -22.04 -24.27 -28.30
N ALA D 141 -21.29 -23.47 -27.54
CA ALA D 141 -19.84 -23.54 -27.65
C ALA D 141 -19.32 -24.93 -27.32
N ILE D 142 -19.87 -25.56 -26.28
CA ILE D 142 -19.44 -26.89 -25.87
C ILE D 142 -19.84 -27.93 -26.91
N LYS D 143 -21.02 -27.79 -27.51
CA LYS D 143 -21.41 -28.70 -28.58
C LYS D 143 -20.46 -28.59 -29.77
N LEU D 144 -20.08 -27.36 -30.12
CA LEU D 144 -19.26 -27.10 -31.29
C LEU D 144 -17.80 -27.10 -30.85
N GLN D 145 -17.15 -28.26 -30.96
CA GLN D 145 -15.75 -28.43 -30.55
C GLN D 145 -14.88 -28.65 -31.76
N PRO D 146 -13.81 -27.87 -31.96
CA PRO D 146 -13.35 -26.71 -31.19
C PRO D 146 -14.08 -25.43 -31.59
N SER D 147 -14.17 -24.44 -30.71
CA SER D 147 -14.74 -23.15 -31.05
C SER D 147 -14.19 -22.10 -30.10
N ILE D 148 -14.29 -20.84 -30.52
CA ILE D 148 -13.72 -19.71 -29.81
C ILE D 148 -14.82 -18.70 -29.55
N ILE D 149 -14.90 -18.23 -28.30
CA ILE D 149 -15.84 -17.18 -27.91
C ILE D 149 -15.07 -15.87 -27.79
N PHE D 150 -15.65 -14.80 -28.32
CA PHE D 150 -15.02 -13.49 -28.31
C PHE D 150 -15.99 -12.45 -27.76
N ILE D 151 -15.46 -11.52 -26.98
CA ILE D 151 -16.24 -10.42 -26.41
C ILE D 151 -15.46 -9.14 -26.68
N ASP D 152 -15.89 -8.37 -27.66
CA ASP D 152 -15.35 -7.03 -27.84
C ASP D 152 -15.88 -6.12 -26.75
N GLU D 153 -15.07 -5.12 -26.39
CA GLU D 153 -15.45 -4.19 -25.33
C GLU D 153 -15.82 -4.97 -24.06
N ILE D 154 -14.98 -5.95 -23.72
CA ILE D 154 -15.30 -6.87 -22.63
C ILE D 154 -15.48 -6.12 -21.32
N ASP D 155 -14.85 -4.95 -21.18
CA ASP D 155 -15.04 -4.16 -19.96
C ASP D 155 -16.50 -3.79 -19.76
N SER D 156 -17.25 -3.59 -20.84
CA SER D 156 -18.65 -3.22 -20.72
C SER D 156 -19.55 -4.45 -20.62
N PHE D 157 -18.96 -5.65 -20.61
CA PHE D 157 -19.74 -6.87 -20.77
C PHE D 157 -20.78 -7.02 -19.66
N LEU D 158 -20.38 -6.75 -18.41
CA LEU D 158 -21.23 -6.99 -17.25
C LEU D 158 -21.39 -5.74 -16.40
N ARG D 159 -21.61 -4.58 -17.03
CA ARG D 159 -21.68 -3.32 -16.30
C ARG D 159 -23.02 -2.62 -16.43
N ASN D 160 -23.77 -2.84 -17.50
CA ASN D 160 -25.01 -2.12 -17.70
C ASN D 160 -25.95 -2.33 -16.53
N ARG D 161 -26.60 -1.26 -16.08
CA ARG D 161 -27.42 -1.29 -14.88
C ARG D 161 -28.70 -0.51 -15.09
N SER D 162 -29.74 -0.90 -14.38
CA SER D 162 -31.03 -0.20 -14.40
C SER D 162 -31.88 -0.80 -13.29
N SER D 163 -33.04 -0.17 -13.06
CA SER D 163 -33.94 -0.67 -12.02
C SER D 163 -34.31 -2.13 -12.25
N SER D 164 -34.39 -2.55 -13.51
CA SER D 164 -34.77 -3.92 -13.85
C SER D 164 -33.59 -4.84 -14.08
N ASP D 165 -32.35 -4.36 -13.91
CA ASP D 165 -31.17 -5.10 -14.34
C ASP D 165 -30.18 -5.45 -13.24
N HIS D 166 -30.15 -4.71 -12.13
CA HIS D 166 -29.06 -4.88 -11.17
C HIS D 166 -29.00 -6.30 -10.62
N GLU D 167 -30.12 -6.81 -10.12
CA GLU D 167 -30.14 -8.18 -9.60
C GLU D 167 -29.88 -9.16 -10.73
N ALA D 168 -30.51 -8.94 -11.88
CA ALA D 168 -30.23 -9.76 -13.05
C ALA D 168 -28.76 -9.64 -13.46
N THR D 169 -28.17 -8.45 -13.28
CA THR D 169 -26.76 -8.29 -13.58
C THR D 169 -25.90 -9.18 -12.69
N ALA D 170 -26.21 -9.21 -11.39
CA ALA D 170 -25.47 -10.08 -10.48
C ALA D 170 -25.64 -11.53 -10.86
N MET D 171 -26.87 -11.92 -11.22
CA MET D 171 -27.12 -13.30 -11.64
C MET D 171 -26.30 -13.63 -12.88
N MET D 172 -26.26 -12.73 -13.84
CA MET D 172 -25.48 -12.97 -15.05
C MET D 172 -24.00 -13.11 -14.71
N LYS D 173 -23.49 -12.24 -13.84
CA LYS D 173 -22.09 -12.37 -13.42
C LYS D 173 -21.81 -13.76 -12.86
N ALA D 174 -22.64 -14.18 -11.90
CA ALA D 174 -22.41 -15.45 -11.22
C ALA D 174 -22.45 -16.60 -12.21
N GLN D 175 -23.42 -16.58 -13.11
CA GLN D 175 -23.56 -17.66 -14.08
C GLN D 175 -22.36 -17.70 -15.02
N PHE D 176 -21.88 -16.53 -15.48
CA PHE D 176 -20.78 -16.55 -16.43
C PHE D 176 -19.51 -17.10 -15.79
N MET D 177 -19.19 -16.65 -14.57
CA MET D 177 -17.99 -17.22 -13.95
C MET D 177 -18.18 -18.69 -13.61
N SER D 178 -19.39 -19.10 -13.24
CA SER D 178 -19.59 -20.52 -12.94
C SER D 178 -19.39 -21.38 -14.18
N LEU D 179 -19.88 -20.92 -15.33
CA LEU D 179 -19.70 -21.69 -16.55
C LEU D 179 -18.25 -21.64 -17.03
N TRP D 180 -17.57 -20.53 -16.79
CA TRP D 180 -16.14 -20.46 -17.08
C TRP D 180 -15.36 -21.46 -16.23
N ASP D 181 -15.70 -21.55 -14.94
CA ASP D 181 -15.11 -22.57 -14.09
C ASP D 181 -15.46 -23.96 -14.58
N GLY D 182 -16.65 -24.13 -15.14
CA GLY D 182 -17.00 -25.43 -15.71
C GLY D 182 -16.14 -25.80 -16.90
N LEU D 183 -15.88 -24.83 -17.79
CA LEU D 183 -14.92 -25.07 -18.85
C LEU D 183 -13.56 -25.44 -18.30
N ASP D 184 -13.14 -24.76 -17.23
CA ASP D 184 -11.87 -25.10 -16.60
C ASP D 184 -11.89 -26.53 -16.05
N THR D 185 -13.04 -26.95 -15.51
CA THR D 185 -13.10 -28.23 -14.80
C THR D 185 -12.92 -29.41 -15.74
N ASP D 186 -13.51 -29.35 -16.92
CA ASP D 186 -13.49 -30.48 -17.84
C ASP D 186 -12.15 -30.54 -18.55
N HIS D 187 -11.37 -31.58 -18.25
CA HIS D 187 -10.06 -31.73 -18.88
C HIS D 187 -10.17 -32.00 -20.37
N SER D 188 -11.35 -32.41 -20.85
CA SER D 188 -11.57 -32.66 -22.27
C SER D 188 -12.14 -31.44 -22.99
N CYS D 189 -12.23 -30.30 -22.32
CA CYS D 189 -12.76 -29.10 -22.94
C CYS D 189 -11.89 -28.69 -24.12
N GLN D 190 -12.53 -28.17 -25.17
CA GLN D 190 -11.83 -27.77 -26.39
C GLN D 190 -12.09 -26.32 -26.77
N VAL D 191 -12.82 -25.57 -25.96
CA VAL D 191 -13.28 -24.23 -26.32
C VAL D 191 -12.44 -23.19 -25.58
N ILE D 192 -12.19 -22.08 -26.26
CA ILE D 192 -11.47 -20.94 -25.69
C ILE D 192 -12.42 -19.76 -25.65
N VAL D 193 -12.17 -18.84 -24.73
CA VAL D 193 -12.88 -17.57 -24.67
C VAL D 193 -11.86 -16.44 -24.80
N MET D 194 -12.23 -15.42 -25.57
CA MET D 194 -11.33 -14.34 -25.92
C MET D 194 -12.04 -13.01 -25.72
N GLY D 195 -11.26 -11.95 -25.54
CA GLY D 195 -11.81 -10.63 -25.31
C GLY D 195 -10.87 -9.54 -25.78
N ALA D 196 -11.43 -8.36 -26.02
CA ALA D 196 -10.67 -7.19 -26.40
C ALA D 196 -11.23 -5.97 -25.68
N THR D 197 -10.40 -4.93 -25.56
CA THR D 197 -10.81 -3.74 -24.84
C THR D 197 -9.79 -2.63 -25.05
N ASN D 198 -10.27 -1.39 -24.95
CA ASN D 198 -9.43 -0.21 -25.15
C ASN D 198 -8.95 0.42 -23.85
N ARG D 199 -9.71 0.28 -22.77
CA ARG D 199 -9.36 0.83 -21.47
C ARG D 199 -9.42 -0.32 -20.47
N PRO D 200 -8.44 -1.22 -20.51
CA PRO D 200 -8.61 -2.50 -19.84
C PRO D 200 -8.50 -2.42 -18.32
N GLN D 201 -7.91 -1.34 -17.79
CA GLN D 201 -7.82 -1.21 -16.34
C GLN D 201 -9.20 -1.33 -15.69
N ASP D 202 -10.25 -0.92 -16.41
CA ASP D 202 -11.59 -0.95 -15.84
C ASP D 202 -12.07 -2.37 -15.59
N LEU D 203 -11.37 -3.37 -16.12
CA LEU D 203 -11.82 -4.75 -16.02
C LEU D 203 -11.99 -5.17 -14.56
N ASP D 204 -13.06 -5.91 -14.30
CA ASP D 204 -13.34 -6.39 -12.95
C ASP D 204 -12.24 -7.34 -12.49
N SER D 205 -11.98 -7.32 -11.18
CA SER D 205 -10.92 -8.17 -10.62
C SER D 205 -11.17 -9.64 -10.93
N ALA D 206 -12.44 -10.04 -11.08
CA ALA D 206 -12.73 -11.42 -11.45
C ALA D 206 -12.14 -11.76 -12.81
N ILE D 207 -12.27 -10.85 -13.77
CA ILE D 207 -11.65 -11.04 -15.07
C ILE D 207 -10.13 -11.08 -14.92
N MET D 208 -9.58 -10.14 -14.14
CA MET D 208 -8.14 -10.09 -13.97
C MET D 208 -7.60 -11.41 -13.43
N ARG D 209 -8.33 -12.04 -12.51
CA ARG D 209 -7.89 -13.33 -11.99
C ARG D 209 -8.02 -14.42 -13.04
N ARG D 210 -8.89 -14.22 -14.02
CA ARG D 210 -9.04 -15.14 -15.14
C ARG D 210 -8.21 -14.61 -16.32
N MET D 211 -8.37 -15.22 -17.49
CA MET D 211 -7.64 -14.80 -18.68
C MET D 211 -6.13 -14.87 -18.39
N PRO D 212 -5.57 -16.07 -18.26
CA PRO D 212 -4.16 -16.16 -17.88
C PRO D 212 -3.21 -15.57 -18.92
N THR D 213 -3.35 -15.98 -20.18
CA THR D 213 -2.45 -15.53 -21.24
C THR D 213 -2.99 -14.24 -21.82
N ARG D 214 -2.12 -13.23 -21.93
CA ARG D 214 -2.51 -11.90 -22.34
C ARG D 214 -1.50 -11.37 -23.35
N PHE D 215 -2.00 -10.90 -24.49
CA PHE D 215 -1.16 -10.46 -25.60
C PHE D 215 -1.36 -8.97 -25.79
N HIS D 216 -0.26 -8.23 -25.84
CA HIS D 216 -0.31 -6.78 -26.00
C HIS D 216 -0.26 -6.44 -27.49
N ILE D 217 -1.32 -5.82 -27.98
CA ILE D 217 -1.34 -5.30 -29.35
C ILE D 217 -0.74 -3.91 -29.33
N ASN D 218 0.58 -3.85 -29.46
CA ASN D 218 1.30 -2.60 -29.29
C ASN D 218 1.16 -1.71 -30.53
N GLN D 219 1.42 -0.43 -30.33
CA GLN D 219 1.48 0.50 -31.46
C GLN D 219 2.70 0.18 -32.31
N PRO D 220 2.64 0.46 -33.61
CA PRO D 220 3.77 0.13 -34.49
C PRO D 220 4.95 1.05 -34.25
N ALA D 221 6.12 0.46 -34.04
CA ALA D 221 7.34 1.23 -33.97
C ALA D 221 7.76 1.67 -35.37
N LEU D 222 8.91 2.34 -35.46
CA LEU D 222 9.36 2.89 -36.74
C LEU D 222 9.40 1.80 -37.81
N LYS D 223 10.08 0.69 -37.51
CA LYS D 223 10.13 -0.41 -38.47
C LYS D 223 8.75 -1.01 -38.68
N GLN D 224 7.98 -1.16 -37.60
CA GLN D 224 6.62 -1.68 -37.73
C GLN D 224 5.76 -0.73 -38.54
N ARG D 225 5.93 0.58 -38.34
CA ARG D 225 5.18 1.55 -39.13
C ARG D 225 5.54 1.43 -40.61
N GLU D 226 6.82 1.26 -40.91
CA GLU D 226 7.22 1.07 -42.31
C GLU D 226 6.57 -0.18 -42.88
N ALA D 227 6.51 -1.26 -42.10
CA ALA D 227 5.85 -2.47 -42.55
C ALA D 227 4.37 -2.23 -42.81
N ILE D 228 3.72 -1.46 -41.94
CA ILE D 228 2.30 -1.15 -42.12
C ILE D 228 2.10 -0.39 -43.42
N LEU D 229 2.94 0.61 -43.67
CA LEU D 229 2.81 1.38 -44.90
C LEU D 229 3.05 0.50 -46.12
N LYS D 230 4.02 -0.40 -46.05
CA LYS D 230 4.24 -1.33 -47.16
C LYS D 230 3.02 -2.20 -47.40
N LEU D 231 2.40 -2.70 -46.33
CA LEU D 231 1.21 -3.52 -46.49
C LEU D 231 0.09 -2.73 -47.15
N ILE D 232 -0.14 -1.50 -46.71
CA ILE D 232 -1.23 -0.70 -47.26
C ILE D 232 -0.95 -0.37 -48.72
N LEU D 233 0.27 0.08 -49.03
CA LEU D 233 0.59 0.53 -50.38
C LEU D 233 0.80 -0.64 -51.33
N LYS D 234 0.82 -1.87 -50.81
CA LYS D 234 1.27 -3.01 -51.62
C LYS D 234 0.52 -3.11 -52.93
N ASN D 235 -0.78 -2.81 -52.95
CA ASN D 235 -1.59 -2.88 -54.14
C ASN D 235 -2.30 -1.55 -54.41
N GLU D 236 -1.63 -0.46 -54.04
CA GLU D 236 -1.95 0.87 -54.53
C GLU D 236 -1.15 1.10 -55.82
N ASN D 237 -1.39 2.19 -56.53
CA ASN D 237 -0.58 2.58 -57.67
C ASN D 237 0.51 3.51 -57.16
N VAL D 238 1.75 3.04 -57.18
CA VAL D 238 2.85 3.69 -56.49
C VAL D 238 4.02 3.86 -57.45
N ASP D 239 4.65 5.03 -57.41
CA ASP D 239 5.92 5.24 -58.09
C ASP D 239 7.03 4.64 -57.24
N ARG D 240 7.94 3.91 -57.89
CA ARG D 240 8.93 3.14 -57.14
C ARG D 240 9.83 4.04 -56.29
N HIS D 241 10.03 5.29 -56.68
CA HIS D 241 10.98 6.17 -56.00
C HIS D 241 10.40 6.82 -54.75
N VAL D 242 9.25 6.33 -54.28
CA VAL D 242 8.76 6.75 -52.97
C VAL D 242 9.73 6.28 -51.90
N ASP D 243 9.97 7.14 -50.90
CA ASP D 243 10.76 6.79 -49.73
C ASP D 243 9.83 6.89 -48.51
N LEU D 244 9.80 5.81 -47.72
CA LEU D 244 8.77 5.66 -46.70
C LEU D 244 9.30 5.98 -45.31
N LEU D 245 10.57 5.69 -45.05
CA LEU D 245 11.11 5.90 -43.70
C LEU D 245 10.87 7.33 -43.23
N GLU D 246 11.00 8.31 -44.13
CA GLU D 246 10.60 9.67 -43.78
C GLU D 246 9.11 9.72 -43.44
N VAL D 247 8.30 9.04 -44.25
CA VAL D 247 6.88 8.94 -43.94
C VAL D 247 6.69 8.21 -42.61
N ALA D 248 7.54 7.22 -42.34
CA ALA D 248 7.45 6.51 -41.07
C ALA D 248 7.69 7.44 -39.89
N GLN D 249 8.70 8.32 -39.99
CA GLN D 249 8.95 9.28 -38.92
C GLN D 249 7.79 10.26 -38.78
N GLU D 250 7.36 10.84 -39.91
CA GLU D 250 6.28 11.82 -39.83
C GLU D 250 4.99 11.21 -39.33
N THR D 251 4.83 9.89 -39.50
CA THR D 251 3.61 9.22 -39.09
C THR D 251 3.70 8.67 -37.66
N ASP D 252 4.84 8.83 -37.01
CA ASP D 252 5.05 8.19 -35.72
C ASP D 252 3.99 8.59 -34.70
N GLY D 253 3.39 9.77 -34.86
CA GLY D 253 2.37 10.20 -33.92
C GLY D 253 1.04 9.49 -34.09
N PHE D 254 0.87 8.80 -35.21
CA PHE D 254 -0.42 8.21 -35.55
C PHE D 254 -0.54 6.78 -35.04
N SER D 255 -1.76 6.25 -35.11
CA SER D 255 -2.03 4.84 -34.89
C SER D 255 -2.30 4.16 -36.23
N GLY D 256 -2.45 2.83 -36.18
CA GLY D 256 -2.62 2.08 -37.41
C GLY D 256 -3.82 2.51 -38.22
N SER D 257 -4.97 2.66 -37.55
CA SER D 257 -6.15 3.16 -38.25
C SER D 257 -5.88 4.54 -38.84
N ASP D 258 -5.16 5.38 -38.10
CA ASP D 258 -4.82 6.69 -38.61
C ASP D 258 -3.84 6.61 -39.77
N LEU D 259 -2.93 5.63 -39.76
CA LEU D 259 -2.06 5.39 -40.91
C LEU D 259 -2.90 5.07 -42.14
N LYS D 260 -3.89 4.19 -41.96
CA LYS D 260 -4.79 3.83 -43.04
C LYS D 260 -5.51 5.07 -43.56
N GLU D 261 -6.02 5.89 -42.64
CA GLU D 261 -6.78 7.07 -43.05
C GLU D 261 -5.87 8.13 -43.67
N MET D 262 -4.58 8.11 -43.34
CA MET D 262 -3.66 9.04 -43.98
C MET D 262 -3.40 8.65 -45.42
N CYS D 263 -3.13 7.36 -45.65
CA CYS D 263 -3.08 6.89 -47.04
C CYS D 263 -4.37 7.23 -47.75
N ARG D 264 -5.49 7.18 -47.02
CA ARG D 264 -6.75 7.64 -47.58
C ARG D 264 -6.69 9.07 -48.04
N ASP D 265 -6.29 9.98 -47.16
CA ASP D 265 -6.33 11.39 -47.53
C ASP D 265 -5.43 11.65 -48.73
N ALA D 266 -4.29 10.94 -48.80
CA ALA D 266 -3.39 11.11 -49.94
C ALA D 266 -4.05 10.68 -51.24
N ALA D 267 -4.63 9.47 -51.25
CA ALA D 267 -5.24 8.97 -52.49
C ALA D 267 -6.37 9.89 -52.94
N LEU D 268 -7.22 10.31 -52.01
CA LEU D 268 -8.34 11.15 -52.39
C LEU D 268 -7.87 12.53 -52.84
N LEU D 269 -6.78 13.03 -52.26
CA LEU D 269 -6.21 14.29 -52.70
C LEU D 269 -5.76 14.20 -54.15
N CYS D 270 -5.07 13.11 -54.50
CA CYS D 270 -4.67 12.90 -55.88
C CYS D 270 -5.87 12.84 -56.80
N VAL D 271 -6.94 12.16 -56.36
CA VAL D 271 -8.14 12.06 -57.19
C VAL D 271 -8.76 13.44 -57.40
N ARG D 272 -8.79 14.25 -56.35
CA ARG D 272 -9.35 15.60 -56.48
C ARG D 272 -8.57 16.43 -57.49
N GLU D 273 -7.24 16.41 -57.38
CA GLU D 273 -6.46 17.20 -58.34
C GLU D 273 -6.65 16.67 -59.76
N TYR D 274 -6.74 15.34 -59.92
CA TYR D 274 -7.01 14.80 -61.24
C TYR D 274 -8.33 15.31 -61.81
N VAL D 275 -9.40 15.22 -61.03
CA VAL D 275 -10.71 15.61 -61.56
C VAL D 275 -10.71 17.10 -61.89
N ASN D 276 -10.06 17.91 -61.05
CA ASN D 276 -10.04 19.34 -61.33
C ASN D 276 -9.22 19.67 -62.56
N SER D 277 -8.15 18.92 -62.82
CA SER D 277 -7.37 19.16 -64.03
C SER D 277 -8.10 18.66 -65.27
N THR D 278 -8.88 17.59 -65.13
CA THR D 278 -9.55 17.00 -66.29
C THR D 278 -10.63 17.93 -66.84
N SER D 279 -11.36 18.61 -65.96
CA SER D 279 -12.52 19.39 -66.40
C SER D 279 -12.12 20.51 -67.36
N GLU D 280 -10.89 21.02 -67.24
CA GLU D 280 -10.47 22.17 -68.05
C GLU D 280 -10.05 21.74 -69.45
N GLU D 281 -10.94 21.08 -70.17
CA GLU D 281 -10.74 20.73 -71.58
C GLU D 281 -9.51 19.86 -71.81
N SER D 282 -9.11 19.08 -70.80
CA SER D 282 -8.01 18.15 -70.98
C SER D 282 -8.47 16.93 -71.78
N HIS D 283 -7.51 16.28 -72.44
CA HIS D 283 -7.83 15.13 -73.26
C HIS D 283 -8.35 13.99 -72.40
N ASP D 284 -9.19 13.14 -73.00
CA ASP D 284 -9.82 12.04 -72.29
C ASP D 284 -8.93 10.80 -72.26
N GLU D 285 -7.72 10.95 -71.72
CA GLU D 285 -6.80 9.82 -71.62
C GLU D 285 -7.16 8.88 -70.47
N ASP D 286 -7.72 9.40 -69.38
CA ASP D 286 -8.16 8.58 -68.25
C ASP D 286 -6.99 7.86 -67.59
N GLU D 287 -6.01 8.65 -67.16
CA GLU D 287 -4.87 8.15 -66.40
C GLU D 287 -4.50 9.16 -65.32
N ILE D 288 -4.14 8.64 -64.15
CA ILE D 288 -3.98 9.45 -62.95
C ILE D 288 -2.52 9.51 -62.56
N ARG D 289 -2.13 10.61 -61.92
CA ARG D 289 -0.78 10.76 -61.39
C ARG D 289 -0.54 9.72 -60.31
N PRO D 290 0.52 8.91 -60.40
CA PRO D 290 0.74 7.88 -59.39
C PRO D 290 1.15 8.48 -58.05
N VAL D 291 1.04 7.65 -57.01
CA VAL D 291 1.41 8.09 -55.67
C VAL D 291 2.88 8.47 -55.66
N GLN D 292 3.17 9.68 -55.17
CA GLN D 292 4.53 10.18 -55.09
C GLN D 292 4.76 10.80 -53.71
N GLN D 293 6.04 11.02 -53.39
CA GLN D 293 6.40 11.45 -52.04
C GLN D 293 5.63 12.69 -51.62
N GLN D 294 5.55 13.69 -52.51
CA GLN D 294 4.90 14.94 -52.15
C GLN D 294 3.44 14.71 -51.78
N ASP D 295 2.79 13.75 -52.43
CA ASP D 295 1.40 13.45 -52.12
C ASP D 295 1.25 13.06 -50.66
N LEU D 296 2.06 12.10 -50.21
CA LEU D 296 1.96 11.66 -48.82
C LEU D 296 2.45 12.75 -47.87
N HIS D 297 3.43 13.55 -48.29
CA HIS D 297 3.86 14.65 -47.45
C HIS D 297 2.70 15.59 -47.16
N ARG D 298 2.01 16.04 -48.20
CA ARG D 298 0.89 16.95 -48.02
C ARG D 298 -0.25 16.29 -47.24
N ALA D 299 -0.51 15.01 -47.52
CA ALA D 299 -1.57 14.31 -46.84
C ALA D 299 -1.27 14.20 -45.35
N ILE D 300 -0.02 13.93 -45.00
CA ILE D 300 0.37 13.82 -43.60
C ILE D 300 0.29 15.18 -42.93
N GLU D 301 0.66 16.23 -43.63
CA GLU D 301 0.52 17.57 -43.06
C GLU D 301 -0.94 17.87 -42.76
N LYS D 302 -1.83 17.52 -43.68
CA LYS D 302 -3.25 17.77 -43.44
C LYS D 302 -3.79 16.88 -42.32
N MET D 303 -3.27 15.66 -42.22
CA MET D 303 -3.68 14.76 -41.14
C MET D 303 -3.27 15.33 -39.79
N LYS D 304 -2.05 15.85 -39.72
CA LYS D 304 -1.59 16.52 -38.50
C LYS D 304 -2.40 17.77 -38.25
N LYS D 305 -2.89 18.42 -39.31
CA LYS D 305 -3.77 19.57 -39.11
C LYS D 305 -5.09 19.14 -38.49
N SER D 306 -5.62 17.98 -38.90
CA SER D 306 -6.82 17.45 -38.26
C SER D 306 -6.57 17.15 -36.80
N LYS D 307 -5.44 16.49 -36.50
CA LYS D 307 -5.06 16.27 -35.11
C LYS D 307 -4.94 17.59 -34.37
N ASP D 308 -4.45 18.63 -35.05
CA ASP D 308 -4.30 19.94 -34.42
C ASP D 308 -5.66 20.56 -34.12
N ALA D 309 -6.62 20.37 -35.01
CA ALA D 309 -7.98 20.85 -34.74
C ALA D 309 -8.53 20.15 -33.51
N ALA D 310 -8.32 18.83 -33.41
CA ALA D 310 -8.76 18.11 -32.21
C ALA D 310 -8.06 18.67 -30.96
N PHE D 311 -6.76 18.95 -31.07
CA PHE D 311 -6.02 19.47 -29.92
C PHE D 311 -6.52 20.84 -29.50
N GLN D 312 -6.78 21.72 -30.48
CA GLN D 312 -7.34 23.03 -30.16
C GLN D 312 -8.70 22.89 -29.49
N ASN D 313 -9.51 21.91 -29.93
CA ASN D 313 -10.73 21.61 -29.20
C ASN D 313 -10.42 21.20 -27.76
N VAL D 314 -9.36 20.43 -27.56
CA VAL D 314 -8.93 20.08 -26.21
C VAL D 314 -8.48 21.33 -25.47
N LEU D 315 -7.66 22.16 -26.12
CA LEU D 315 -7.14 23.37 -25.51
C LEU D 315 -8.22 24.46 -25.47
N ASN E 26 32.53 -6.65 -14.92
CA ASN E 26 33.17 -7.86 -15.43
C ASN E 26 33.30 -8.92 -14.33
N VAL E 27 32.93 -8.55 -13.11
CA VAL E 27 33.03 -9.48 -11.99
C VAL E 27 31.89 -10.49 -12.04
N LYS E 28 32.17 -11.71 -11.57
CA LYS E 28 31.18 -12.77 -11.49
C LYS E 28 30.62 -12.79 -10.07
N LEU E 29 29.30 -12.83 -9.95
CA LEU E 29 28.63 -12.53 -8.70
C LEU E 29 27.61 -13.59 -8.35
N SER E 30 27.50 -13.88 -7.06
CA SER E 30 26.34 -14.58 -6.52
C SER E 30 25.30 -13.56 -6.09
N GLU E 31 24.08 -14.05 -5.81
CA GLU E 31 23.01 -13.15 -5.38
C GLU E 31 23.49 -12.27 -4.23
N TYR E 32 24.25 -12.86 -3.29
CA TYR E 32 24.82 -12.10 -2.20
C TYR E 32 25.74 -11.00 -2.73
N GLU E 33 26.64 -11.36 -3.63
CA GLU E 33 27.62 -10.39 -4.13
C GLU E 33 26.95 -9.32 -4.99
N MET E 34 25.88 -9.67 -5.70
CA MET E 34 25.10 -8.63 -6.37
C MET E 34 24.44 -7.70 -5.36
N SER E 35 23.98 -8.24 -4.23
CA SER E 35 23.42 -7.38 -3.20
C SER E 35 24.48 -6.42 -2.66
N ILE E 36 25.69 -6.92 -2.43
CA ILE E 36 26.77 -6.04 -1.98
C ILE E 36 27.14 -5.07 -3.09
N ALA E 37 27.14 -5.53 -4.34
CA ALA E 37 27.50 -4.65 -5.45
C ALA E 37 26.60 -3.43 -5.51
N ALA E 38 25.36 -3.55 -5.04
CA ALA E 38 24.45 -2.40 -5.03
C ALA E 38 24.94 -1.30 -4.10
N HIS E 39 25.54 -1.67 -2.96
CA HIS E 39 25.99 -0.67 -2.01
C HIS E 39 27.27 0.02 -2.47
N LEU E 40 27.99 -0.57 -3.41
CA LEU E 40 29.24 0.02 -3.89
C LEU E 40 28.98 1.42 -4.43
N VAL E 41 29.81 2.36 -4.01
CA VAL E 41 29.65 3.74 -4.45
C VAL E 41 30.30 3.94 -5.82
N ASP E 42 29.91 5.02 -6.49
CA ASP E 42 30.38 5.32 -7.83
C ASP E 42 31.35 6.49 -7.79
N PRO E 43 32.59 6.33 -8.26
CA PRO E 43 33.53 7.46 -8.24
C PRO E 43 33.16 8.60 -9.19
N LEU E 44 32.13 8.43 -10.03
CA LEU E 44 31.72 9.47 -10.96
C LEU E 44 30.59 10.34 -10.45
N ASN E 45 29.98 9.99 -9.31
CA ASN E 45 28.92 10.81 -8.73
C ASN E 45 29.31 11.42 -7.40
N MET E 46 30.42 11.01 -6.80
CA MET E 46 30.91 11.65 -5.58
C MET E 46 31.44 13.04 -5.91
N HIS E 47 31.40 13.93 -4.92
CA HIS E 47 31.73 15.33 -5.15
C HIS E 47 33.05 15.74 -4.51
N VAL E 48 33.19 15.48 -3.20
CA VAL E 48 34.25 16.11 -2.42
C VAL E 48 35.61 15.62 -2.86
N THR E 49 36.62 16.47 -2.67
CA THR E 49 37.99 16.18 -3.09
C THR E 49 38.95 16.77 -2.07
N TRP E 50 40.24 16.52 -2.29
CA TRP E 50 41.26 17.17 -1.47
C TRP E 50 41.16 18.68 -1.54
N SER E 51 40.67 19.23 -2.66
CA SER E 51 40.51 20.67 -2.79
C SER E 51 39.34 21.21 -1.95
N ASP E 52 38.55 20.32 -1.34
CA ASP E 52 37.37 20.73 -0.58
C ASP E 52 37.47 20.25 0.87
N ILE E 53 38.65 20.36 1.46
CA ILE E 53 38.86 19.98 2.85
C ILE E 53 39.92 20.90 3.44
N ALA E 54 39.73 21.29 4.69
CA ALA E 54 40.63 22.22 5.34
C ALA E 54 40.61 21.98 6.85
N GLY E 55 41.63 22.50 7.52
CA GLY E 55 41.73 22.41 8.97
C GLY E 55 42.28 21.10 9.49
N LEU E 56 42.58 20.14 8.61
CA LEU E 56 43.11 18.84 9.01
C LEU E 56 44.33 18.45 8.19
N ASP E 57 44.95 19.42 7.50
CA ASP E 57 45.88 19.10 6.43
C ASP E 57 47.02 18.20 6.88
N ASP E 58 47.38 18.23 8.16
CA ASP E 58 48.41 17.32 8.65
C ASP E 58 47.87 15.89 8.72
N VAL E 59 46.67 15.72 9.28
CA VAL E 59 46.04 14.41 9.28
C VAL E 59 45.74 13.99 7.84
N ILE E 60 45.38 14.96 6.99
CA ILE E 60 45.18 14.65 5.58
C ILE E 60 46.46 14.08 4.99
N THR E 61 47.60 14.71 5.29
CA THR E 61 48.87 14.25 4.76
C THR E 61 49.19 12.85 5.24
N ASP E 62 48.99 12.61 6.54
CA ASP E 62 49.28 11.28 7.08
C ASP E 62 48.40 10.22 6.43
N LEU E 63 47.09 10.48 6.36
CA LEU E 63 46.18 9.52 5.75
C LEU E 63 46.54 9.27 4.31
N LYS E 64 46.79 10.35 3.55
CA LYS E 64 47.15 10.20 2.15
C LYS E 64 48.39 9.33 2.00
N ASP E 65 49.47 9.71 2.68
CA ASP E 65 50.73 9.00 2.51
C ASP E 65 50.60 7.53 2.89
N THR E 66 49.94 7.24 4.01
CA THR E 66 49.90 5.87 4.50
C THR E 66 48.94 5.01 3.69
N VAL E 67 47.73 5.51 3.43
CA VAL E 67 46.69 4.69 2.82
C VAL E 67 46.79 4.74 1.30
N ILE E 68 46.74 5.94 0.72
CA ILE E 68 46.53 6.05 -0.72
C ILE E 68 47.73 5.52 -1.48
N LEU E 69 48.94 5.88 -1.04
CA LEU E 69 50.13 5.52 -1.81
C LEU E 69 50.26 4.02 -2.02
N PRO E 70 50.17 3.16 -1.00
CA PRO E 70 50.19 1.72 -1.28
C PRO E 70 49.02 1.28 -2.15
N ILE E 71 47.87 1.93 -2.02
CA ILE E 71 46.69 1.51 -2.78
C ILE E 71 46.91 1.70 -4.27
N LYS E 72 47.44 2.86 -4.65
CA LYS E 72 47.44 3.24 -6.06
C LYS E 72 48.52 2.53 -6.85
N LYS E 73 49.70 2.33 -6.26
CA LYS E 73 50.86 1.80 -6.97
C LYS E 73 51.51 0.70 -6.13
N LYS E 74 50.68 -0.26 -5.71
CA LYS E 74 51.04 -1.19 -4.63
C LYS E 74 52.42 -1.82 -4.86
N HIS E 75 52.74 -2.17 -6.11
CA HIS E 75 53.97 -2.92 -6.32
C HIS E 75 55.19 -2.13 -5.86
N LEU E 76 55.06 -0.80 -5.76
CA LEU E 76 56.17 0.04 -5.35
C LEU E 76 56.60 -0.26 -3.91
N PHE E 77 55.65 -0.57 -3.03
CA PHE E 77 55.90 -0.69 -1.60
C PHE E 77 56.09 -2.13 -1.13
N GLU E 78 56.10 -3.11 -2.03
CA GLU E 78 56.17 -4.50 -1.59
C GLU E 78 57.56 -4.93 -1.18
N ASN E 79 58.61 -4.20 -1.57
CA ASN E 79 59.95 -4.60 -1.19
C ASN E 79 60.21 -4.22 0.25
N SER E 80 59.34 -4.69 1.14
CA SER E 80 59.44 -4.46 2.57
C SER E 80 58.42 -5.34 3.26
N ARG E 81 58.81 -6.00 4.35
CA ARG E 81 57.86 -6.71 5.18
C ARG E 81 56.76 -5.80 5.73
N LEU E 82 56.85 -4.50 5.46
CA LEU E 82 56.23 -3.49 6.29
C LEU E 82 56.12 -2.20 5.49
N LEU E 83 55.23 -1.34 5.99
CA LEU E 83 54.67 -0.20 5.25
C LEU E 83 53.68 -0.69 4.20
N GLN E 84 53.39 -1.99 4.23
CA GLN E 84 52.23 -2.51 3.56
C GLN E 84 50.99 -1.82 4.12
N PRO E 85 49.98 -1.58 3.30
CA PRO E 85 48.82 -0.82 3.77
C PRO E 85 48.23 -1.44 5.02
N PRO E 86 47.92 -0.63 6.03
CA PRO E 86 47.50 -1.21 7.31
C PRO E 86 46.22 -2.02 7.17
N LYS E 87 46.13 -3.11 7.94
CA LYS E 87 44.97 -3.98 7.90
C LYS E 87 43.76 -3.38 8.60
N GLY E 88 43.85 -2.14 9.09
CA GLY E 88 42.71 -1.48 9.69
C GLY E 88 42.98 -0.02 9.99
N VAL E 89 42.06 0.86 9.59
CA VAL E 89 42.16 2.29 9.83
C VAL E 89 40.92 2.73 10.57
N LEU E 90 41.10 3.41 11.70
CA LEU E 90 39.99 3.90 12.50
C LEU E 90 40.08 5.42 12.61
N LEU E 91 38.97 6.09 12.34
CA LEU E 91 38.85 7.53 12.51
C LEU E 91 38.01 7.81 13.75
N TYR E 92 38.58 8.57 14.68
CA TYR E 92 37.89 8.91 15.91
C TYR E 92 37.99 10.41 16.16
N GLY E 93 36.84 11.03 16.40
CA GLY E 93 36.77 12.45 16.67
C GLY E 93 35.36 12.85 17.05
N PRO E 94 35.21 14.00 17.70
CA PRO E 94 33.88 14.43 18.15
C PRO E 94 32.94 14.61 16.96
N PRO E 95 31.63 14.56 17.19
CA PRO E 95 30.70 14.77 16.08
C PRO E 95 30.87 16.13 15.44
N GLY E 96 30.71 16.17 14.12
CA GLY E 96 30.81 17.41 13.38
C GLY E 96 32.21 17.82 13.00
N CYS E 97 33.22 17.00 13.30
CA CYS E 97 34.60 17.33 12.99
C CYS E 97 35.00 16.96 11.58
N GLY E 98 34.10 16.35 10.80
CA GLY E 98 34.37 16.03 9.41
C GLY E 98 34.77 14.60 9.13
N LYS E 99 34.33 13.64 9.95
CA LYS E 99 34.74 12.25 9.75
C LYS E 99 34.14 11.68 8.48
N THR E 100 32.84 11.87 8.28
CA THR E 100 32.21 11.39 7.05
C THR E 100 32.76 12.11 5.83
N LEU E 101 33.01 13.41 5.95
CA LEU E 101 33.58 14.16 4.84
C LEU E 101 34.91 13.55 4.41
N ILE E 102 35.79 13.28 5.38
CA ILE E 102 37.08 12.70 5.03
C ILE E 102 36.94 11.29 4.53
N ALA E 103 35.99 10.52 5.06
CA ALA E 103 35.75 9.18 4.51
C ALA E 103 35.44 9.27 3.02
N LYS E 104 34.50 10.15 2.66
CA LYS E 104 34.14 10.30 1.26
C LYS E 104 35.31 10.80 0.43
N ALA E 105 36.07 11.76 0.98
CA ALA E 105 37.18 12.33 0.23
C ALA E 105 38.25 11.29 -0.05
N THR E 106 38.58 10.47 0.95
CA THR E 106 39.53 9.39 0.74
C THR E 106 38.99 8.38 -0.27
N ALA E 107 37.70 8.06 -0.18
CA ALA E 107 37.12 7.10 -1.11
C ALA E 107 37.25 7.57 -2.54
N LYS E 108 36.92 8.84 -2.79
CA LYS E 108 37.01 9.35 -4.16
C LYS E 108 38.45 9.51 -4.61
N GLU E 109 39.29 10.11 -3.76
CA GLU E 109 40.66 10.43 -4.17
C GLU E 109 41.50 9.18 -4.32
N ALA E 110 41.21 8.14 -3.55
CA ALA E 110 41.95 6.90 -3.69
C ALA E 110 41.79 6.31 -5.08
N GLY E 111 40.66 6.57 -5.73
CA GLY E 111 40.38 5.99 -7.03
C GLY E 111 40.03 4.53 -7.01
N CYS E 112 39.97 3.91 -5.84
CA CYS E 112 39.65 2.49 -5.72
C CYS E 112 38.14 2.33 -5.56
N ARG E 113 37.71 1.13 -5.18
CA ARG E 113 36.31 0.83 -4.96
C ARG E 113 36.01 0.91 -3.47
N PHE E 114 34.91 1.58 -3.13
CA PHE E 114 34.57 1.90 -1.76
C PHE E 114 33.18 1.36 -1.45
N ILE E 115 33.09 0.55 -0.39
CA ILE E 115 31.84 -0.07 0.02
C ILE E 115 31.41 0.58 1.34
N ASN E 116 30.18 1.09 1.36
CA ASN E 116 29.60 1.70 2.56
C ASN E 116 28.75 0.61 3.23
N LEU E 117 29.29 0.04 4.30
CA LEU E 117 28.67 -1.11 4.96
C LEU E 117 27.86 -0.66 6.18
N GLN E 118 26.72 -0.05 5.91
CA GLN E 118 25.86 0.40 6.99
C GLN E 118 25.29 -0.80 7.76
N PRO E 119 24.92 -0.61 9.03
CA PRO E 119 24.63 -1.77 9.88
C PRO E 119 23.56 -2.70 9.35
N SER E 120 22.53 -2.18 8.68
CA SER E 120 21.42 -3.02 8.26
C SER E 120 21.89 -4.13 7.35
N THR E 121 23.03 -3.96 6.70
CA THR E 121 23.52 -4.96 5.76
C THR E 121 23.74 -6.31 6.43
N LEU E 122 24.05 -6.32 7.73
CA LEU E 122 24.39 -7.56 8.42
C LEU E 122 23.35 -8.00 9.44
N THR E 123 22.58 -7.07 10.00
CA THR E 123 21.58 -7.44 11.00
C THR E 123 20.36 -8.03 10.33
N ASP E 124 20.54 -9.08 9.54
CA ASP E 124 19.42 -9.81 8.95
C ASP E 124 18.71 -10.60 10.04
N LYS E 125 17.47 -10.23 10.32
CA LYS E 125 16.78 -10.70 11.51
C LYS E 125 16.16 -12.09 11.36
N TRP E 126 16.01 -12.58 10.13
CA TRP E 126 15.27 -13.81 9.88
C TRP E 126 16.00 -14.84 9.05
N TYR E 127 16.75 -14.42 8.05
CA TYR E 127 17.32 -15.32 7.05
C TYR E 127 18.66 -15.85 7.53
N GLY E 128 18.86 -17.15 7.38
CA GLY E 128 20.19 -17.73 7.53
C GLY E 128 21.10 -17.20 6.44
N GLU E 129 20.50 -16.50 5.48
CA GLU E 129 21.24 -15.75 4.48
C GLU E 129 22.33 -14.88 5.09
N SER E 130 22.22 -14.58 6.38
CA SER E 130 23.19 -13.69 7.03
C SER E 130 24.62 -14.19 6.86
N GLN E 131 24.86 -15.47 7.17
CA GLN E 131 26.21 -16.01 7.12
C GLN E 131 26.82 -15.81 5.74
N LYS E 132 26.13 -16.26 4.70
CA LYS E 132 26.64 -16.09 3.34
C LYS E 132 26.77 -14.63 2.97
N LEU E 133 25.92 -13.77 3.55
CA LEU E 133 26.02 -12.34 3.24
C LEU E 133 27.28 -11.72 3.85
N ALA E 134 27.57 -12.08 5.11
CA ALA E 134 28.81 -11.62 5.73
C ALA E 134 30.01 -12.14 4.95
N ALA E 135 29.94 -13.38 4.49
CA ALA E 135 31.01 -13.90 3.64
C ALA E 135 31.11 -13.11 2.34
N ALA E 136 29.97 -12.76 1.74
CA ALA E 136 29.94 -12.13 0.43
C ALA E 136 30.52 -10.72 0.47
N VAL E 137 30.33 -10.01 1.58
CA VAL E 137 30.96 -8.69 1.70
C VAL E 137 32.46 -8.81 1.41
N PHE E 138 33.16 -9.61 2.21
CA PHE E 138 34.59 -9.80 2.02
C PHE E 138 34.89 -10.47 0.69
N SER E 139 33.99 -11.32 0.19
CA SER E 139 34.23 -11.97 -1.09
C SER E 139 34.32 -10.94 -2.21
N LEU E 140 33.35 -10.04 -2.27
CA LEU E 140 33.38 -8.97 -3.28
C LEU E 140 34.58 -8.06 -3.07
N ALA E 141 34.87 -7.73 -1.80
CA ALA E 141 36.04 -6.90 -1.55
C ALA E 141 37.31 -7.56 -2.07
N ILE E 142 37.47 -8.86 -1.86
CA ILE E 142 38.65 -9.58 -2.30
C ILE E 142 38.70 -9.66 -3.81
N LYS E 143 37.55 -9.86 -4.46
CA LYS E 143 37.53 -9.86 -5.92
C LYS E 143 37.97 -8.51 -6.47
N LEU E 144 37.49 -7.43 -5.85
CA LEU E 144 37.75 -6.07 -6.32
C LEU E 144 39.00 -5.55 -5.63
N GLN E 145 40.16 -5.73 -6.28
CA GLN E 145 41.44 -5.32 -5.72
C GLN E 145 42.00 -4.15 -6.53
N PRO E 146 42.37 -3.03 -5.90
CA PRO E 146 42.23 -2.68 -4.48
C PRO E 146 40.84 -2.15 -4.16
N SER E 147 40.40 -2.26 -2.90
CA SER E 147 39.14 -1.67 -2.48
C SER E 147 39.19 -1.43 -0.98
N ILE E 148 38.30 -0.56 -0.51
CA ILE E 148 38.26 -0.11 0.87
C ILE E 148 36.87 -0.37 1.43
N ILE E 149 36.80 -0.97 2.62
CA ILE E 149 35.54 -1.20 3.32
C ILE E 149 35.44 -0.18 4.44
N PHE E 150 34.25 0.42 4.58
CA PHE E 150 34.01 1.44 5.59
C PHE E 150 32.78 1.08 6.40
N ILE E 151 32.83 1.36 7.69
CA ILE E 151 31.71 1.14 8.61
C ILE E 151 31.55 2.41 9.42
N ASP E 152 30.55 3.22 9.08
CA ASP E 152 30.18 4.33 9.95
C ASP E 152 29.47 3.81 11.18
N GLU E 153 29.63 4.53 12.29
CA GLU E 153 29.04 4.12 13.56
C GLU E 153 29.46 2.69 13.89
N ILE E 154 30.75 2.42 13.73
CA ILE E 154 31.25 1.05 13.86
C ILE E 154 30.97 0.49 15.24
N ASP E 155 30.83 1.35 16.25
CA ASP E 155 30.50 0.87 17.59
C ASP E 155 29.17 0.13 17.60
N SER E 156 28.23 0.53 16.75
CA SER E 156 26.93 -0.13 16.71
C SER E 156 26.94 -1.33 15.77
N PHE E 157 28.09 -1.64 15.16
CA PHE E 157 28.12 -2.61 14.08
C PHE E 157 27.64 -3.98 14.52
N LEU E 158 28.06 -4.42 15.70
CA LEU E 158 27.78 -5.78 16.16
C LEU E 158 27.11 -5.77 17.54
N ARG E 159 26.16 -4.87 17.77
CA ARG E 159 25.53 -4.73 19.08
C ARG E 159 24.05 -5.02 19.09
N ASN E 160 23.35 -4.84 17.97
CA ASN E 160 21.90 -5.02 17.96
C ASN E 160 21.54 -6.42 18.44
N ARG E 161 20.51 -6.50 19.28
CA ARG E 161 20.14 -7.76 19.92
C ARG E 161 18.63 -7.90 19.94
N SER E 162 18.17 -9.15 19.94
CA SER E 162 16.76 -9.49 20.04
C SER E 162 16.65 -10.99 20.25
N SER E 163 15.43 -11.46 20.52
CA SER E 163 15.22 -12.88 20.72
C SER E 163 15.70 -13.70 19.53
N SER E 164 15.61 -13.14 18.32
CA SER E 164 16.01 -13.84 17.12
C SER E 164 17.43 -13.53 16.67
N ASP E 165 18.18 -12.71 17.42
CA ASP E 165 19.43 -12.15 16.94
C ASP E 165 20.66 -12.51 17.77
N HIS E 166 20.51 -12.84 19.05
CA HIS E 166 21.67 -12.95 19.92
C HIS E 166 22.65 -14.02 19.44
N GLU E 167 22.15 -15.23 19.20
CA GLU E 167 23.02 -16.29 18.69
C GLU E 167 23.55 -15.93 17.31
N ALA E 168 22.67 -15.40 16.46
CA ALA E 168 23.11 -14.92 15.15
C ALA E 168 24.11 -13.78 15.31
N THR E 169 23.95 -12.95 16.35
CA THR E 169 24.92 -11.89 16.60
C THR E 169 26.29 -12.47 16.91
N ALA E 170 26.35 -13.50 17.76
CA ALA E 170 27.63 -14.14 18.05
C ALA E 170 28.23 -14.75 16.79
N MET E 171 27.40 -15.38 15.97
CA MET E 171 27.90 -15.97 14.74
C MET E 171 28.47 -14.90 13.83
N MET E 172 27.78 -13.76 13.72
CA MET E 172 28.28 -12.68 12.88
C MET E 172 29.60 -12.16 13.41
N LYS E 173 29.71 -11.99 14.73
CA LYS E 173 30.97 -11.56 15.31
C LYS E 173 32.10 -12.50 14.92
N ALA E 174 31.90 -13.80 15.14
CA ALA E 174 32.94 -14.77 14.88
C ALA E 174 33.36 -14.75 13.43
N GLN E 175 32.37 -14.69 12.53
CA GLN E 175 32.67 -14.69 11.10
C GLN E 175 33.45 -13.45 10.70
N PHE E 176 33.06 -12.29 11.22
CA PHE E 176 33.74 -11.06 10.81
C PHE E 176 35.20 -11.07 11.25
N MET E 177 35.47 -11.45 12.51
CA MET E 177 36.88 -11.49 12.91
C MET E 177 37.63 -12.58 12.17
N SER E 178 36.99 -13.71 11.87
CA SER E 178 37.70 -14.76 11.14
C SER E 178 38.08 -14.28 9.75
N LEU E 179 37.17 -13.57 9.07
CA LEU E 179 37.50 -13.07 7.73
C LEU E 179 38.51 -11.95 7.78
N TRP E 180 38.48 -11.14 8.84
CA TRP E 180 39.51 -10.12 9.05
C TRP E 180 40.87 -10.77 9.22
N ASP E 181 40.94 -11.84 10.01
CA ASP E 181 42.18 -12.61 10.15
C ASP E 181 42.58 -13.21 8.82
N GLY E 182 41.61 -13.58 7.99
CA GLY E 182 41.94 -14.09 6.66
C GLY E 182 42.59 -13.04 5.79
N LEU E 183 42.05 -11.81 5.81
CA LEU E 183 42.71 -10.70 5.13
C LEU E 183 44.13 -10.52 5.66
N ASP E 184 44.30 -10.63 6.98
CA ASP E 184 45.64 -10.51 7.55
C ASP E 184 46.56 -11.62 7.04
N THR E 185 46.01 -12.83 6.86
CA THR E 185 46.83 -14.00 6.56
C THR E 185 47.45 -13.91 5.16
N ASP E 186 46.68 -13.43 4.18
CA ASP E 186 47.14 -13.41 2.80
C ASP E 186 48.09 -12.24 2.60
N HIS E 187 49.37 -12.55 2.35
CA HIS E 187 50.35 -11.50 2.13
C HIS E 187 50.09 -10.72 0.85
N SER E 188 49.31 -11.28 -0.06
CA SER E 188 48.96 -10.61 -1.31
C SER E 188 47.66 -9.81 -1.21
N CYS E 189 47.07 -9.71 -0.01
CA CYS E 189 45.84 -8.97 0.15
C CYS E 189 46.05 -7.51 -0.22
N GLN E 190 45.02 -6.91 -0.81
CA GLN E 190 45.08 -5.53 -1.27
C GLN E 190 43.98 -4.65 -0.69
N VAL E 191 43.13 -5.19 0.19
CA VAL E 191 41.94 -4.52 0.66
C VAL E 191 42.16 -3.98 2.06
N ILE E 192 41.58 -2.82 2.35
CA ILE E 192 41.64 -2.20 3.67
C ILE E 192 40.21 -2.14 4.21
N VAL E 193 40.09 -2.11 5.53
CA VAL E 193 38.81 -1.88 6.20
C VAL E 193 38.95 -0.65 7.08
N MET E 194 37.92 0.19 7.07
CA MET E 194 37.94 1.48 7.73
C MET E 194 36.67 1.65 8.54
N GLY E 195 36.73 2.52 9.55
CA GLY E 195 35.58 2.75 10.41
C GLY E 195 35.61 4.14 11.01
N ALA E 196 34.45 4.60 11.43
CA ALA E 196 34.30 5.89 12.11
C ALA E 196 33.31 5.75 13.26
N THR E 197 33.40 6.66 14.21
CA THR E 197 32.57 6.59 15.40
C THR E 197 32.71 7.88 16.21
N ASN E 198 31.64 8.20 16.94
CA ASN E 198 31.59 9.40 17.77
C ASN E 198 31.90 9.15 19.23
N ARG E 199 31.59 7.96 19.74
CA ARG E 199 31.85 7.59 21.13
C ARG E 199 32.66 6.31 21.10
N PRO E 200 33.94 6.41 20.75
CA PRO E 200 34.68 5.20 20.39
C PRO E 200 35.05 4.32 21.57
N GLN E 201 35.03 4.86 22.79
CA GLN E 201 35.33 4.02 23.96
C GLN E 201 34.45 2.79 23.99
N ASP E 202 33.22 2.89 23.46
CA ASP E 202 32.30 1.77 23.52
C ASP E 202 32.78 0.59 22.68
N LEU E 203 33.79 0.80 21.83
CA LEU E 203 34.24 -0.24 20.91
C LEU E 203 34.65 -1.48 21.66
N ASP E 204 34.28 -2.63 21.10
CA ASP E 204 34.63 -3.91 21.72
C ASP E 204 36.14 -4.10 21.73
N SER E 205 36.62 -4.81 22.76
CA SER E 205 38.06 -5.03 22.90
C SER E 205 38.63 -5.74 21.67
N ALA E 206 37.81 -6.54 20.99
CA ALA E 206 38.29 -7.19 19.77
C ALA E 206 38.66 -6.15 18.71
N ILE E 207 37.83 -5.12 18.57
CA ILE E 207 38.16 -4.04 17.65
C ILE E 207 39.41 -3.32 18.12
N MET E 208 39.49 -3.03 19.42
CA MET E 208 40.64 -2.32 19.97
C MET E 208 41.93 -3.07 19.66
N ARG E 209 41.91 -4.40 19.74
CA ARG E 209 43.10 -5.17 19.40
C ARG E 209 43.39 -5.12 17.91
N ARG E 210 42.38 -4.86 17.10
CA ARG E 210 42.54 -4.69 15.67
C ARG E 210 42.64 -3.21 15.35
N MET E 211 42.62 -2.84 14.07
CA MET E 211 42.70 -1.45 13.67
C MET E 211 43.99 -0.84 14.21
N PRO E 212 45.15 -1.24 13.69
CA PRO E 212 46.40 -0.75 14.27
C PRO E 212 46.60 0.74 14.14
N THR E 213 46.45 1.28 12.93
CA THR E 213 46.68 2.70 12.67
C THR E 213 45.39 3.46 12.93
N ARG E 214 45.49 4.53 13.71
CA ARG E 214 44.33 5.29 14.16
C ARG E 214 44.62 6.76 14.02
N PHE E 215 43.72 7.48 13.36
CA PHE E 215 43.89 8.89 13.04
C PHE E 215 42.84 9.68 13.80
N HIS E 216 43.27 10.71 14.52
CA HIS E 216 42.38 11.55 15.32
C HIS E 216 41.91 12.72 14.46
N ILE E 217 40.60 12.79 14.23
CA ILE E 217 40.00 13.92 13.55
C ILE E 217 39.69 14.98 14.61
N ASN E 218 40.68 15.83 14.89
CA ASN E 218 40.58 16.77 15.99
C ASN E 218 39.69 17.95 15.62
N GLN E 219 39.20 18.64 16.64
CA GLN E 219 38.48 19.88 16.42
C GLN E 219 39.45 20.95 15.92
N PRO E 220 38.96 21.91 15.13
CA PRO E 220 39.86 22.93 14.57
C PRO E 220 40.33 23.90 15.64
N ALA E 221 41.64 24.10 15.71
CA ALA E 221 42.19 25.14 16.58
C ALA E 221 41.97 26.51 15.93
N LEU E 222 42.47 27.55 16.60
CA LEU E 222 42.25 28.90 16.13
C LEU E 222 42.67 29.07 14.67
N LYS E 223 43.90 28.66 14.35
CA LYS E 223 44.37 28.74 12.97
C LYS E 223 43.56 27.80 12.08
N GLN E 224 43.27 26.60 12.57
CA GLN E 224 42.46 25.67 11.80
C GLN E 224 41.05 26.21 11.59
N ARG E 225 40.50 26.87 12.61
CA ARG E 225 39.18 27.47 12.45
C ARG E 225 39.19 28.56 11.40
N GLU E 226 40.26 29.38 11.39
CA GLU E 226 40.38 30.41 10.37
C GLU E 226 40.45 29.77 8.99
N ALA E 227 41.19 28.67 8.87
CA ALA E 227 41.26 27.96 7.59
C ALA E 227 39.89 27.44 7.17
N ILE E 228 39.12 26.92 8.12
CA ILE E 228 37.78 26.41 7.83
C ILE E 228 36.90 27.54 7.31
N LEU E 229 36.94 28.69 7.98
CA LEU E 229 36.14 29.83 7.54
C LEU E 229 36.57 30.29 6.17
N LYS E 230 37.87 30.31 5.89
CA LYS E 230 38.33 30.67 4.55
C LYS E 230 37.80 29.70 3.51
N LEU E 231 37.82 28.40 3.81
CA LEU E 231 37.31 27.42 2.85
C LEU E 231 35.83 27.64 2.60
N ILE E 232 35.05 27.88 3.64
CA ILE E 232 33.61 28.05 3.47
C ILE E 232 33.33 29.33 2.68
N LEU E 233 33.97 30.43 3.06
CA LEU E 233 33.68 31.73 2.45
C LEU E 233 34.31 31.85 1.05
N LYS E 234 35.13 30.88 0.66
CA LYS E 234 35.97 31.06 -0.53
C LYS E 234 35.14 31.45 -1.75
N ASN E 235 33.94 30.90 -1.90
CA ASN E 235 33.07 31.19 -3.03
C ASN E 235 31.70 31.67 -2.56
N GLU E 236 31.69 32.37 -1.42
CA GLU E 236 30.58 33.20 -1.02
C GLU E 236 30.81 34.60 -1.60
N ASN E 237 29.84 35.50 -1.49
CA ASN E 237 30.02 36.90 -1.86
C ASN E 237 30.46 37.66 -0.62
N VAL E 238 31.70 38.11 -0.61
CA VAL E 238 32.36 38.60 0.59
C VAL E 238 32.98 39.96 0.30
N ASP E 239 32.83 40.89 1.23
CA ASP E 239 33.58 42.14 1.19
C ASP E 239 34.98 41.89 1.71
N ARG E 240 35.99 42.43 1.01
CA ARG E 240 37.37 42.09 1.33
C ARG E 240 37.76 42.50 2.74
N HIS E 241 37.11 43.51 3.31
CA HIS E 241 37.51 44.05 4.60
C HIS E 241 36.95 43.26 5.78
N VAL E 242 36.41 42.07 5.52
CA VAL E 242 36.08 41.17 6.61
C VAL E 242 37.35 40.76 7.35
N ASP E 243 37.25 40.68 8.67
CA ASP E 243 38.33 40.16 9.51
C ASP E 243 37.81 38.92 10.22
N LEU E 244 38.57 37.83 10.11
CA LEU E 244 38.05 36.52 10.49
C LEU E 244 38.60 36.06 11.84
N LEU E 245 39.82 36.46 12.17
CA LEU E 245 40.42 35.99 13.42
C LEU E 245 39.52 36.30 14.61
N GLU E 246 38.87 37.45 14.62
CA GLU E 246 37.86 37.72 15.63
C GLU E 246 36.72 36.72 15.52
N VAL E 247 36.29 36.43 14.30
CA VAL E 247 35.28 35.39 14.09
C VAL E 247 35.84 34.05 14.55
N ALA E 248 37.13 33.81 14.34
CA ALA E 248 37.74 32.57 14.79
C ALA E 248 37.64 32.43 16.30
N GLN E 249 37.93 33.50 17.04
CA GLN E 249 37.81 33.43 18.49
C GLN E 249 36.37 33.23 18.92
N GLU E 250 35.46 34.02 18.36
CA GLU E 250 34.06 33.90 18.76
C GLU E 250 33.49 32.54 18.40
N THR E 251 34.07 31.87 17.40
CA THR E 251 33.57 30.58 16.96
C THR E 251 34.27 29.42 17.67
N ASP E 252 35.22 29.70 18.55
CA ASP E 252 36.03 28.64 19.14
C ASP E 252 35.18 27.60 19.86
N GLY E 253 34.00 27.99 20.33
CA GLY E 253 33.15 27.05 21.03
C GLY E 253 32.46 26.06 20.11
N PHE E 254 32.47 26.33 18.81
CA PHE E 254 31.71 25.54 17.85
C PHE E 254 32.55 24.39 17.29
N SER E 255 31.86 23.48 16.60
CA SER E 255 32.49 22.46 15.79
C SER E 255 32.38 22.82 14.31
N GLY E 256 33.02 22.01 13.46
CA GLY E 256 33.06 22.33 12.04
C GLY E 256 31.68 22.41 11.42
N SER E 257 30.82 21.44 11.71
CA SER E 257 29.45 21.50 11.21
C SER E 257 28.76 22.74 11.72
N ASP E 258 29.01 23.10 12.99
CA ASP E 258 28.42 24.32 13.53
C ASP E 258 29.00 25.56 12.88
N LEU E 259 30.28 25.54 12.52
CA LEU E 259 30.86 26.64 11.74
C LEU E 259 30.09 26.81 10.43
N LYS E 260 29.87 25.70 9.74
CA LYS E 260 29.12 25.71 8.49
C LYS E 260 27.73 26.30 8.72
N GLU E 261 27.06 25.85 9.78
CA GLU E 261 25.69 26.31 10.05
C GLU E 261 25.68 27.77 10.49
N MET E 262 26.79 28.27 11.05
CA MET E 262 26.85 29.67 11.42
C MET E 262 26.98 30.55 10.19
N CYS E 263 27.87 30.17 9.26
CA CYS E 263 27.87 30.86 7.97
C CYS E 263 26.50 30.78 7.34
N ARG E 264 25.80 29.66 7.55
CA ARG E 264 24.42 29.57 7.11
C ARG E 264 23.54 30.66 7.71
N ASP E 265 23.54 30.79 9.02
CA ASP E 265 22.63 31.74 9.64
C ASP E 265 22.95 33.14 9.16
N ALA E 266 24.23 33.45 8.96
CA ALA E 266 24.60 34.78 8.47
C ALA E 266 24.05 35.03 7.07
N ALA E 267 24.26 34.09 6.15
CA ALA E 267 23.80 34.30 4.79
C ALA E 267 22.29 34.45 4.75
N LEU E 268 21.57 33.59 5.46
CA LEU E 268 20.12 33.66 5.44
C LEU E 268 19.62 34.94 6.10
N LEU E 269 20.32 35.42 7.13
CA LEU E 269 19.96 36.68 7.74
C LEU E 269 20.07 37.83 6.74
N CYS E 270 21.16 37.86 5.98
CA CYS E 270 21.29 38.88 4.95
C CYS E 270 20.17 38.78 3.93
N VAL E 271 19.80 37.55 3.55
CA VAL E 271 18.73 37.38 2.57
C VAL E 271 17.41 37.90 3.13
N ARG E 272 17.15 37.62 4.40
CA ARG E 272 15.91 38.09 5.03
C ARG E 272 15.84 39.61 5.02
N GLU E 273 16.93 40.27 5.43
CA GLU E 273 16.89 41.73 5.43
C GLU E 273 16.73 42.27 4.01
N TYR E 274 17.38 41.63 3.03
CA TYR E 274 17.20 42.06 1.65
C TYR E 274 15.74 41.98 1.23
N VAL E 275 15.10 40.83 1.46
CA VAL E 275 13.73 40.66 0.98
C VAL E 275 12.80 41.65 1.69
N ASN E 276 13.04 41.89 2.97
CA ASN E 276 12.18 42.82 3.69
C ASN E 276 12.39 44.25 3.21
N SER E 277 13.61 44.62 2.84
CA SER E 277 13.83 45.96 2.30
C SER E 277 13.27 46.11 0.89
N THR E 278 13.28 45.02 0.10
CA THR E 278 12.83 45.10 -1.29
C THR E 278 11.34 45.35 -1.37
N SER E 279 10.55 44.73 -0.48
CA SER E 279 9.10 44.80 -0.60
C SER E 279 8.57 46.22 -0.48
N GLU E 280 9.28 47.09 0.24
CA GLU E 280 8.79 48.44 0.49
C GLU E 280 9.07 49.37 -0.69
N GLU E 281 8.58 48.99 -1.87
CA GLU E 281 8.63 49.84 -3.07
C GLU E 281 10.06 50.20 -3.47
N SER E 282 11.03 49.37 -3.13
CA SER E 282 12.39 49.61 -3.57
C SER E 282 12.55 49.24 -5.04
N HIS E 283 13.54 49.85 -5.69
CA HIS E 283 13.76 49.61 -7.11
C HIS E 283 14.18 48.16 -7.34
N ASP E 284 13.88 47.65 -8.53
CA ASP E 284 14.15 46.26 -8.87
C ASP E 284 15.57 46.09 -9.40
N GLU E 285 16.57 46.49 -8.61
CA GLU E 285 17.96 46.33 -9.01
C GLU E 285 18.45 44.90 -8.87
N ASP E 286 17.95 44.15 -7.89
CA ASP E 286 18.30 42.75 -7.70
C ASP E 286 19.79 42.59 -7.37
N GLU E 287 20.21 43.26 -6.30
CA GLU E 287 21.57 43.13 -5.78
C GLU E 287 21.53 43.17 -4.26
N ILE E 288 22.35 42.32 -3.64
CA ILE E 288 22.27 42.05 -2.21
C ILE E 288 23.50 42.64 -1.52
N ARG E 289 23.31 43.02 -0.25
CA ARG E 289 24.40 43.48 0.57
C ARG E 289 25.42 42.37 0.77
N PRO E 290 26.70 42.59 0.46
CA PRO E 290 27.68 41.52 0.59
C PRO E 290 27.95 41.18 2.05
N VAL E 291 28.56 40.01 2.26
CA VAL E 291 28.89 39.57 3.61
C VAL E 291 29.85 40.58 4.23
N GLN E 292 29.50 41.04 5.43
CA GLN E 292 30.30 42.01 6.17
C GLN E 292 30.43 41.56 7.62
N GLN E 293 31.40 42.16 8.31
CA GLN E 293 31.74 41.72 9.67
C GLN E 293 30.51 41.67 10.56
N GLN E 294 29.69 42.72 10.53
CA GLN E 294 28.54 42.79 11.42
C GLN E 294 27.58 41.62 11.17
N ASP E 295 27.48 41.19 9.91
CA ASP E 295 26.61 40.06 9.60
C ASP E 295 27.02 38.82 10.38
N LEU E 296 28.31 38.47 10.30
CA LEU E 296 28.78 37.29 11.01
C LEU E 296 28.75 37.49 12.51
N HIS E 297 28.98 38.73 12.97
CA HIS E 297 28.89 39.00 14.40
C HIS E 297 27.49 38.66 14.91
N ARG E 298 26.46 39.19 14.25
CA ARG E 298 25.09 38.94 14.68
C ARG E 298 24.74 37.46 14.53
N ALA E 299 25.19 36.83 13.44
CA ALA E 299 24.90 35.43 13.23
C ALA E 299 25.52 34.57 14.32
N ILE E 300 26.75 34.90 14.72
CA ILE E 300 27.42 34.14 15.76
C ILE E 300 26.72 34.35 17.10
N GLU E 301 26.27 35.58 17.36
CA GLU E 301 25.52 35.83 18.58
C GLU E 301 24.26 34.99 18.62
N LYS E 302 23.54 34.91 17.49
CA LYS E 302 22.32 34.10 17.45
C LYS E 302 22.64 32.62 17.57
N MET E 303 23.78 32.20 17.00
CA MET E 303 24.20 30.80 17.11
C MET E 303 24.49 30.45 18.56
N LYS E 304 25.18 31.35 19.27
CA LYS E 304 25.42 31.15 20.68
C LYS E 304 24.13 31.20 21.47
N LYS E 305 23.14 31.95 20.99
CA LYS E 305 21.83 31.94 21.62
C LYS E 305 21.16 30.58 21.46
N SER E 306 21.32 29.96 20.30
CA SER E 306 20.79 28.60 20.11
C SER E 306 21.48 27.62 21.06
N LYS E 307 22.82 27.71 21.13
CA LYS E 307 23.54 26.90 22.11
C LYS E 307 23.04 27.18 23.53
N ASP E 308 22.69 28.44 23.81
CA ASP E 308 22.21 28.79 25.14
C ASP E 308 20.84 28.17 25.40
N ALA E 309 19.99 28.13 24.39
CA ALA E 309 18.71 27.44 24.55
C ALA E 309 18.92 25.96 24.85
N ALA E 310 19.86 25.34 24.14
CA ALA E 310 20.19 23.95 24.45
C ALA E 310 20.69 23.80 25.88
N PHE E 311 21.53 24.74 26.32
CA PHE E 311 22.09 24.67 27.67
C PHE E 311 20.99 24.84 28.72
N GLN E 312 20.08 25.79 28.51
CA GLN E 312 18.96 25.96 29.42
C GLN E 312 18.10 24.70 29.46
N ASN E 313 17.92 24.03 28.32
CA ASN E 313 17.28 22.72 28.35
C ASN E 313 18.07 21.75 29.21
N VAL E 314 19.40 21.80 29.14
CA VAL E 314 20.22 20.97 30.02
C VAL E 314 20.03 21.39 31.46
N LEU E 315 20.07 22.70 31.73
CA LEU E 315 19.92 23.22 33.09
C LEU E 315 18.45 23.18 33.51
N ASN F 26 -40.13 32.31 -19.49
CA ASN F 26 -39.57 33.62 -19.79
C ASN F 26 -38.09 33.52 -20.20
N VAL F 27 -37.54 32.31 -20.09
CA VAL F 27 -36.14 32.09 -20.42
C VAL F 27 -35.97 32.05 -21.94
N LYS F 28 -34.82 32.51 -22.41
CA LYS F 28 -34.47 32.48 -23.82
C LYS F 28 -33.60 31.25 -24.07
N LEU F 29 -33.94 30.50 -25.11
CA LEU F 29 -33.44 29.14 -25.28
C LEU F 29 -32.90 28.91 -26.68
N SER F 30 -31.82 28.14 -26.76
CA SER F 30 -31.42 27.54 -28.02
C SER F 30 -32.06 26.16 -28.15
N GLU F 31 -31.99 25.59 -29.35
CA GLU F 31 -32.56 24.27 -29.57
C GLU F 31 -32.08 23.29 -28.50
N TYR F 32 -30.79 23.38 -28.15
CA TYR F 32 -30.25 22.55 -27.08
C TYR F 32 -30.98 22.81 -25.77
N GLU F 33 -31.12 24.09 -25.41
CA GLU F 33 -31.72 24.43 -24.13
C GLU F 33 -33.20 24.10 -24.11
N MET F 34 -33.89 24.19 -25.25
CA MET F 34 -35.25 23.68 -25.31
C MET F 34 -35.29 22.18 -25.11
N SER F 35 -34.31 21.46 -25.65
CA SER F 35 -34.25 20.02 -25.42
C SER F 35 -34.07 19.72 -23.93
N ILE F 36 -33.18 20.46 -23.26
CA ILE F 36 -33.01 20.28 -21.83
C ILE F 36 -34.27 20.71 -21.08
N ALA F 37 -34.92 21.79 -21.54
CA ALA F 37 -36.12 22.27 -20.87
C ALA F 37 -37.20 21.19 -20.83
N ALA F 38 -37.20 20.28 -21.80
CA ALA F 38 -38.18 19.20 -21.79
C ALA F 38 -37.99 18.27 -20.61
N HIS F 39 -36.74 18.02 -20.23
CA HIS F 39 -36.48 17.10 -19.13
C HIS F 39 -36.79 17.72 -17.77
N LEU F 40 -36.88 19.04 -17.70
CA LEU F 40 -37.16 19.71 -16.44
C LEU F 40 -38.47 19.21 -15.86
N VAL F 41 -38.44 18.87 -14.57
CA VAL F 41 -39.64 18.37 -13.90
C VAL F 41 -40.52 19.53 -13.47
N ASP F 42 -41.79 19.20 -13.19
CA ASP F 42 -42.79 20.19 -12.84
C ASP F 42 -43.12 20.07 -11.35
N PRO F 43 -42.95 21.13 -10.54
CA PRO F 43 -43.27 21.01 -9.12
C PRO F 43 -44.76 20.87 -8.83
N LEU F 44 -45.63 20.97 -9.85
CA LEU F 44 -47.07 20.84 -9.65
C LEU F 44 -47.60 19.45 -9.93
N ASN F 45 -46.77 18.54 -10.47
CA ASN F 45 -47.19 17.17 -10.72
C ASN F 45 -46.44 16.15 -9.85
N MET F 46 -45.38 16.56 -9.16
CA MET F 46 -44.72 15.67 -8.22
C MET F 46 -45.60 15.45 -7.00
N HIS F 47 -45.42 14.30 -6.35
CA HIS F 47 -46.31 13.89 -5.26
C HIS F 47 -45.62 13.95 -3.91
N VAL F 48 -44.47 13.29 -3.77
CA VAL F 48 -43.92 12.99 -2.46
C VAL F 48 -43.48 14.27 -1.75
N THR F 49 -43.50 14.24 -0.42
CA THR F 49 -43.17 15.39 0.40
C THR F 49 -42.44 14.91 1.65
N TRP F 50 -42.01 15.87 2.48
CA TRP F 50 -41.46 15.52 3.77
C TRP F 50 -42.44 14.72 4.62
N SER F 51 -43.74 14.93 4.41
CA SER F 51 -44.75 14.17 5.16
C SER F 51 -44.85 12.73 4.70
N ASP F 52 -44.15 12.35 3.63
CA ASP F 52 -44.24 11.01 3.07
C ASP F 52 -42.87 10.34 3.04
N ILE F 53 -42.09 10.51 4.10
CA ILE F 53 -40.78 9.89 4.23
C ILE F 53 -40.54 9.58 5.69
N ALA F 54 -39.92 8.43 5.95
CA ALA F 54 -39.68 7.98 7.32
C ALA F 54 -38.46 7.09 7.35
N GLY F 55 -37.92 6.91 8.55
CA GLY F 55 -36.77 6.04 8.77
C GLY F 55 -35.43 6.66 8.46
N LEU F 56 -35.40 7.91 8.00
CA LEU F 56 -34.16 8.59 7.67
C LEU F 56 -34.12 9.99 8.26
N ASP F 57 -34.97 10.29 9.25
CA ASP F 57 -35.26 11.67 9.62
C ASP F 57 -34.00 12.43 10.00
N ASP F 58 -32.96 11.74 10.49
CA ASP F 58 -31.72 12.43 10.80
C ASP F 58 -31.00 12.85 9.51
N VAL F 59 -30.90 11.93 8.56
CA VAL F 59 -30.35 12.28 7.25
C VAL F 59 -31.25 13.29 6.56
N ILE F 60 -32.56 13.18 6.76
CA ILE F 60 -33.48 14.18 6.23
C ILE F 60 -33.14 15.55 6.80
N THR F 61 -32.90 15.62 8.11
CA THR F 61 -32.58 16.89 8.74
C THR F 61 -31.28 17.46 8.19
N ASP F 62 -30.26 16.61 8.07
CA ASP F 62 -28.98 17.10 7.55
C ASP F 62 -29.13 17.61 6.13
N LEU F 63 -29.78 16.83 5.26
CA LEU F 63 -29.96 17.26 3.87
C LEU F 63 -30.76 18.55 3.81
N LYS F 64 -31.86 18.63 4.55
CA LYS F 64 -32.68 19.83 4.55
C LYS F 64 -31.84 21.04 4.96
N ASP F 65 -31.19 20.97 6.13
CA ASP F 65 -30.47 22.11 6.65
C ASP F 65 -29.37 22.55 5.70
N THR F 66 -28.60 21.60 5.15
CA THR F 66 -27.45 21.98 4.36
C THR F 66 -27.86 22.45 2.97
N VAL F 67 -28.77 21.72 2.30
CA VAL F 67 -29.08 22.01 0.91
C VAL F 67 -30.18 23.06 0.81
N ILE F 68 -31.32 22.80 1.43
CA ILE F 68 -32.51 23.59 1.13
C ILE F 68 -32.35 25.01 1.64
N LEU F 69 -31.83 25.17 2.85
CA LEU F 69 -31.77 26.50 3.46
C LEU F 69 -31.00 27.49 2.61
N PRO F 70 -29.78 27.21 2.15
CA PRO F 70 -29.11 28.15 1.24
C PRO F 70 -29.88 28.35 -0.05
N ILE F 71 -30.57 27.32 -0.53
CA ILE F 71 -31.27 27.41 -1.81
C ILE F 71 -32.40 28.44 -1.73
N LYS F 72 -33.19 28.36 -0.65
CA LYS F 72 -34.44 29.11 -0.60
C LYS F 72 -34.22 30.59 -0.31
N LYS F 73 -33.27 30.91 0.56
CA LYS F 73 -33.07 32.28 1.05
C LYS F 73 -31.59 32.62 0.98
N LYS F 74 -31.00 32.42 -0.20
CA LYS F 74 -29.55 32.36 -0.33
C LYS F 74 -28.87 33.57 0.31
N HIS F 75 -29.45 34.76 0.17
CA HIS F 75 -28.74 35.96 0.65
C HIS F 75 -28.46 35.87 2.14
N LEU F 76 -29.22 35.04 2.86
CA LEU F 76 -29.04 34.91 4.30
C LEU F 76 -27.67 34.35 4.65
N PHE F 77 -27.17 33.41 3.84
CA PHE F 77 -25.96 32.64 4.16
C PHE F 77 -24.70 33.18 3.49
N GLU F 78 -24.78 34.31 2.77
CA GLU F 78 -23.61 34.76 2.02
C GLU F 78 -22.58 35.45 2.90
N ASN F 79 -22.94 35.88 4.10
CA ASN F 79 -21.97 36.56 4.96
C ASN F 79 -21.04 35.52 5.59
N SER F 80 -20.42 34.71 4.74
CA SER F 80 -19.48 33.69 5.16
C SER F 80 -18.80 33.15 3.91
N ARG F 81 -17.49 32.96 3.97
CA ARG F 81 -16.78 32.27 2.89
C ARG F 81 -17.29 30.85 2.68
N LEU F 82 -18.23 30.40 3.50
CA LEU F 82 -18.45 28.99 3.76
C LEU F 82 -19.82 28.79 4.36
N LEU F 83 -20.28 27.54 4.26
CA LEU F 83 -21.68 27.15 4.43
C LEU F 83 -22.49 27.58 3.22
N GLN F 84 -21.80 28.09 2.20
CA GLN F 84 -22.38 28.19 0.88
C GLN F 84 -22.79 26.79 0.43
N PRO F 85 -23.88 26.69 -0.34
CA PRO F 85 -24.39 25.37 -0.69
C PRO F 85 -23.30 24.54 -1.36
N PRO F 86 -23.16 23.27 -0.98
CA PRO F 86 -22.02 22.50 -1.49
C PRO F 86 -22.08 22.34 -2.99
N LYS F 87 -20.91 22.34 -3.62
CA LYS F 87 -20.82 22.20 -5.07
C LYS F 87 -21.08 20.78 -5.55
N GLY F 88 -21.42 19.86 -4.64
CA GLY F 88 -21.76 18.51 -5.04
C GLY F 88 -22.32 17.69 -3.89
N VAL F 89 -23.44 17.02 -4.13
CA VAL F 89 -24.09 16.16 -3.13
C VAL F 89 -24.23 14.78 -3.73
N LEU F 90 -23.74 13.77 -3.03
CA LEU F 90 -23.83 12.39 -3.47
C LEU F 90 -24.61 11.57 -2.45
N LEU F 91 -25.60 10.81 -2.94
CA LEU F 91 -26.36 9.89 -2.12
C LEU F 91 -25.91 8.48 -2.44
N TYR F 92 -25.48 7.75 -1.41
CA TYR F 92 -25.03 6.37 -1.57
C TYR F 92 -25.70 5.49 -0.53
N GLY F 93 -26.28 4.40 -1.01
CA GLY F 93 -26.95 3.44 -0.16
C GLY F 93 -27.40 2.23 -0.95
N PRO F 94 -27.65 1.12 -0.27
CA PRO F 94 -28.04 -0.10 -0.97
C PRO F 94 -29.33 0.10 -1.76
N PRO F 95 -29.58 -0.72 -2.77
CA PRO F 95 -30.84 -0.59 -3.53
C PRO F 95 -32.04 -0.77 -2.63
N GLY F 96 -33.09 0.00 -2.92
CA GLY F 96 -34.33 -0.09 -2.19
C GLY F 96 -34.37 0.70 -0.88
N CYS F 97 -33.32 1.45 -0.58
CA CYS F 97 -33.27 2.22 0.66
C CYS F 97 -33.95 3.57 0.54
N GLY F 98 -34.46 3.93 -0.62
CA GLY F 98 -35.19 5.16 -0.80
C GLY F 98 -34.41 6.31 -1.40
N LYS F 99 -33.39 6.03 -2.23
CA LYS F 99 -32.57 7.11 -2.78
C LYS F 99 -33.37 7.94 -3.78
N THR F 100 -34.07 7.29 -4.71
CA THR F 100 -34.90 8.02 -5.66
C THR F 100 -36.02 8.76 -4.95
N LEU F 101 -36.63 8.14 -3.94
CA LEU F 101 -37.68 8.80 -3.19
C LEU F 101 -37.18 10.10 -2.58
N ILE F 102 -36.01 10.06 -1.94
CA ILE F 102 -35.49 11.27 -1.33
C ILE F 102 -35.07 12.28 -2.38
N ALA F 103 -34.54 11.82 -3.52
CA ALA F 103 -34.23 12.75 -4.59
C ALA F 103 -35.48 13.54 -4.99
N LYS F 104 -36.58 12.83 -5.24
CA LYS F 104 -37.82 13.49 -5.61
C LYS F 104 -38.32 14.40 -4.50
N ALA F 105 -38.24 13.95 -3.25
CA ALA F 105 -38.73 14.73 -2.13
C ALA F 105 -37.96 16.04 -1.99
N THR F 106 -36.63 15.96 -2.09
CA THR F 106 -35.82 17.17 -2.06
C THR F 106 -36.15 18.08 -3.23
N ALA F 107 -36.32 17.51 -4.42
CA ALA F 107 -36.62 18.32 -5.59
C ALA F 107 -37.91 19.11 -5.39
N LYS F 108 -38.96 18.44 -4.90
CA LYS F 108 -40.24 19.14 -4.70
C LYS F 108 -40.16 20.12 -3.54
N GLU F 109 -39.62 19.69 -2.40
CA GLU F 109 -39.64 20.52 -1.20
C GLU F 109 -38.72 21.72 -1.33
N ALA F 110 -37.64 21.59 -2.10
CA ALA F 110 -36.74 22.72 -2.31
C ALA F 110 -37.47 23.87 -2.98
N GLY F 111 -38.48 23.58 -3.79
CA GLY F 111 -39.19 24.60 -4.53
C GLY F 111 -38.42 25.17 -5.71
N CYS F 112 -37.22 24.67 -5.96
CA CYS F 112 -36.40 25.14 -7.07
C CYS F 112 -36.71 24.33 -8.32
N ARG F 113 -35.87 24.48 -9.34
CA ARG F 113 -36.00 23.74 -10.58
C ARG F 113 -35.06 22.54 -10.57
N PHE F 114 -35.59 21.39 -10.96
CA PHE F 114 -34.89 20.12 -10.85
C PHE F 114 -34.81 19.47 -12.22
N ILE F 115 -33.60 19.12 -12.64
CA ILE F 115 -33.37 18.51 -13.94
C ILE F 115 -32.94 17.06 -13.70
N ASN F 116 -33.64 16.13 -14.34
CA ASN F 116 -33.32 14.70 -14.25
C ASN F 116 -32.49 14.37 -15.48
N LEU F 117 -31.17 14.23 -15.27
CA LEU F 117 -30.23 14.07 -16.37
C LEU F 117 -29.88 12.59 -16.56
N GLN F 118 -30.83 11.84 -17.11
CA GLN F 118 -30.60 10.43 -17.34
C GLN F 118 -29.52 10.24 -18.42
N PRO F 119 -28.84 9.09 -18.43
CA PRO F 119 -27.62 8.97 -19.25
C PRO F 119 -27.83 9.25 -20.72
N SER F 120 -28.97 8.88 -21.29
CA SER F 120 -29.16 9.00 -22.73
C SER F 120 -29.01 10.45 -23.18
N THR F 121 -29.20 11.40 -22.26
CA THR F 121 -29.11 12.81 -22.63
C THR F 121 -27.75 13.18 -23.20
N LEU F 122 -26.70 12.48 -22.79
CA LEU F 122 -25.33 12.84 -23.19
C LEU F 122 -24.69 11.84 -24.13
N THR F 123 -25.09 10.56 -24.08
CA THR F 123 -24.49 9.56 -24.94
C THR F 123 -25.05 9.66 -26.36
N ASP F 124 -24.93 10.84 -26.97
CA ASP F 124 -25.32 11.03 -28.36
C ASP F 124 -24.29 10.33 -29.24
N LYS F 125 -24.73 9.30 -29.96
CA LYS F 125 -23.82 8.37 -30.62
C LYS F 125 -23.32 8.87 -31.96
N TRP F 126 -23.98 9.87 -32.56
CA TRP F 126 -23.68 10.28 -33.92
C TRP F 126 -23.43 11.77 -34.10
N TYR F 127 -24.15 12.62 -33.39
CA TYR F 127 -24.15 14.05 -33.64
C TYR F 127 -23.03 14.71 -32.86
N GLY F 128 -22.30 15.60 -33.52
CA GLY F 128 -21.40 16.50 -32.83
C GLY F 128 -22.19 17.45 -31.95
N GLU F 129 -23.52 17.41 -32.11
CA GLU F 129 -24.44 18.08 -31.21
C GLU F 129 -24.14 17.79 -29.74
N SER F 130 -23.41 16.71 -29.46
CA SER F 130 -23.13 16.33 -28.08
C SER F 130 -22.47 17.46 -27.30
N GLN F 131 -21.40 18.04 -27.86
CA GLN F 131 -20.66 19.07 -27.14
C GLN F 131 -21.58 20.22 -26.73
N LYS F 132 -22.31 20.78 -27.70
CA LYS F 132 -23.22 21.87 -27.38
C LYS F 132 -24.31 21.42 -26.43
N LEU F 133 -24.69 20.15 -26.47
CA LEU F 133 -25.73 19.65 -25.57
C LEU F 133 -25.22 19.59 -24.13
N ALA F 134 -23.99 19.08 -23.94
CA ALA F 134 -23.38 19.10 -22.62
C ALA F 134 -23.24 20.51 -22.11
N ALA F 135 -22.86 21.44 -23.00
CA ALA F 135 -22.82 22.84 -22.60
C ALA F 135 -24.19 23.36 -22.21
N ALA F 136 -25.22 22.97 -22.96
CA ALA F 136 -26.56 23.51 -22.77
C ALA F 136 -27.16 23.05 -21.45
N VAL F 137 -26.85 21.84 -21.00
CA VAL F 137 -27.32 21.41 -19.70
C VAL F 137 -26.96 22.45 -18.64
N PHE F 138 -25.66 22.71 -18.48
CA PHE F 138 -25.20 23.69 -17.51
C PHE F 138 -25.68 25.09 -17.88
N SER F 139 -25.84 25.39 -19.17
CA SER F 139 -26.31 26.72 -19.55
C SER F 139 -27.70 26.98 -19.00
N LEU F 140 -28.62 26.03 -19.21
CA LEU F 140 -29.97 26.17 -18.68
C LEU F 140 -29.94 26.19 -17.14
N ALA F 141 -29.12 25.32 -16.53
CA ALA F 141 -29.03 25.34 -15.08
C ALA F 141 -28.59 26.71 -14.58
N ILE F 142 -27.60 27.32 -15.22
CA ILE F 142 -27.09 28.61 -14.81
C ILE F 142 -28.13 29.70 -15.03
N LYS F 143 -28.88 29.63 -16.13
CA LYS F 143 -29.96 30.60 -16.34
C LYS F 143 -31.00 30.49 -15.24
N LEU F 144 -31.36 29.26 -14.87
CA LEU F 144 -32.42 29.01 -13.90
C LEU F 144 -31.79 28.93 -12.51
N GLN F 145 -31.77 30.08 -11.81
CA GLN F 145 -31.17 30.17 -10.48
C GLN F 145 -32.24 30.40 -9.45
N PRO F 146 -32.34 29.59 -8.38
CA PRO F 146 -31.56 28.37 -8.08
C PRO F 146 -32.10 27.14 -8.79
N SER F 147 -31.27 26.14 -9.02
CA SER F 147 -31.74 24.88 -9.58
C SER F 147 -30.78 23.77 -9.20
N ILE F 148 -31.26 22.54 -9.29
CA ILE F 148 -30.52 21.36 -8.86
C ILE F 148 -30.45 20.37 -10.03
N ILE F 149 -29.24 19.86 -10.29
CA ILE F 149 -29.02 18.84 -11.30
C ILE F 149 -28.85 17.51 -10.61
N PHE F 150 -29.50 16.48 -11.14
CA PHE F 150 -29.45 15.14 -10.57
C PHE F 150 -29.07 14.13 -11.64
N ILE F 151 -28.28 13.15 -11.25
CA ILE F 151 -27.86 12.06 -12.13
C ILE F 151 -28.07 10.76 -11.36
N ASP F 152 -29.14 10.04 -11.69
CA ASP F 152 -29.29 8.69 -11.18
C ASP F 152 -28.33 7.76 -11.88
N GLU F 153 -27.89 6.73 -11.16
CA GLU F 153 -26.92 5.77 -11.70
C GLU F 153 -25.70 6.52 -12.22
N ILE F 154 -25.20 7.45 -11.39
CA ILE F 154 -24.13 8.34 -11.82
C ILE F 154 -22.89 7.56 -12.21
N ASP F 155 -22.72 6.36 -11.64
CA ASP F 155 -21.57 5.54 -12.01
C ASP F 155 -21.57 5.22 -13.51
N SER F 156 -22.75 5.07 -14.11
CA SER F 156 -22.83 4.77 -15.53
C SER F 156 -22.80 6.02 -16.38
N PHE F 157 -22.67 7.19 -15.76
CA PHE F 157 -22.88 8.45 -16.47
C PHE F 157 -21.90 8.61 -17.64
N LEU F 158 -20.64 8.27 -17.43
CA LEU F 158 -19.59 8.51 -18.41
C LEU F 158 -18.81 7.24 -18.73
N ARG F 159 -19.51 6.11 -18.91
CA ARG F 159 -18.85 4.83 -19.12
C ARG F 159 -19.18 4.18 -20.44
N ASN F 160 -20.34 4.48 -21.04
CA ASN F 160 -20.74 3.80 -22.26
C ASN F 160 -19.67 4.02 -23.35
N ARG F 161 -19.36 2.96 -24.08
CA ARG F 161 -18.27 2.98 -25.06
C ARG F 161 -18.70 2.24 -26.32
N SER F 162 -18.12 2.65 -27.44
CA SER F 162 -18.32 2.01 -28.74
C SER F 162 -17.32 2.59 -29.71
N SER F 163 -17.26 2.02 -30.90
CA SER F 163 -16.33 2.51 -31.92
C SER F 163 -16.56 3.99 -32.20
N SER F 164 -17.80 4.45 -32.10
CA SER F 164 -18.13 5.85 -32.39
C SER F 164 -18.16 6.73 -31.15
N ASP F 165 -17.84 6.19 -29.96
CA ASP F 165 -18.09 6.89 -28.71
C ASP F 165 -16.86 7.17 -27.86
N HIS F 166 -15.78 6.40 -28.01
CA HIS F 166 -14.68 6.49 -27.06
C HIS F 166 -14.07 7.89 -27.02
N GLU F 167 -13.70 8.42 -28.19
CA GLU F 167 -13.14 9.77 -28.22
C GLU F 167 -14.18 10.79 -27.78
N ALA F 168 -15.42 10.63 -28.26
CA ALA F 168 -16.50 11.47 -27.79
C ALA F 168 -16.72 11.31 -26.30
N THR F 169 -16.51 10.10 -25.77
CA THR F 169 -16.63 9.89 -24.34
C THR F 169 -15.59 10.72 -23.58
N ALA F 170 -14.34 10.70 -24.06
CA ALA F 170 -13.31 11.52 -23.41
C ALA F 170 -13.66 13.00 -23.49
N MET F 171 -14.16 13.44 -24.63
CA MET F 171 -14.55 14.84 -24.77
C MET F 171 -15.66 15.19 -23.79
N MET F 172 -16.65 14.31 -23.65
CA MET F 172 -17.72 14.57 -22.72
C MET F 172 -17.19 14.64 -21.28
N LYS F 173 -16.29 13.72 -20.92
CA LYS F 173 -15.69 13.77 -19.60
C LYS F 173 -15.04 15.13 -19.35
N ALA F 174 -14.18 15.56 -20.28
CA ALA F 174 -13.42 16.79 -20.09
C ALA F 174 -14.37 17.98 -19.96
N GLN F 175 -15.39 18.02 -20.81
CA GLN F 175 -16.33 19.14 -20.78
C GLN F 175 -17.09 19.16 -19.46
N PHE F 176 -17.53 18.00 -18.97
CA PHE F 176 -18.33 18.01 -17.75
C PHE F 176 -17.50 18.48 -16.57
N MET F 177 -16.27 17.98 -16.42
CA MET F 177 -15.47 18.47 -15.29
C MET F 177 -15.11 19.95 -15.48
N SER F 178 -14.88 20.39 -16.72
CA SER F 178 -14.55 21.80 -16.90
C SER F 178 -15.72 22.70 -16.50
N LEU F 179 -16.95 22.30 -16.86
CA LEU F 179 -18.10 23.10 -16.49
C LEU F 179 -18.38 23.02 -15.00
N TRP F 180 -18.10 21.87 -14.39
CA TRP F 180 -18.21 21.75 -12.93
C TRP F 180 -17.22 22.70 -12.25
N ASP F 181 -15.98 22.75 -12.75
CA ASP F 181 -15.02 23.71 -12.24
C ASP F 181 -15.49 25.14 -12.48
N GLY F 182 -16.21 25.38 -13.58
CA GLY F 182 -16.77 26.70 -13.81
C GLY F 182 -17.81 27.07 -12.77
N LEU F 183 -18.69 26.13 -12.44
CA LEU F 183 -19.62 26.37 -11.34
C LEU F 183 -18.87 26.66 -10.04
N ASP F 184 -17.78 25.93 -9.80
CA ASP F 184 -16.97 26.20 -8.61
C ASP F 184 -16.37 27.61 -8.66
N THR F 185 -15.98 28.06 -9.85
CA THR F 185 -15.22 29.31 -9.97
C THR F 185 -16.09 30.52 -9.62
N ASP F 186 -17.35 30.52 -10.05
CA ASP F 186 -18.21 31.69 -9.88
C ASP F 186 -18.72 31.71 -8.45
N HIS F 187 -18.28 32.71 -7.67
CA HIS F 187 -18.73 32.84 -6.29
C HIS F 187 -20.21 33.16 -6.19
N SER F 188 -20.82 33.64 -7.28
CA SER F 188 -22.24 33.94 -7.30
C SER F 188 -23.08 32.77 -7.80
N CYS F 189 -22.47 31.61 -8.03
CA CYS F 189 -23.21 30.46 -8.51
C CYS F 189 -24.28 30.05 -7.50
N GLN F 190 -25.42 29.59 -8.01
CA GLN F 190 -26.55 29.21 -7.18
C GLN F 190 -27.02 27.79 -7.43
N VAL F 191 -26.35 27.04 -8.29
CA VAL F 191 -26.82 25.73 -8.74
C VAL F 191 -26.03 24.63 -8.05
N ILE F 192 -26.71 23.53 -7.74
CA ILE F 192 -26.09 22.36 -7.15
C ILE F 192 -26.22 21.21 -8.14
N VAL F 193 -25.31 20.25 -8.03
CA VAL F 193 -25.40 19.00 -8.79
C VAL F 193 -25.44 17.85 -7.80
N MET F 194 -26.30 16.86 -8.10
CA MET F 194 -26.57 15.75 -7.20
C MET F 194 -26.51 14.45 -7.98
N GLY F 195 -26.28 13.37 -7.26
CA GLY F 195 -26.17 12.06 -7.88
C GLY F 195 -26.55 10.95 -6.92
N ALA F 196 -26.91 9.80 -7.49
CA ALA F 196 -27.25 8.61 -6.73
C ALA F 196 -26.65 7.40 -7.43
N THR F 197 -26.47 6.32 -6.65
CA THR F 197 -25.85 5.12 -7.18
C THR F 197 -25.96 3.97 -6.19
N ASN F 198 -25.98 2.75 -6.71
CA ASN F 198 -26.12 1.55 -5.90
C ASN F 198 -24.80 0.86 -5.62
N ARG F 199 -23.82 0.98 -6.52
CA ARG F 199 -22.50 0.38 -6.35
C ARG F 199 -21.48 1.49 -6.51
N PRO F 200 -21.35 2.35 -5.51
CA PRO F 200 -20.65 3.62 -5.73
C PRO F 200 -19.14 3.49 -5.82
N GLN F 201 -18.58 2.36 -5.34
CA GLN F 201 -17.14 2.18 -5.46
C GLN F 201 -16.67 2.33 -6.90
N ASP F 202 -17.54 1.99 -7.86
CA ASP F 202 -17.15 2.05 -9.27
C ASP F 202 -16.91 3.48 -9.72
N LEU F 203 -17.30 4.46 -8.93
CA LEU F 203 -17.21 5.86 -9.34
C LEU F 203 -15.78 6.23 -9.69
N ASP F 204 -15.62 7.01 -10.76
CA ASP F 204 -14.31 7.44 -11.20
C ASP F 204 -13.66 8.33 -10.13
N SER F 205 -12.33 8.26 -10.05
CA SER F 205 -11.61 9.05 -9.06
C SER F 205 -11.89 10.54 -9.21
N ALA F 206 -12.19 10.99 -10.42
CA ALA F 206 -12.52 12.39 -10.62
C ALA F 206 -13.79 12.76 -9.84
N ILE F 207 -14.79 11.88 -9.87
CA ILE F 207 -16.00 12.10 -9.08
C ILE F 207 -15.65 12.07 -7.59
N MET F 208 -14.85 11.09 -7.19
CA MET F 208 -14.47 10.97 -5.78
C MET F 208 -13.82 12.24 -5.28
N ARG F 209 -12.97 12.88 -6.10
CA ARG F 209 -12.36 14.13 -5.70
C ARG F 209 -13.38 15.25 -5.64
N ARG F 210 -14.47 15.12 -6.38
CA ARG F 210 -15.55 16.09 -6.34
C ARG F 210 -16.63 15.58 -5.39
N MET F 211 -17.79 16.23 -5.36
CA MET F 211 -18.89 15.83 -4.49
C MET F 211 -18.41 15.82 -3.05
N PRO F 212 -18.15 16.99 -2.47
CA PRO F 212 -17.59 17.02 -1.11
C PRO F 212 -18.51 16.43 -0.06
N THR F 213 -19.76 16.88 0.00
CA THR F 213 -20.71 16.44 1.01
C THR F 213 -21.41 15.18 0.51
N ARG F 214 -21.44 14.16 1.35
CA ARG F 214 -21.95 12.86 0.97
C ARG F 214 -22.84 12.33 2.09
N PHE F 215 -24.05 11.92 1.74
CA PHE F 215 -25.06 11.49 2.70
C PHE F 215 -25.34 10.00 2.47
N HIS F 216 -25.27 9.23 3.55
CA HIS F 216 -25.49 7.79 3.47
C HIS F 216 -26.97 7.49 3.70
N ILE F 217 -27.63 6.93 2.70
CA ILE F 217 -29.00 6.47 2.83
C ILE F 217 -28.96 5.05 3.39
N ASN F 218 -28.92 4.94 4.71
CA ASN F 218 -28.71 3.66 5.36
C ASN F 218 -29.98 2.83 5.36
N GLN F 219 -29.81 1.52 5.54
CA GLN F 219 -30.95 0.64 5.72
C GLN F 219 -31.62 0.93 7.05
N PRO F 220 -32.93 0.71 7.16
CA PRO F 220 -33.65 1.02 8.40
C PRO F 220 -33.28 0.04 9.51
N ALA F 221 -32.90 0.59 10.66
CA ALA F 221 -32.69 -0.24 11.85
C ALA F 221 -34.05 -0.63 12.42
N LEU F 222 -34.01 -1.36 13.55
CA LEU F 222 -35.23 -1.87 14.15
C LEU F 222 -36.25 -0.75 14.37
N LYS F 223 -35.81 0.32 15.05
CA LYS F 223 -36.70 1.45 15.26
C LYS F 223 -37.08 2.11 13.94
N GLN F 224 -36.10 2.26 13.04
CA GLN F 224 -36.40 2.84 11.73
C GLN F 224 -37.35 1.94 10.94
N ARG F 225 -37.19 0.63 11.05
CA ARG F 225 -38.10 -0.28 10.38
C ARG F 225 -39.51 -0.13 10.93
N GLU F 226 -39.64 0.00 12.25
CA GLU F 226 -40.96 0.23 12.83
C GLU F 226 -41.56 1.52 12.31
N ALA F 227 -40.74 2.57 12.19
CA ALA F 227 -41.24 3.82 11.64
C ALA F 227 -41.70 3.64 10.19
N ILE F 228 -40.95 2.87 9.41
CA ILE F 228 -41.34 2.63 8.02
C ILE F 228 -42.69 1.93 7.96
N LEU F 229 -42.85 0.90 8.79
CA LEU F 229 -44.12 0.18 8.81
C LEU F 229 -45.26 1.09 9.23
N LYS F 230 -45.02 1.96 10.22
CA LYS F 230 -46.06 2.90 10.61
C LYS F 230 -46.43 3.83 9.46
N LEU F 231 -45.43 4.31 8.72
CA LEU F 231 -45.72 5.20 7.59
C LEU F 231 -46.55 4.47 6.54
N ILE F 232 -46.18 3.23 6.22
CA ILE F 232 -46.92 2.49 5.19
C ILE F 232 -48.34 2.21 5.65
N LEU F 233 -48.49 1.73 6.88
CA LEU F 233 -49.81 1.31 7.37
C LEU F 233 -50.69 2.50 7.74
N LYS F 234 -50.12 3.71 7.73
CA LYS F 234 -50.80 4.86 8.32
C LYS F 234 -52.21 5.03 7.76
N ASN F 235 -52.39 4.79 6.47
CA ASN F 235 -53.69 4.93 5.82
C ASN F 235 -54.09 3.64 5.12
N GLU F 236 -53.69 2.52 5.69
CA GLU F 236 -54.28 1.21 5.39
C GLU F 236 -55.45 1.00 6.36
N ASN F 237 -56.22 -0.05 6.16
CA ASN F 237 -57.27 -0.43 7.11
C ASN F 237 -56.65 -1.43 8.09
N VAL F 238 -56.49 -1.01 9.34
CA VAL F 238 -55.69 -1.72 10.32
C VAL F 238 -56.49 -1.91 11.59
N ASP F 239 -56.41 -3.10 12.17
CA ASP F 239 -56.94 -3.33 13.51
C ASP F 239 -55.91 -2.81 14.52
N ARG F 240 -56.41 -2.09 15.53
CA ARG F 240 -55.51 -1.40 16.45
C ARG F 240 -54.59 -2.35 17.20
N HIS F 241 -54.99 -3.60 17.39
CA HIS F 241 -54.23 -4.53 18.21
C HIS F 241 -53.10 -5.21 17.45
N VAL F 242 -52.76 -4.70 16.26
CA VAL F 242 -51.54 -5.14 15.60
C VAL F 242 -50.34 -4.74 16.42
N ASP F 243 -49.36 -5.64 16.49
CA ASP F 243 -48.07 -5.36 17.13
C ASP F 243 -46.99 -5.47 16.05
N LEU F 244 -46.17 -4.42 15.95
CA LEU F 244 -45.29 -4.27 14.80
C LEU F 244 -43.85 -4.65 15.13
N LEU F 245 -43.41 -4.43 16.37
CA LEU F 245 -42.02 -4.71 16.70
C LEU F 245 -41.64 -6.13 16.36
N GLU F 246 -42.55 -7.09 16.57
CA GLU F 246 -42.31 -8.44 16.09
C GLU F 246 -42.18 -8.45 14.57
N VAL F 247 -43.06 -7.71 13.89
CA VAL F 247 -42.94 -7.56 12.45
C VAL F 247 -41.62 -6.88 12.11
N ALA F 248 -41.20 -5.92 12.94
CA ALA F 248 -39.92 -5.26 12.71
C ALA F 248 -38.76 -6.26 12.76
N GLN F 249 -38.76 -7.16 13.74
CA GLN F 249 -37.71 -8.15 13.81
C GLN F 249 -37.76 -9.09 12.62
N GLU F 250 -38.95 -9.62 12.31
CA GLU F 250 -39.06 -10.56 11.22
C GLU F 250 -38.71 -9.92 9.88
N THR F 251 -38.86 -8.59 9.79
CA THR F 251 -38.57 -7.88 8.55
C THR F 251 -37.14 -7.40 8.47
N ASP F 252 -36.33 -7.62 9.51
CA ASP F 252 -35.00 -7.03 9.57
C ASP F 252 -34.15 -7.42 8.36
N GLY F 253 -34.44 -8.57 7.75
CA GLY F 253 -33.66 -9.00 6.60
C GLY F 253 -33.98 -8.23 5.33
N PHE F 254 -35.08 -7.49 5.33
CA PHE F 254 -35.57 -6.84 4.12
C PHE F 254 -35.02 -5.42 3.99
N SER F 255 -35.22 -4.85 2.81
CA SER F 255 -34.99 -3.44 2.55
C SER F 255 -36.32 -2.70 2.49
N GLY F 256 -36.24 -1.37 2.37
CA GLY F 256 -37.45 -0.56 2.41
C GLY F 256 -38.43 -0.92 1.31
N SER F 257 -37.93 -1.06 0.08
CA SER F 257 -38.79 -1.48 -1.02
C SER F 257 -39.40 -2.85 -0.72
N ASP F 258 -38.60 -3.74 -0.13
CA ASP F 258 -39.12 -5.05 0.22
C ASP F 258 -40.14 -4.96 1.36
N LEU F 259 -39.96 -4.02 2.29
CA LEU F 259 -40.98 -3.77 3.30
C LEU F 259 -42.29 -3.39 2.65
N LYS F 260 -42.21 -2.47 1.68
CA LYS F 260 -43.39 -2.03 0.95
C LYS F 260 -44.05 -3.23 0.25
N GLU F 261 -43.23 -4.06 -0.40
CA GLU F 261 -43.77 -5.19 -1.13
C GLU F 261 -44.33 -6.27 -0.19
N MET F 262 -43.83 -6.31 1.04
CA MET F 262 -44.37 -7.25 2.01
C MET F 262 -45.75 -6.81 2.48
N CYS F 263 -45.90 -5.53 2.81
CA CYS F 263 -47.24 -5.01 3.07
C CYS F 263 -48.14 -5.28 1.86
N ARG F 264 -47.55 -5.21 0.66
CA ARG F 264 -48.29 -5.61 -0.53
C ARG F 264 -48.80 -7.03 -0.45
N ASP F 265 -47.92 -7.97 -0.19
CA ASP F 265 -48.34 -9.37 -0.24
C ASP F 265 -49.42 -9.61 0.81
N ALA F 266 -49.30 -8.96 1.96
CA ALA F 266 -50.32 -9.12 3.00
C ALA F 266 -51.68 -8.61 2.54
N ALA F 267 -51.72 -7.39 2.00
CA ALA F 267 -53.01 -6.82 1.60
C ALA F 267 -53.64 -7.69 0.50
N LEU F 268 -52.85 -8.09 -0.48
CA LEU F 268 -53.41 -8.88 -1.58
C LEU F 268 -53.85 -10.25 -1.09
N LEU F 269 -53.14 -10.82 -0.11
CA LEU F 269 -53.56 -12.09 0.47
C LEU F 269 -54.94 -11.96 1.12
N CYS F 270 -55.14 -10.88 1.88
CA CYS F 270 -56.45 -10.65 2.47
C CYS F 270 -57.51 -10.50 1.39
N VAL F 271 -57.19 -9.80 0.31
CA VAL F 271 -58.17 -9.62 -0.76
C VAL F 271 -58.52 -10.97 -1.40
N ARG F 272 -57.51 -11.82 -1.60
CA ARG F 272 -57.76 -13.14 -2.18
C ARG F 272 -58.69 -13.96 -1.30
N GLU F 273 -58.42 -14.01 0.01
CA GLU F 273 -59.29 -14.78 0.88
C GLU F 273 -60.70 -14.20 0.89
N TYR F 274 -60.82 -12.87 0.88
CA TYR F 274 -62.15 -12.26 0.80
C TYR F 274 -62.90 -12.71 -0.45
N VAL F 275 -62.27 -12.60 -1.62
CA VAL F 275 -62.99 -12.92 -2.84
C VAL F 275 -63.36 -14.39 -2.86
N ASN F 276 -62.48 -15.26 -2.35
CA ASN F 276 -62.80 -16.68 -2.35
C ASN F 276 -63.94 -16.99 -1.38
N SER F 277 -64.03 -16.28 -0.25
CA SER F 277 -65.13 -16.50 0.67
C SER F 277 -66.43 -15.94 0.13
N THR F 278 -66.36 -14.83 -0.64
CA THR F 278 -67.57 -14.18 -1.12
C THR F 278 -68.29 -15.05 -2.14
N SER F 279 -67.55 -15.73 -3.00
CA SER F 279 -68.17 -16.45 -4.12
C SER F 279 -69.11 -17.56 -3.63
N GLU F 280 -68.84 -18.11 -2.45
CA GLU F 280 -69.64 -19.25 -1.97
C GLU F 280 -70.95 -18.79 -1.35
N GLU F 281 -71.75 -18.07 -2.11
CA GLU F 281 -73.11 -17.68 -1.71
C GLU F 281 -73.14 -16.85 -0.43
N SER F 282 -72.06 -16.12 -0.14
CA SER F 282 -72.06 -15.23 1.00
C SER F 282 -72.86 -13.97 0.70
N HIS F 283 -73.36 -13.33 1.76
CA HIS F 283 -74.16 -12.13 1.58
C HIS F 283 -73.34 -11.00 0.99
N ASP F 284 -74.01 -10.10 0.28
CA ASP F 284 -73.34 -9.01 -0.42
C ASP F 284 -73.15 -7.82 0.52
N GLU F 285 -72.47 -8.03 1.64
CA GLU F 285 -72.19 -6.93 2.57
C GLU F 285 -71.07 -6.02 2.09
N ASP F 286 -70.08 -6.56 1.37
CA ASP F 286 -68.99 -5.76 0.82
C ASP F 286 -68.15 -5.11 1.92
N GLU F 287 -67.62 -5.96 2.80
CA GLU F 287 -66.70 -5.52 3.85
C GLU F 287 -65.63 -6.59 4.03
N ILE F 288 -64.40 -6.13 4.24
CA ILE F 288 -63.23 -6.99 4.21
C ILE F 288 -62.65 -7.11 5.61
N ARG F 289 -62.01 -8.24 5.87
CA ARG F 289 -61.31 -8.48 7.13
C ARG F 289 -60.16 -7.48 7.26
N PRO F 290 -60.08 -6.71 8.35
CA PRO F 290 -59.00 -5.73 8.47
C PRO F 290 -57.65 -6.38 8.67
N VAL F 291 -56.60 -5.59 8.45
CA VAL F 291 -55.25 -6.08 8.62
C VAL F 291 -55.06 -6.54 10.07
N GLN F 292 -54.58 -7.76 10.25
CA GLN F 292 -54.34 -8.33 11.57
C GLN F 292 -52.98 -9.00 11.59
N GLN F 293 -52.49 -9.26 12.81
CA GLN F 293 -51.12 -9.76 12.97
C GLN F 293 -50.86 -10.99 12.11
N GLN F 294 -51.78 -11.95 12.12
CA GLN F 294 -51.57 -13.19 11.38
C GLN F 294 -51.39 -12.91 9.89
N ASP F 295 -52.08 -11.91 9.37
CA ASP F 295 -51.94 -11.56 7.96
C ASP F 295 -50.49 -11.23 7.63
N LEU F 296 -49.91 -10.31 8.40
CA LEU F 296 -48.53 -9.92 8.14
C LEU F 296 -47.56 -11.05 8.45
N HIS F 297 -47.88 -11.87 9.45
CA HIS F 297 -47.04 -13.03 9.73
C HIS F 297 -46.94 -13.93 8.51
N ARG F 298 -48.09 -14.31 7.94
CA ARG F 298 -48.09 -15.19 6.78
C ARG F 298 -47.44 -14.50 5.59
N ALA F 299 -47.71 -13.21 5.40
CA ALA F 299 -47.13 -12.49 4.28
C ALA F 299 -45.61 -12.45 4.39
N ILE F 300 -45.10 -12.24 5.60
CA ILE F 300 -43.66 -12.20 5.79
C ILE F 300 -43.05 -13.56 5.57
N GLU F 301 -43.74 -14.62 6.00
CA GLU F 301 -43.25 -15.96 5.74
C GLU F 301 -43.16 -16.22 4.24
N LYS F 302 -44.18 -15.81 3.48
CA LYS F 302 -44.14 -15.99 2.04
C LYS F 302 -43.07 -15.13 1.39
N MET F 303 -42.84 -13.93 1.93
CA MET F 303 -41.79 -13.06 1.42
C MET F 303 -40.43 -13.70 1.63
N LYS F 304 -40.22 -14.27 2.81
CA LYS F 304 -38.98 -14.98 3.07
C LYS F 304 -38.88 -16.22 2.19
N LYS F 305 -40.02 -16.81 1.83
CA LYS F 305 -40.00 -17.93 0.89
C LYS F 305 -39.53 -17.47 -0.49
N SER F 306 -39.96 -16.28 -0.91
CA SER F 306 -39.47 -15.73 -2.17
C SER F 306 -37.96 -15.49 -2.11
N LYS F 307 -37.51 -14.88 -1.01
CA LYS F 307 -36.07 -14.73 -0.81
C LYS F 307 -35.36 -16.08 -0.83
N ASP F 308 -36.02 -17.11 -0.30
CA ASP F 308 -35.43 -18.45 -0.27
C ASP F 308 -35.33 -19.02 -1.68
N ALA F 309 -36.34 -18.77 -2.51
CA ALA F 309 -36.26 -19.19 -3.90
C ALA F 309 -35.09 -18.52 -4.60
N ALA F 310 -34.91 -17.22 -4.35
CA ALA F 310 -33.75 -16.53 -4.92
C ALA F 310 -32.46 -17.15 -4.42
N PHE F 311 -32.39 -17.48 -3.12
CA PHE F 311 -31.18 -18.06 -2.56
C PHE F 311 -30.89 -19.43 -3.16
N GLN F 312 -31.92 -20.27 -3.31
CA GLN F 312 -31.73 -21.56 -3.96
C GLN F 312 -31.24 -21.39 -5.39
N ASN F 313 -31.75 -20.37 -6.09
CA ASN F 313 -31.17 -20.05 -7.40
C ASN F 313 -29.70 -19.70 -7.27
N VAL F 314 -29.33 -18.97 -6.22
CA VAL F 314 -27.91 -18.69 -5.96
C VAL F 314 -27.17 -19.98 -5.65
N LEU F 315 -27.74 -20.83 -4.79
CA LEU F 315 -27.12 -22.08 -4.40
C LEU F 315 -27.26 -23.12 -5.50
PG AGS G . 4.64 -14.21 -5.84
S1G AGS G . 3.09 -13.92 -6.98
O2G AGS G . 4.25 -13.96 -4.36
O3G AGS G . 5.78 -13.23 -6.24
PB AGS G . 4.27 -16.80 -5.28
O1B AGS G . 4.99 -17.40 -4.14
O2B AGS G . 3.00 -16.05 -4.83
O3B AGS G . 5.13 -15.69 -5.99
PA AGS G . 4.62 -19.26 -6.41
O1A AGS G . 5.91 -19.17 -5.69
O2A AGS G . 3.69 -20.37 -5.93
O3A AGS G . 3.79 -17.92 -6.28
O5' AGS G . 4.93 -19.41 -7.96
C5' AGS G . 3.92 -19.87 -8.86
C4' AGS G . 4.33 -21.22 -9.40
O4' AGS G . 5.62 -21.72 -8.99
C3' AGS G . 3.40 -22.39 -9.73
O3' AGS G . 3.08 -22.42 -11.11
C2' AGS G . 4.23 -23.62 -9.29
O2' AGS G . 4.10 -24.69 -10.22
C1' AGS G . 5.68 -23.11 -9.27
N9 AGS G . 6.50 -23.74 -8.25
C8 AGS G . 7.41 -23.12 -7.43
N7 AGS G . 8.01 -23.92 -6.59
C5 AGS G . 7.44 -25.16 -6.87
C6 AGS G . 7.66 -26.44 -6.31
N6 AGS G . 8.53 -26.69 -5.33
N1 AGS G . 6.94 -27.46 -6.81
C2 AGS G . 6.07 -27.21 -7.80
N3 AGS G . 5.79 -26.06 -8.40
C4 AGS G . 6.52 -25.06 -7.89
PG AGS H . -4.65 14.21 5.83
S1G AGS H . -6.00 14.03 4.43
O2G AGS H . -3.25 13.93 5.23
O3G AGS H . -4.95 13.19 6.97
PB AGS H . -4.04 16.79 5.48
O1B AGS H . -2.78 17.32 6.08
O2B AGS H . -3.79 16.10 4.14
O3B AGS H . -4.68 15.67 6.38
PA AGS H . -5.02 19.27 6.09
O1A AGS H . -4.14 19.09 7.26
O2A AGS H . -4.61 20.41 5.15
O3A AGS H . -5.05 17.96 5.19
O5' AGS H . -6.49 19.45 6.60
C5' AGS H . -7.51 20.01 5.73
C4' AGS H . -7.93 21.36 6.27
O4' AGS H . -7.35 21.78 7.52
C3' AGS H . -8.32 22.57 5.44
O3' AGS H . -9.74 22.67 5.30
C2' AGS H . -7.74 23.74 6.24
O2' AGS H . -8.63 24.86 6.28
C1' AGS H . -7.55 23.17 7.66
N9 AGS H . -6.41 23.72 8.37
C8 AGS H . -5.51 23.02 9.13
N7 AGS H . -4.56 23.77 9.66
C5 AGS H . -4.86 25.05 9.19
C6 AGS H . -4.23 26.30 9.37
N6 AGS H . -3.13 26.47 10.11
N1 AGS H . -4.77 27.37 8.76
C2 AGS H . -5.87 27.19 8.03
N3 AGS H . -6.55 26.08 7.78
C4 AGS H . -5.98 25.03 8.39
PG AGS I . 16.06 -14.21 25.69
S1G AGS I . 14.69 -13.90 24.34
O2G AGS I . 16.31 -12.90 26.48
O3G AGS I . 17.38 -14.66 25.00
PB AGS I . 14.48 -14.89 27.75
O1B AGS I . 15.03 -14.87 29.11
O2B AGS I . 14.03 -13.50 27.28
O3B AGS I . 15.56 -15.31 26.68
PA AGS I . 13.05 -17.04 28.66
O1A AGS I . 14.31 -17.28 29.40
O2A AGS I . 11.85 -16.72 29.55
O3A AGS I . 13.19 -15.81 27.67
O5' AGS I . 12.78 -18.29 27.74
C5' AGS I . 11.47 -18.51 27.19
C4' AGS I . 10.89 -19.76 27.80
O4' AGS I . 11.73 -20.49 28.71
C3' AGS I . 9.42 -20.00 28.16
O3' AGS I . 8.76 -20.72 27.12
C2' AGS I . 9.50 -20.80 29.47
O2' AGS I . 8.53 -21.84 29.50
C1' AGS I . 10.92 -21.37 29.46
N9 AGS I . 11.51 -21.50 30.79
C8 AGS I . 12.79 -21.20 31.16
N7 AGS I . 13.04 -21.40 32.42
C5 AGS I . 11.84 -21.86 32.93
C6 AGS I . 11.45 -22.25 34.23
N6 AGS I . 12.27 -22.24 35.28
N1 AGS I . 10.17 -22.65 34.40
C2 AGS I . 9.35 -22.67 33.35
N3 AGS I . 9.61 -22.32 32.08
C4 AGS I . 10.88 -21.92 31.94
PG AGS J . -11.63 0.31 -31.43
S1G AGS J . -13.27 0.33 -32.49
O2G AGS J . -11.75 -0.77 -30.32
O3G AGS J . -11.43 1.70 -30.77
PB AGS J . -10.28 -1.55 -32.80
O1B AGS J . -9.10 -2.19 -32.17
O2B AGS J . -11.59 -2.20 -32.35
O3B AGS J . -10.43 -0.04 -32.35
PA AGS J . -8.82 -1.80 -35.10
O1A AGS J . -7.71 -1.50 -34.17
O2A AGS J . -8.77 -3.20 -35.72
O3A AGS J . -10.23 -1.70 -34.37
O5' AGS J . -8.85 -0.67 -36.21
C5' AGS J . -9.56 -0.89 -37.43
C4' AGS J . -8.57 -0.95 -38.57
O4' AGS J . -7.20 -0.73 -38.25
C3' AGS J . -8.68 -1.84 -39.81
O3' AGS J . -9.23 -1.12 -40.91
C2' AGS J . -7.22 -2.26 -40.07
O2' AGS J . -6.91 -2.24 -41.45
C1' AGS J . -6.40 -1.20 -39.32
N9 AGS J . -5.15 -1.71 -38.76
C8 AGS J . -4.62 -1.43 -37.53
N7 AGS J . -3.49 -2.05 -37.28
C5 AGS J . -3.26 -2.79 -38.43
C6 AGS J . -2.22 -3.65 -38.81
N6 AGS J . -1.17 -3.94 -38.03
N1 AGS J . -2.29 -4.23 -40.02
C2 AGS J . -3.34 -3.95 -40.81
N3 AGS J . -4.37 -3.15 -40.57
C4 AGS J . -4.28 -2.59 -39.36
PG AGS K . 28.19 12.55 12.96
S1G AGS K . 26.65 12.34 11.78
O2G AGS K . 28.95 11.19 13.05
O3G AGS K . 27.70 12.96 14.37
PB AGS K . 30.03 13.21 11.13
O1B AGS K . 31.46 13.12 11.48
O2B AGS K . 29.45 11.86 10.70
O3B AGS K . 29.15 13.63 12.37
PA AGS K . 30.83 15.38 9.67
O1A AGS K . 31.74 15.55 10.82
O2A AGS K . 31.53 15.08 8.35
O3A AGS K . 29.82 14.19 9.90
O5' AGS K . 29.93 16.68 9.57
C5' AGS K . 29.21 16.97 8.36
C4' AGS K . 29.80 18.22 7.75
O4' AGS K . 30.83 18.89 8.47
C3' AGS K . 29.94 18.51 6.25
O3' AGS K . 28.87 19.29 5.77
C2' AGS K . 31.29 19.26 6.17
O2' AGS K . 31.23 20.34 5.25
C1' AGS K . 31.50 19.78 7.60
N9 AGS K . 32.90 19.83 8.00
C8 AGS K . 33.43 19.47 9.21
N7 AGS K . 34.73 19.61 9.29
C5 AGS K . 35.08 20.10 8.04
C6 AGS K . 36.32 20.46 7.49
N6 AGS K . 37.49 20.38 8.15
N1 AGS K . 36.34 20.91 6.21
C2 AGS K . 35.18 20.99 5.55
N3 AGS K . 33.95 20.68 5.97
C4 AGS K . 33.97 20.24 7.23
PG AGS L . -32.65 1.34 -7.27
S1G AGS L . -33.91 1.43 -8.74
O2G AGS L . -31.53 2.39 -7.49
O3G AGS L . -32.02 -0.08 -7.20
PB AGS L . -33.75 3.19 -5.68
O1B AGS L . -32.95 3.76 -4.57
O2B AGS L . -33.46 3.87 -7.01
O3B AGS L . -33.39 1.68 -5.94
PA AGS L . -35.82 3.47 -3.92
O1A AGS L . -34.77 3.09 -2.95
O2A AGS L . -36.38 4.88 -3.73
O3A AGS L . -35.29 3.39 -5.41
O5' AGS L . -36.97 2.38 -3.84
C5' AGS L . -38.27 2.66 -4.37
C4' AGS L . -39.27 2.73 -3.24
O4' AGS L . -38.78 2.44 -1.92
C3' AGS L . -40.48 3.66 -3.14
O3' AGS L . -41.67 3.01 -3.57
C2' AGS L . -40.51 4.03 -1.66
O2' AGS L . -41.85 4.05 -1.16
C1' AGS L . -39.72 2.91 -0.98
N9 AGS L . -38.98 3.37 0.20
C8 AGS L . -37.70 3.02 0.55
N7 AGS L . -37.28 3.58 1.66
C5 AGS L . -38.35 4.34 2.07
C6 AGS L . -38.55 5.19 3.18
N6 AGS L . -37.63 5.40 4.12
N1 AGS L . -39.75 5.81 3.29
C2 AGS L . -40.66 5.61 2.35
N3 AGS L . -40.60 4.83 1.26
C4 AGS L . -39.41 4.23 1.18
#